data_9KAJ
#
_entry.id   9KAJ
#
_cell.length_a   190.170
_cell.length_b   198.990
_cell.length_c   68.430
_cell.angle_alpha   90.000
_cell.angle_beta   90.000
_cell.angle_gamma   90.000
#
_symmetry.space_group_name_H-M   'P 21 21 2'
#
loop_
_entity.id
_entity.type
_entity.pdbx_description
1 polymer 'Chalcone synthase'
2 non-polymer 'COENZYME A'
3 non-polymer 1,2-ETHANEDIOL
4 water water
#
_entity_poly.entity_id   1
_entity_poly.type   'polypeptide(L)'
_entity_poly.pdbx_seq_one_letter_code
;MNHKVHHHHHHIEGRHMASAGDVTRAALPRAQPRAEGPACVLGIGTAVPPAEFLQSEYPDFFFNITNCGEKEALKAKFKR
ICDKSGIRKRHMFLTEEVLKANPGICTYMEPSLNVRHDIVVVQVPKLAAEAAQKAIKEWGGRKSDITHIVFATTSGVNMP
GADHALAKLLGLKPTVKRVMMYQTG(CSD)FGGASVLRVAKDLAENNKGARVLAVASEVTAVTYRAPSENHLDGLVGSAL
FGDGAGVYVVGSDPKPEVEKPLFEVHWAGETILPESDGAIDGHLTEAGLIFHLMKDVPGLISKNIEKFLNEARKPVGSPA
WNEMFWAVHPGGPAILDQVEAKLKLTKDKMQGSRDILSEFGNMSSASVLFVLDQIRHRSVKMGASTLGEGSEFGFFIGFG
PGLTLEVLVLRAAPNSA
;
_entity_poly.pdbx_strand_id   A,B,C,D,E,F
#
# COMPACT_ATOMS: atom_id res chain seq x y z
N ARG A 30 -35.64 -37.47 14.76
CA ARG A 30 -34.39 -36.73 14.55
C ARG A 30 -34.46 -35.33 15.20
N ALA A 31 -33.71 -35.11 16.28
CA ALA A 31 -33.91 -33.90 17.08
C ALA A 31 -33.49 -32.63 16.36
N GLN A 32 -32.55 -32.71 15.43
CA GLN A 32 -32.29 -31.62 14.49
C GLN A 32 -32.70 -32.09 13.11
N PRO A 33 -33.81 -31.59 12.55
CA PRO A 33 -34.34 -32.18 11.32
C PRO A 33 -33.41 -31.99 10.14
N ARG A 34 -33.35 -33.00 9.26
CA ARG A 34 -32.47 -32.97 8.10
C ARG A 34 -33.16 -32.26 6.92
N ALA A 35 -32.36 -31.91 5.92
CA ALA A 35 -32.89 -31.32 4.69
C ALA A 35 -33.26 -32.43 3.70
N GLU A 36 -33.93 -32.07 2.61
CA GLU A 36 -34.47 -33.10 1.73
C GLU A 36 -33.68 -33.27 0.44
N GLY A 37 -33.40 -32.19 -0.28
CA GLY A 37 -32.82 -32.25 -1.61
C GLY A 37 -31.30 -32.25 -1.59
N PRO A 38 -30.67 -32.31 -2.76
CA PRO A 38 -29.21 -32.17 -2.80
C PRO A 38 -28.74 -30.74 -2.50
N ALA A 39 -27.50 -30.63 -2.06
CA ALA A 39 -26.88 -29.32 -1.81
C ALA A 39 -26.67 -28.57 -3.11
N CYS A 40 -26.96 -27.27 -3.08
CA CYS A 40 -26.90 -26.42 -4.28
C CYS A 40 -26.00 -25.22 -4.07
N VAL A 41 -25.24 -24.88 -5.09
CA VAL A 41 -24.55 -23.60 -5.14
C VAL A 41 -25.57 -22.52 -5.51
N LEU A 42 -25.80 -21.58 -4.59
CA LEU A 42 -26.85 -20.58 -4.70
C LEU A 42 -26.35 -19.18 -5.02
N GLY A 43 -25.02 -18.98 -4.97
CA GLY A 43 -24.38 -17.70 -5.26
C GLY A 43 -22.87 -17.85 -5.17
N ILE A 44 -22.15 -17.06 -5.97
CA ILE A 44 -20.69 -17.16 -6.10
C ILE A 44 -20.09 -15.76 -6.02
N GLY A 45 -18.95 -15.64 -5.31
CA GLY A 45 -18.20 -14.40 -5.25
C GLY A 45 -16.70 -14.60 -5.20
N THR A 46 -15.92 -13.76 -5.86
CA THR A 46 -14.46 -13.84 -5.81
C THR A 46 -13.86 -12.47 -5.51
N ALA A 47 -12.62 -12.49 -5.04
CA ALA A 47 -11.92 -11.24 -4.75
C ALA A 47 -10.42 -11.45 -4.86
N VAL A 48 -9.72 -10.37 -5.23
CA VAL A 48 -8.26 -10.36 -5.35
C VAL A 48 -7.74 -9.00 -4.90
N PRO A 49 -6.51 -8.96 -4.38
CA PRO A 49 -5.88 -7.67 -4.12
C PRO A 49 -5.64 -6.90 -5.40
N PRO A 50 -5.65 -5.57 -5.34
CA PRO A 50 -5.67 -4.78 -6.57
C PRO A 50 -4.39 -4.83 -7.40
N ALA A 51 -3.22 -4.93 -6.79
CA ALA A 51 -1.97 -4.83 -7.55
C ALA A 51 -1.76 -6.03 -8.46
N GLU A 52 -1.39 -5.76 -9.71
CA GLU A 52 -1.18 -6.76 -10.76
C GLU A 52 0.30 -6.90 -11.11
N PHE A 53 0.74 -8.13 -11.37
CA PHE A 53 2.14 -8.37 -11.71
C PHE A 53 2.15 -9.14 -13.03
N LEU A 54 2.58 -8.49 -14.10
CA LEU A 54 2.68 -9.14 -15.40
C LEU A 54 3.82 -10.14 -15.38
N GLN A 55 3.54 -11.36 -15.85
CA GLN A 55 4.52 -12.43 -15.78
C GLN A 55 5.75 -12.16 -16.64
N SER A 56 5.58 -11.54 -17.81
CA SER A 56 6.73 -11.35 -18.70
C SER A 56 7.79 -10.44 -18.12
N GLU A 57 7.47 -9.71 -17.06
CA GLU A 57 8.39 -8.80 -16.40
C GLU A 57 8.67 -9.21 -14.97
N TYR A 58 8.15 -10.35 -14.55
CA TYR A 58 8.25 -10.63 -13.13
C TYR A 58 9.67 -10.97 -12.73
N PRO A 59 10.43 -11.78 -13.53
CA PRO A 59 11.83 -12.04 -13.16
C PRO A 59 12.66 -10.79 -12.87
N ASP A 60 12.48 -9.68 -13.61
CA ASP A 60 13.19 -8.45 -13.28
C ASP A 60 12.79 -7.94 -11.90
N PHE A 61 11.48 -7.85 -11.64
CA PHE A 61 11.02 -7.28 -10.38
C PHE A 61 11.47 -8.16 -9.22
N PHE A 62 11.24 -9.46 -9.35
CA PHE A 62 11.50 -10.39 -8.25
C PHE A 62 12.99 -10.38 -7.89
N PHE A 63 13.87 -10.59 -8.89
CA PHE A 63 15.28 -10.64 -8.58
C PHE A 63 15.81 -9.27 -8.14
N ASN A 64 15.14 -8.18 -8.55
CA ASN A 64 15.51 -6.84 -8.06
C ASN A 64 15.24 -6.71 -6.57
N ILE A 65 13.97 -6.86 -6.20
CA ILE A 65 13.51 -6.55 -4.85
C ILE A 65 14.15 -7.46 -3.78
N THR A 66 14.70 -8.61 -4.17
CA THR A 66 15.37 -9.50 -3.24
C THR A 66 16.89 -9.35 -3.30
N ASN A 67 17.38 -8.37 -4.08
CA ASN A 67 18.81 -8.10 -4.22
C ASN A 67 19.55 -9.34 -4.71
N CYS A 68 18.97 -10.03 -5.69
CA CYS A 68 19.57 -11.24 -6.23
C CYS A 68 19.98 -11.11 -7.68
N GLY A 69 20.08 -9.88 -8.18
CA GLY A 69 20.35 -9.65 -9.59
C GLY A 69 21.67 -10.23 -10.03
N GLU A 70 22.56 -10.54 -9.08
CA GLU A 70 23.86 -11.11 -9.45
C GLU A 70 23.74 -12.59 -9.77
N LYS A 71 22.61 -13.22 -9.45
CA LYS A 71 22.45 -14.65 -9.67
C LYS A 71 21.94 -14.90 -11.09
N GLU A 72 22.80 -14.59 -12.07
CA GLU A 72 22.30 -14.52 -13.45
C GLU A 72 21.83 -15.87 -13.94
N ALA A 73 22.58 -16.92 -13.63
CA ALA A 73 22.19 -18.23 -14.11
C ALA A 73 20.85 -18.62 -13.50
N LEU A 74 20.68 -18.35 -12.21
CA LEU A 74 19.42 -18.67 -11.55
C LEU A 74 18.29 -17.88 -12.18
N LYS A 75 18.53 -16.59 -12.48
CA LYS A 75 17.48 -15.77 -13.06
C LYS A 75 17.06 -16.26 -14.45
N ALA A 76 18.02 -16.77 -15.24
CA ALA A 76 17.65 -17.31 -16.55
C ALA A 76 16.73 -18.53 -16.39
N LYS A 77 17.03 -19.41 -15.44
CA LYS A 77 16.16 -20.53 -15.15
C LYS A 77 14.77 -20.05 -14.71
N PHE A 78 14.73 -19.06 -13.80
CA PHE A 78 13.45 -18.54 -13.35
C PHE A 78 12.65 -17.97 -14.53
N LYS A 79 13.30 -17.28 -15.46
CA LYS A 79 12.60 -16.77 -16.65
C LYS A 79 12.08 -17.92 -17.50
N ARG A 80 12.88 -18.97 -17.71
CA ARG A 80 12.38 -20.13 -18.45
C ARG A 80 11.12 -20.68 -17.80
N ILE A 81 11.08 -20.73 -16.47
CA ILE A 81 9.89 -21.21 -15.80
C ILE A 81 8.71 -20.28 -16.05
N CYS A 82 8.92 -18.98 -15.85
CA CYS A 82 7.84 -18.01 -16.07
C CYS A 82 7.28 -18.13 -17.48
N ASP A 83 8.14 -18.29 -18.48
CA ASP A 83 7.68 -18.34 -19.87
C ASP A 83 6.88 -19.61 -20.19
N LYS A 84 7.11 -20.69 -19.47
CA LYS A 84 6.38 -21.94 -19.72
C LYS A 84 5.19 -22.09 -18.78
N SER A 85 4.92 -21.09 -17.95
CA SER A 85 3.98 -21.24 -16.84
C SER A 85 2.51 -21.18 -17.29
N GLY A 86 2.21 -20.59 -18.44
CA GLY A 86 0.82 -20.40 -18.83
C GLY A 86 0.16 -19.27 -18.10
N ILE A 87 0.93 -18.39 -17.49
CA ILE A 87 0.40 -17.32 -16.65
C ILE A 87 0.71 -16.01 -17.34
N ARG A 88 -0.30 -15.14 -17.45
CA ARG A 88 -0.11 -13.79 -17.97
C ARG A 88 0.07 -12.77 -16.83
N LYS A 89 -0.75 -12.85 -15.78
CA LYS A 89 -0.54 -11.97 -14.63
C LYS A 89 -1.10 -12.63 -13.37
N ARG A 90 -0.67 -12.10 -12.21
CA ARG A 90 -1.11 -12.52 -10.89
C ARG A 90 -1.39 -11.29 -10.03
N HIS A 91 -2.26 -11.45 -9.04
CA HIS A 91 -2.54 -10.39 -8.08
C HIS A 91 -1.85 -10.71 -6.77
N MET A 92 -1.24 -9.70 -6.13
CA MET A 92 -0.48 -9.94 -4.91
C MET A 92 -0.57 -8.76 -3.96
N PHE A 93 -0.67 -9.05 -2.64
CA PHE A 93 -0.60 -7.99 -1.64
C PHE A 93 0.82 -7.44 -1.49
N LEU A 94 1.83 -8.25 -1.78
CA LEU A 94 3.23 -7.86 -1.63
C LEU A 94 3.64 -6.94 -2.78
N THR A 95 3.32 -5.65 -2.63
CA THR A 95 3.76 -4.64 -3.58
C THR A 95 5.18 -4.20 -3.23
N GLU A 96 5.75 -3.34 -4.07
CA GLU A 96 7.08 -2.79 -3.80
C GLU A 96 7.15 -2.12 -2.43
N GLU A 97 6.17 -1.26 -2.11
CA GLU A 97 6.19 -0.54 -0.84
C GLU A 97 6.10 -1.51 0.34
N VAL A 98 5.23 -2.52 0.25
CA VAL A 98 5.08 -3.46 1.36
C VAL A 98 6.35 -4.26 1.57
N LEU A 99 6.95 -4.72 0.47
CA LEU A 99 8.19 -5.49 0.57
C LEU A 99 9.31 -4.64 1.15
N LYS A 100 9.42 -3.38 0.69
CA LYS A 100 10.46 -2.49 1.24
C LYS A 100 10.25 -2.28 2.73
N ALA A 101 9.00 -2.25 3.18
CA ALA A 101 8.68 -2.01 4.59
C ALA A 101 8.84 -3.25 5.46
N ASN A 102 8.98 -4.44 4.87
CA ASN A 102 9.14 -5.68 5.64
C ASN A 102 10.31 -6.42 5.03
N PRO A 103 11.53 -5.90 5.22
CA PRO A 103 12.71 -6.52 4.59
C PRO A 103 12.95 -7.97 4.99
N GLY A 104 12.45 -8.43 6.14
CA GLY A 104 12.66 -9.84 6.50
C GLY A 104 12.10 -10.81 5.49
N ILE A 105 10.96 -10.46 4.89
CA ILE A 105 10.33 -11.31 3.90
C ILE A 105 11.16 -11.43 2.62
N CYS A 106 12.05 -10.48 2.35
CA CYS A 106 12.87 -10.54 1.14
C CYS A 106 14.14 -11.36 1.34
N THR A 107 14.33 -12.00 2.49
CA THR A 107 15.51 -12.83 2.72
C THR A 107 15.20 -14.28 2.36
N TYR A 108 16.27 -15.09 2.36
CA TYR A 108 16.16 -16.52 2.08
C TYR A 108 15.71 -17.29 3.32
N MET A 109 16.42 -17.12 4.43
CA MET A 109 16.08 -17.90 5.61
C MET A 109 16.25 -17.13 6.91
N GLU A 110 16.30 -15.82 6.90
CA GLU A 110 16.28 -15.11 8.16
C GLU A 110 14.89 -15.25 8.79
N PRO A 111 14.80 -15.37 10.12
CA PRO A 111 13.46 -15.52 10.74
C PRO A 111 12.49 -14.39 10.44
N SER A 112 11.30 -14.77 9.93
CA SER A 112 10.36 -13.75 9.48
C SER A 112 8.90 -14.12 9.73
N LEU A 113 8.62 -15.21 10.44
CA LEU A 113 7.25 -15.68 10.55
C LEU A 113 6.35 -14.63 11.22
N ASN A 114 6.91 -13.82 12.11
CA ASN A 114 6.06 -12.90 12.88
C ASN A 114 5.49 -11.78 12.02
N VAL A 115 6.33 -11.12 11.23
CA VAL A 115 5.80 -10.08 10.33
C VAL A 115 4.97 -10.72 9.21
N ARG A 116 5.23 -11.99 8.85
CA ARG A 116 4.40 -12.64 7.84
C ARG A 116 3.01 -12.88 8.37
N HIS A 117 2.91 -13.35 9.62
CA HIS A 117 1.60 -13.58 10.22
C HIS A 117 0.85 -12.27 10.45
N ASP A 118 1.58 -11.18 10.75
CA ASP A 118 0.93 -9.87 10.84
C ASP A 118 0.20 -9.53 9.56
N ILE A 119 0.69 -9.99 8.42
CA ILE A 119 0.02 -9.66 7.18
C ILE A 119 -1.18 -10.56 6.95
N VAL A 120 -0.95 -11.89 6.94
CA VAL A 120 -1.98 -12.82 6.48
C VAL A 120 -3.07 -13.00 7.52
N VAL A 121 -2.81 -12.73 8.81
CA VAL A 121 -3.86 -12.95 9.80
C VAL A 121 -4.98 -11.94 9.58
N VAL A 122 -4.69 -10.76 9.05
CA VAL A 122 -5.74 -9.82 8.72
C VAL A 122 -6.18 -9.94 7.26
N GLN A 123 -5.23 -10.12 6.32
CA GLN A 123 -5.60 -10.05 4.91
C GLN A 123 -6.42 -11.26 4.47
N VAL A 124 -6.10 -12.45 4.99
CA VAL A 124 -6.82 -13.65 4.55
C VAL A 124 -8.31 -13.53 4.87
N PRO A 125 -8.72 -13.17 6.07
CA PRO A 125 -10.17 -12.99 6.29
C PRO A 125 -10.72 -11.74 5.62
N LYS A 126 -9.92 -10.70 5.48
CA LYS A 126 -10.40 -9.49 4.84
C LYS A 126 -10.76 -9.79 3.38
N LEU A 127 -9.90 -10.57 2.70
CA LEU A 127 -10.15 -10.90 1.30
C LEU A 127 -11.37 -11.80 1.18
N ALA A 128 -11.52 -12.75 2.10
CA ALA A 128 -12.71 -13.59 2.13
C ALA A 128 -13.97 -12.75 2.30
N ALA A 129 -13.93 -11.74 3.14
CA ALA A 129 -15.15 -10.98 3.37
C ALA A 129 -15.58 -10.24 2.09
N GLU A 130 -14.63 -9.77 1.29
CA GLU A 130 -14.96 -9.11 0.03
C GLU A 130 -15.65 -10.07 -0.94
N ALA A 131 -15.14 -11.31 -1.07
CA ALA A 131 -15.77 -12.31 -1.94
C ALA A 131 -17.11 -12.77 -1.37
N ALA A 132 -17.24 -12.85 -0.04
CA ALA A 132 -18.48 -13.31 0.55
C ALA A 132 -19.61 -12.31 0.32
N GLN A 133 -19.31 -11.01 0.39
CA GLN A 133 -20.34 -10.02 0.12
C GLN A 133 -20.88 -10.18 -1.30
N LYS A 134 -20.03 -10.46 -2.27
CA LYS A 134 -20.52 -10.64 -3.62
C LYS A 134 -21.39 -11.88 -3.71
N ALA A 135 -20.95 -12.97 -3.09
CA ALA A 135 -21.71 -14.20 -3.12
C ALA A 135 -23.06 -14.03 -2.45
N ILE A 136 -23.10 -13.23 -1.38
CA ILE A 136 -24.37 -13.06 -0.68
C ILE A 136 -25.33 -12.21 -1.50
N LYS A 137 -24.81 -11.16 -2.16
CA LYS A 137 -25.60 -10.33 -3.08
C LYS A 137 -26.21 -11.18 -4.19
N GLU A 138 -25.43 -12.09 -4.80
CA GLU A 138 -25.98 -12.92 -5.86
C GLU A 138 -27.05 -13.88 -5.31
N TRP A 139 -26.79 -14.49 -4.15
CA TRP A 139 -27.74 -15.39 -3.51
C TRP A 139 -29.07 -14.69 -3.27
N GLY A 140 -29.02 -13.48 -2.71
CA GLY A 140 -30.20 -12.72 -2.43
C GLY A 140 -30.74 -12.84 -1.01
N GLY A 141 -30.19 -13.74 -0.19
CA GLY A 141 -30.71 -13.96 1.14
C GLY A 141 -30.18 -12.97 2.14
N ARG A 142 -30.64 -13.10 3.39
CA ARG A 142 -30.15 -12.25 4.47
C ARG A 142 -28.92 -12.88 5.11
N LYS A 143 -27.93 -12.04 5.45
CA LYS A 143 -26.76 -12.57 6.15
C LYS A 143 -27.17 -13.25 7.45
N SER A 144 -28.24 -12.78 8.10
CA SER A 144 -28.63 -13.40 9.34
C SER A 144 -29.14 -14.83 9.17
N ASP A 145 -29.33 -15.31 7.93
CA ASP A 145 -29.75 -16.68 7.64
C ASP A 145 -28.62 -17.62 7.29
N ILE A 146 -27.37 -17.12 7.28
CA ILE A 146 -26.20 -17.99 7.22
C ILE A 146 -26.15 -18.78 8.52
N THR A 147 -25.96 -20.08 8.42
CA THR A 147 -25.89 -20.95 9.58
C THR A 147 -24.51 -21.60 9.81
N HIS A 148 -23.64 -21.61 8.81
CA HIS A 148 -22.44 -22.42 8.82
C HIS A 148 -21.34 -21.67 8.06
N ILE A 149 -20.10 -21.86 8.50
CA ILE A 149 -18.92 -21.44 7.74
C ILE A 149 -17.98 -22.63 7.63
N VAL A 150 -17.55 -22.93 6.41
CA VAL A 150 -16.46 -23.86 6.16
C VAL A 150 -15.36 -23.05 5.47
N PHE A 151 -14.15 -23.12 6.02
CA PHE A 151 -13.08 -22.20 5.63
C PHE A 151 -11.80 -23.01 5.42
N ALA A 152 -11.20 -22.91 4.23
CA ALA A 152 -9.88 -23.49 3.96
C ALA A 152 -8.85 -22.40 3.61
N THR A 153 -7.60 -22.63 4.00
CA THR A 153 -6.51 -21.74 3.59
C THR A 153 -5.20 -22.50 3.76
N THR A 154 -4.14 -21.95 3.18
CA THR A 154 -2.77 -22.42 3.32
C THR A 154 -1.84 -21.32 3.83
N SER A 155 -2.38 -20.19 4.25
CA SER A 155 -1.59 -18.95 4.45
C SER A 155 -1.51 -18.58 5.92
N GLY A 156 -0.83 -19.40 6.73
CA GLY A 156 -0.66 -19.11 8.14
C GLY A 156 -1.84 -19.53 9.00
N VAL A 157 -1.68 -19.38 10.32
CA VAL A 157 -2.69 -19.83 11.29
C VAL A 157 -2.82 -18.82 12.43
N ASN A 158 -3.94 -18.90 13.13
CA ASN A 158 -4.13 -18.01 14.24
C ASN A 158 -5.23 -18.55 15.14
N MET A 159 -5.23 -18.10 16.39
CA MET A 159 -6.31 -18.39 17.33
C MET A 159 -6.84 -17.11 17.96
N PRO A 160 -8.13 -16.79 17.78
CA PRO A 160 -9.13 -17.52 17.01
C PRO A 160 -8.81 -17.49 15.51
N GLY A 161 -9.51 -18.30 14.72
CA GLY A 161 -9.13 -18.52 13.35
C GLY A 161 -9.78 -17.54 12.41
N ALA A 162 -9.38 -17.65 11.14
CA ALA A 162 -9.93 -16.81 10.08
C ALA A 162 -11.46 -16.95 9.99
N ASP A 163 -12.00 -18.11 10.33
CA ASP A 163 -13.45 -18.29 10.34
C ASP A 163 -14.13 -17.29 11.28
N HIS A 164 -13.57 -17.15 12.48
CA HIS A 164 -14.09 -16.22 13.48
C HIS A 164 -13.95 -14.77 13.00
N ALA A 165 -12.79 -14.43 12.43
CA ALA A 165 -12.60 -13.09 11.88
C ALA A 165 -13.65 -12.76 10.81
N LEU A 166 -13.92 -13.70 9.91
CA LEU A 166 -14.88 -13.48 8.85
C LEU A 166 -16.29 -13.29 9.41
N ALA A 167 -16.65 -14.08 10.42
CA ALA A 167 -17.96 -13.88 11.06
C ALA A 167 -18.08 -12.46 11.65
N LYS A 168 -17.00 -11.96 12.28
CA LYS A 168 -17.04 -10.59 12.81
C LYS A 168 -17.19 -9.56 11.70
N LEU A 169 -16.34 -9.65 10.66
CA LEU A 169 -16.32 -8.67 9.58
C LEU A 169 -17.68 -8.56 8.90
N LEU A 170 -18.38 -9.68 8.73
CA LEU A 170 -19.65 -9.70 8.03
C LEU A 170 -20.84 -9.45 8.95
N GLY A 171 -20.65 -9.43 10.27
CA GLY A 171 -21.77 -9.35 11.17
C GLY A 171 -22.75 -10.51 11.13
N LEU A 172 -22.24 -11.73 11.16
CA LEU A 172 -23.09 -12.93 11.20
C LEU A 172 -23.61 -13.19 12.63
N LYS A 173 -24.55 -14.13 12.74
CA LYS A 173 -25.03 -14.53 14.06
C LYS A 173 -23.91 -15.17 14.88
N PRO A 174 -23.84 -14.90 16.19
CA PRO A 174 -22.82 -15.55 17.04
C PRO A 174 -22.99 -17.06 17.14
N THR A 175 -24.13 -17.61 16.75
CA THR A 175 -24.36 -19.05 16.80
C THR A 175 -23.98 -19.73 15.50
N VAL A 176 -23.27 -19.04 14.59
CA VAL A 176 -22.82 -19.70 13.38
C VAL A 176 -21.88 -20.85 13.72
N LYS A 177 -22.06 -21.97 13.03
CA LYS A 177 -21.28 -23.19 13.22
C LYS A 177 -20.13 -23.20 12.24
N ARG A 178 -18.91 -23.45 12.75
CA ARG A 178 -17.68 -23.22 11.99
C ARG A 178 -16.87 -24.50 11.82
N VAL A 179 -16.21 -24.61 10.67
CA VAL A 179 -15.24 -25.66 10.36
C VAL A 179 -14.04 -24.99 9.69
N MET A 180 -12.90 -24.94 10.40
CA MET A 180 -11.71 -24.20 9.98
C MET A 180 -10.62 -25.21 9.61
N MET A 181 -10.37 -25.37 8.31
CA MET A 181 -9.36 -26.31 7.83
C MET A 181 -8.11 -25.52 7.45
N TYR A 182 -7.31 -25.19 8.47
CA TYR A 182 -6.04 -24.52 8.27
C TYR A 182 -5.07 -25.47 7.58
N GLN A 183 -4.22 -24.93 6.70
CA GLN A 183 -3.06 -25.65 6.19
C GLN A 183 -3.43 -26.83 5.28
N THR A 184 -4.39 -26.61 4.37
CA THR A 184 -4.84 -27.66 3.46
C THR A 184 -3.89 -27.87 2.29
N GLY A 185 -3.37 -26.80 1.71
CA GLY A 185 -2.76 -26.92 0.40
C GLY A 185 -3.83 -26.87 -0.72
N PHE A 187 -5.81 -28.69 -2.44
CA PHE A 187 -7.01 -29.46 -2.63
C PHE A 187 -8.18 -28.91 -1.80
N GLY A 188 -7.90 -27.87 -1.03
CA GLY A 188 -8.82 -27.38 -0.01
C GLY A 188 -10.10 -26.73 -0.54
N GLY A 189 -10.05 -26.21 -1.78
CA GLY A 189 -11.29 -25.74 -2.39
C GLY A 189 -12.27 -26.87 -2.58
N ALA A 190 -11.81 -28.01 -3.09
CA ALA A 190 -12.70 -29.15 -3.18
C ALA A 190 -13.15 -29.57 -1.80
N SER A 191 -12.25 -29.48 -0.81
CA SER A 191 -12.59 -29.92 0.53
C SER A 191 -13.76 -29.12 1.08
N VAL A 192 -13.75 -27.79 0.95
CA VAL A 192 -14.79 -27.03 1.63
C VAL A 192 -16.14 -27.35 1.03
N LEU A 193 -16.20 -27.67 -0.26
CA LEU A 193 -17.46 -27.99 -0.90
C LEU A 193 -17.93 -29.37 -0.46
N ARG A 194 -16.98 -30.29 -0.27
CA ARG A 194 -17.34 -31.61 0.23
C ARG A 194 -17.95 -31.51 1.61
N VAL A 195 -17.34 -30.69 2.49
CA VAL A 195 -17.85 -30.57 3.87
C VAL A 195 -19.19 -29.86 3.86
N ALA A 196 -19.29 -28.78 3.07
CA ALA A 196 -20.53 -28.02 2.93
C ALA A 196 -21.70 -28.89 2.49
N LYS A 197 -21.44 -29.88 1.63
CA LYS A 197 -22.46 -30.82 1.16
C LYS A 197 -23.13 -31.55 2.33
N ASP A 198 -22.32 -32.16 3.21
CA ASP A 198 -22.89 -32.90 4.33
C ASP A 198 -23.60 -31.96 5.30
N LEU A 199 -23.05 -30.77 5.50
CA LEU A 199 -23.67 -29.83 6.44
C LEU A 199 -25.01 -29.32 5.92
N ALA A 200 -25.10 -29.04 4.61
CA ALA A 200 -26.35 -28.54 4.04
C ALA A 200 -27.39 -29.66 3.90
N GLU A 201 -26.95 -30.85 3.52
CA GLU A 201 -27.93 -31.90 3.30
C GLU A 201 -28.49 -32.44 4.62
N ASN A 202 -27.78 -32.27 5.74
CA ASN A 202 -28.20 -32.90 6.99
C ASN A 202 -28.92 -31.95 7.93
N ASN A 203 -29.16 -30.70 7.52
CA ASN A 203 -29.71 -29.69 8.41
C ASN A 203 -30.73 -28.86 7.64
N LYS A 204 -32.02 -29.06 7.97
CA LYS A 204 -33.09 -28.35 7.31
C LYS A 204 -32.89 -26.84 7.46
N GLY A 205 -32.92 -26.14 6.35
CA GLY A 205 -32.77 -24.70 6.39
C GLY A 205 -31.34 -24.19 6.46
N ALA A 206 -30.35 -25.09 6.47
CA ALA A 206 -28.96 -24.66 6.60
C ALA A 206 -28.49 -23.92 5.33
N ARG A 207 -27.79 -22.81 5.54
CA ARG A 207 -27.19 -22.03 4.46
C ARG A 207 -25.73 -21.82 4.80
N VAL A 208 -24.81 -22.42 4.01
CA VAL A 208 -23.39 -22.49 4.34
C VAL A 208 -22.56 -21.52 3.50
N LEU A 209 -21.63 -20.81 4.15
CA LEU A 209 -20.58 -20.10 3.43
C LEU A 209 -19.39 -21.04 3.30
N ALA A 210 -19.10 -21.48 2.07
CA ALA A 210 -17.91 -22.25 1.75
C ALA A 210 -16.84 -21.29 1.23
N VAL A 211 -15.69 -21.24 1.89
CA VAL A 211 -14.70 -20.18 1.71
C VAL A 211 -13.35 -20.80 1.46
N ALA A 212 -12.61 -20.26 0.47
CA ALA A 212 -11.19 -20.54 0.33
C ALA A 212 -10.47 -19.23 0.02
N SER A 213 -9.42 -18.91 0.79
CA SER A 213 -8.70 -17.64 0.66
C SER A 213 -7.20 -17.85 0.82
N GLU A 214 -6.41 -17.21 -0.05
CA GLU A 214 -4.96 -17.43 -0.04
C GLU A 214 -4.18 -16.13 -0.23
N VAL A 215 -3.10 -15.96 0.54
CA VAL A 215 -2.23 -14.79 0.38
C VAL A 215 -0.77 -15.24 0.48
N THR A 216 0.05 -14.86 -0.50
CA THR A 216 1.37 -15.49 -0.67
C THR A 216 2.42 -14.97 0.29
N ALA A 217 2.07 -14.08 1.22
CA ALA A 217 3.08 -13.49 2.09
C ALA A 217 3.70 -14.53 3.03
N VAL A 218 3.04 -15.67 3.24
CA VAL A 218 3.62 -16.65 4.14
C VAL A 218 4.64 -17.55 3.45
N THR A 219 4.63 -17.61 2.12
CA THR A 219 5.51 -18.51 1.40
C THR A 219 6.59 -17.80 0.59
N TYR A 220 6.41 -16.52 0.27
CA TYR A 220 7.35 -15.77 -0.53
C TYR A 220 8.75 -15.75 0.08
N ARG A 221 9.76 -15.95 -0.75
CA ARG A 221 11.14 -15.77 -0.29
C ARG A 221 12.10 -15.64 -1.46
N ALA A 222 13.30 -15.16 -1.13
CA ALA A 222 14.34 -14.92 -2.12
C ALA A 222 14.67 -16.19 -2.90
N PRO A 223 14.97 -16.07 -4.19
CA PRO A 223 15.38 -17.26 -4.95
C PRO A 223 16.75 -17.73 -4.49
N SER A 224 16.97 -19.04 -4.64
CA SER A 224 18.23 -19.62 -4.18
C SER A 224 18.56 -20.87 -4.97
N GLU A 225 19.85 -21.03 -5.29
CA GLU A 225 20.32 -22.26 -5.92
C GLU A 225 20.08 -23.49 -5.05
N ASN A 226 19.83 -23.33 -3.75
CA ASN A 226 19.58 -24.47 -2.88
C ASN A 226 18.10 -24.89 -2.84
N HIS A 227 17.18 -24.09 -3.39
CA HIS A 227 15.75 -24.35 -3.26
C HIS A 227 15.11 -24.15 -4.64
N LEU A 228 15.34 -25.11 -5.53
CA LEU A 228 14.81 -25.01 -6.88
C LEU A 228 13.31 -25.21 -6.88
N ASP A 229 12.79 -25.99 -5.93
CA ASP A 229 11.34 -26.08 -5.77
C ASP A 229 10.76 -24.71 -5.56
N GLY A 230 11.47 -23.89 -4.76
CA GLY A 230 11.05 -22.52 -4.53
C GLY A 230 10.84 -21.74 -5.81
N LEU A 231 11.78 -21.86 -6.76
CA LEU A 231 11.67 -21.14 -8.03
C LEU A 231 10.33 -21.38 -8.69
N VAL A 232 9.85 -22.62 -8.67
CA VAL A 232 8.59 -22.93 -9.32
C VAL A 232 7.43 -22.30 -8.56
N GLY A 233 7.44 -22.41 -7.22
CA GLY A 233 6.45 -21.70 -6.43
C GLY A 233 6.45 -20.20 -6.67
N SER A 234 7.65 -19.60 -6.73
CA SER A 234 7.72 -18.16 -6.95
C SER A 234 7.13 -17.76 -8.30
N ALA A 235 7.08 -18.69 -9.26
CA ALA A 235 6.51 -18.41 -10.57
C ALA A 235 5.01 -18.69 -10.65
N LEU A 236 4.46 -19.53 -9.79
CA LEU A 236 3.10 -20.03 -9.94
C LEU A 236 2.07 -19.37 -9.02
N PHE A 237 2.38 -19.15 -7.74
CA PHE A 237 1.38 -18.82 -6.72
C PHE A 237 0.96 -17.34 -6.80
N GLY A 238 -0.35 -17.09 -6.67
CA GLY A 238 -0.86 -15.74 -6.51
C GLY A 238 -1.99 -15.72 -5.48
N ASP A 239 -2.48 -14.52 -5.18
CA ASP A 239 -3.48 -14.32 -4.12
C ASP A 239 -4.89 -14.35 -4.70
N GLY A 240 -5.86 -14.71 -3.86
CA GLY A 240 -7.25 -14.65 -4.26
C GLY A 240 -8.14 -15.36 -3.26
N ALA A 241 -9.44 -15.10 -3.37
CA ALA A 241 -10.41 -15.82 -2.53
C ALA A 241 -11.74 -16.02 -3.26
N GLY A 242 -12.37 -17.17 -3.05
CA GLY A 242 -13.71 -17.42 -3.53
C GLY A 242 -14.61 -17.91 -2.42
N VAL A 243 -15.89 -17.54 -2.48
CA VAL A 243 -16.85 -18.09 -1.56
C VAL A 243 -18.16 -18.41 -2.28
N TYR A 244 -18.71 -19.58 -1.93
CA TYR A 244 -20.00 -20.07 -2.41
C TYR A 244 -21.02 -20.11 -1.28
N VAL A 245 -22.27 -19.76 -1.60
CA VAL A 245 -23.40 -20.04 -0.72
C VAL A 245 -23.92 -21.41 -1.13
N VAL A 246 -23.96 -22.34 -0.16
CA VAL A 246 -24.40 -23.70 -0.41
C VAL A 246 -25.62 -24.00 0.48
N GLY A 247 -26.63 -24.63 -0.10
CA GLY A 247 -27.83 -24.96 0.63
C GLY A 247 -28.71 -25.94 -0.12
N SER A 248 -29.43 -26.80 0.60
CA SER A 248 -30.45 -27.68 0.03
C SER A 248 -31.82 -26.98 0.01
N ASP A 249 -32.74 -27.53 -0.79
CA ASP A 249 -34.14 -27.10 -0.76
C ASP A 249 -34.28 -25.61 -1.08
N PRO A 250 -33.90 -25.15 -2.29
CA PRO A 250 -34.01 -23.71 -2.60
C PRO A 250 -35.46 -23.26 -2.70
N LYS A 251 -35.78 -22.17 -2.01
CA LYS A 251 -37.12 -21.62 -2.04
C LYS A 251 -37.45 -21.13 -3.45
N PRO A 252 -38.44 -21.72 -4.12
CA PRO A 252 -38.65 -21.35 -5.53
C PRO A 252 -39.12 -19.91 -5.62
N GLU A 253 -38.62 -19.23 -6.64
CA GLU A 253 -38.95 -17.84 -6.95
C GLU A 253 -38.22 -16.89 -6.02
N VAL A 254 -37.33 -17.39 -5.17
CA VAL A 254 -36.57 -16.52 -4.29
C VAL A 254 -35.07 -16.85 -4.40
N GLU A 255 -34.75 -18.14 -4.50
CA GLU A 255 -33.38 -18.60 -4.63
C GLU A 255 -33.22 -19.33 -5.96
N LYS A 256 -32.09 -19.11 -6.65
CA LYS A 256 -31.86 -19.74 -7.95
C LYS A 256 -30.61 -20.60 -7.92
N PRO A 257 -30.73 -21.93 -7.95
CA PRO A 257 -29.54 -22.79 -7.93
C PRO A 257 -28.75 -22.74 -9.23
N LEU A 258 -27.44 -22.68 -9.11
CA LEU A 258 -26.50 -22.67 -10.24
C LEU A 258 -25.94 -24.05 -10.56
N PHE A 259 -25.64 -24.85 -9.52
CA PHE A 259 -25.18 -26.23 -9.64
C PHE A 259 -25.73 -27.08 -8.49
N GLU A 260 -25.92 -28.37 -8.77
CA GLU A 260 -26.24 -29.35 -7.74
C GLU A 260 -25.00 -30.18 -7.45
N VAL A 261 -24.80 -30.52 -6.17
CA VAL A 261 -23.71 -31.42 -5.77
C VAL A 261 -24.30 -32.80 -5.57
N HIS A 262 -23.76 -33.79 -6.30
CA HIS A 262 -24.27 -35.16 -6.22
C HIS A 262 -23.29 -36.18 -5.62
N TRP A 263 -21.97 -35.95 -5.68
CA TRP A 263 -21.02 -36.92 -5.17
C TRP A 263 -19.73 -36.23 -4.77
N ALA A 264 -19.12 -36.72 -3.68
CA ALA A 264 -17.83 -36.21 -3.19
C ALA A 264 -17.00 -37.35 -2.58
N GLY A 265 -15.76 -37.47 -3.04
CA GLY A 265 -14.84 -38.48 -2.56
C GLY A 265 -13.43 -38.01 -2.76
N GLU A 266 -12.47 -38.85 -2.35
CA GLU A 266 -11.06 -38.50 -2.48
C GLU A 266 -10.22 -39.78 -2.37
N THR A 267 -8.95 -39.68 -2.78
CA THR A 267 -8.04 -40.80 -2.65
C THR A 267 -6.61 -40.29 -2.53
N ILE A 268 -5.78 -41.09 -1.88
CA ILE A 268 -4.34 -40.87 -1.83
C ILE A 268 -3.68 -41.66 -2.95
N LEU A 269 -2.84 -41.03 -3.74
CA LEU A 269 -2.30 -41.78 -4.87
C LEU A 269 -1.16 -42.69 -4.40
N PRO A 270 -0.99 -43.86 -5.01
CA PRO A 270 0.07 -44.77 -4.56
C PRO A 270 1.46 -44.19 -4.75
N GLU A 271 2.35 -44.52 -3.81
CA GLU A 271 3.79 -44.22 -3.86
C GLU A 271 4.04 -42.75 -4.17
N SER A 272 3.29 -41.88 -3.52
CA SER A 272 3.42 -40.46 -3.78
C SER A 272 3.77 -39.69 -2.52
N ASP A 273 4.21 -40.37 -1.47
CA ASP A 273 4.70 -39.67 -0.29
C ASP A 273 5.85 -38.77 -0.70
N GLY A 274 5.74 -37.50 -0.31
CA GLY A 274 6.79 -36.53 -0.53
C GLY A 274 6.69 -35.76 -1.82
N ALA A 275 5.76 -36.12 -2.70
CA ALA A 275 5.60 -35.38 -3.95
C ALA A 275 5.36 -33.90 -3.68
N ILE A 276 4.55 -33.60 -2.66
CA ILE A 276 4.26 -32.23 -2.22
C ILE A 276 4.33 -32.19 -0.69
N ASP A 277 5.24 -31.38 -0.17
CA ASP A 277 5.54 -31.25 1.25
C ASP A 277 5.47 -29.79 1.68
N GLY A 278 5.02 -29.54 2.89
CA GLY A 278 5.07 -28.18 3.38
C GLY A 278 5.22 -28.14 4.87
N HIS A 279 6.11 -27.31 5.38
N HIS A 279 6.26 -27.42 5.34
CA HIS A 279 6.38 -27.29 6.80
CA HIS A 279 6.53 -27.24 6.76
C HIS A 279 6.60 -25.83 7.19
C HIS A 279 6.50 -25.75 7.09
N LEU A 280 5.80 -25.38 8.16
CA LEU A 280 5.82 -24.00 8.65
C LEU A 280 6.96 -23.83 9.65
N THR A 281 7.87 -22.90 9.37
CA THR A 281 9.12 -22.72 10.09
C THR A 281 9.28 -21.28 10.53
N GLU A 282 10.42 -21.07 11.19
CA GLU A 282 10.81 -19.75 11.68
C GLU A 282 10.87 -18.71 10.56
N ALA A 283 11.09 -19.14 9.31
CA ALA A 283 11.22 -18.27 8.15
C ALA A 283 9.99 -18.31 7.25
N GLY A 284 8.86 -18.76 7.77
CA GLY A 284 7.67 -18.89 6.97
C GLY A 284 7.54 -20.31 6.46
N LEU A 285 6.67 -20.44 5.45
CA LEU A 285 6.28 -21.74 4.89
C LEU A 285 7.26 -22.20 3.82
N ILE A 286 7.72 -23.42 3.94
CA ILE A 286 8.67 -23.98 2.99
C ILE A 286 8.06 -25.22 2.35
N PHE A 287 7.92 -25.17 1.02
N PHE A 287 7.92 -25.19 1.03
CA PHE A 287 7.32 -26.17 0.15
CA PHE A 287 7.33 -26.31 0.33
C PHE A 287 8.40 -27.08 -0.44
C PHE A 287 8.38 -27.08 -0.45
N HIS A 288 8.03 -28.31 -0.77
CA HIS A 288 8.81 -29.17 -1.65
C HIS A 288 7.89 -29.68 -2.76
N LEU A 289 8.32 -29.49 -4.01
CA LEU A 289 7.57 -29.86 -5.20
C LEU A 289 8.45 -30.78 -6.04
N MET A 290 7.96 -31.97 -6.35
CA MET A 290 8.75 -32.92 -7.11
C MET A 290 8.38 -32.92 -8.60
N LYS A 291 9.39 -33.22 -9.42
CA LYS A 291 9.27 -33.23 -10.87
C LYS A 291 8.21 -34.21 -11.38
N ASP A 292 7.79 -35.19 -10.57
CA ASP A 292 6.88 -36.28 -10.94
C ASP A 292 5.40 -35.92 -10.83
N VAL A 293 5.06 -34.74 -10.31
CA VAL A 293 3.67 -34.47 -9.94
C VAL A 293 2.72 -34.59 -11.13
N PRO A 294 2.97 -33.96 -12.29
CA PRO A 294 2.05 -34.18 -13.43
C PRO A 294 1.88 -35.64 -13.80
N GLY A 295 3.00 -36.40 -13.84
CA GLY A 295 2.92 -37.83 -14.14
C GLY A 295 2.14 -38.63 -13.12
N LEU A 296 2.32 -38.33 -11.84
CA LEU A 296 1.60 -39.07 -10.81
C LEU A 296 0.11 -38.87 -10.94
N ILE A 297 -0.30 -37.66 -11.29
CA ILE A 297 -1.71 -37.37 -11.44
C ILE A 297 -2.24 -37.95 -12.74
N SER A 298 -1.59 -37.64 -13.85
CA SER A 298 -2.09 -38.12 -15.13
C SER A 298 -2.13 -39.64 -15.19
N LYS A 299 -1.09 -40.33 -14.68
CA LYS A 299 -1.09 -41.80 -14.76
C LYS A 299 -2.18 -42.45 -13.90
N ASN A 300 -2.81 -41.73 -12.97
CA ASN A 300 -3.77 -42.35 -12.04
C ASN A 300 -5.19 -41.80 -12.15
N ILE A 301 -5.40 -40.68 -12.84
CA ILE A 301 -6.65 -39.96 -12.67
C ILE A 301 -7.82 -40.71 -13.31
N GLU A 302 -7.59 -41.37 -14.45
CA GLU A 302 -8.71 -42.01 -15.14
C GLU A 302 -9.32 -43.10 -14.30
N LYS A 303 -8.46 -43.90 -13.63
CA LYS A 303 -8.91 -45.03 -12.85
C LYS A 303 -9.89 -44.57 -11.78
N PHE A 304 -9.58 -43.45 -11.14
CA PHE A 304 -10.43 -42.98 -10.04
C PHE A 304 -11.69 -42.31 -10.55
N LEU A 305 -11.53 -41.45 -11.56
CA LEU A 305 -12.67 -40.79 -12.14
C LEU A 305 -13.68 -41.78 -12.70
N ASN A 306 -13.20 -42.94 -13.15
CA ASN A 306 -14.13 -43.97 -13.64
C ASN A 306 -15.10 -44.38 -12.54
N GLU A 307 -14.63 -44.42 -11.28
CA GLU A 307 -15.49 -44.75 -10.15
C GLU A 307 -16.40 -43.59 -9.77
N ALA A 308 -15.85 -42.38 -9.70
CA ALA A 308 -16.68 -41.23 -9.33
C ALA A 308 -17.86 -41.05 -10.28
N ARG A 309 -17.69 -41.43 -11.56
CA ARG A 309 -18.71 -41.30 -12.61
C ARG A 309 -19.97 -42.09 -12.32
N LYS A 310 -19.81 -43.25 -11.70
CA LYS A 310 -20.85 -44.27 -11.70
C LYS A 310 -22.15 -43.83 -11.04
N PRO A 311 -22.16 -43.24 -9.84
CA PRO A 311 -23.44 -42.85 -9.23
C PRO A 311 -24.31 -41.87 -10.05
N VAL A 312 -23.83 -41.32 -11.17
CA VAL A 312 -24.69 -40.50 -12.01
C VAL A 312 -24.80 -41.10 -13.41
N GLY A 313 -24.50 -42.40 -13.52
CA GLY A 313 -24.68 -43.12 -14.76
C GLY A 313 -23.48 -43.13 -15.67
N SER A 314 -22.29 -42.76 -15.17
CA SER A 314 -21.04 -42.85 -15.90
C SER A 314 -21.12 -42.14 -17.24
N PRO A 315 -21.41 -40.85 -17.27
CA PRO A 315 -21.35 -40.12 -18.54
C PRO A 315 -19.97 -40.14 -19.19
N ALA A 316 -19.93 -39.97 -20.51
CA ALA A 316 -18.65 -39.96 -21.19
C ALA A 316 -17.87 -38.69 -20.85
N TRP A 317 -16.52 -38.80 -20.85
CA TRP A 317 -15.65 -37.67 -20.53
C TRP A 317 -16.04 -36.42 -21.31
N ASN A 318 -16.32 -36.56 -22.62
CA ASN A 318 -16.60 -35.40 -23.46
C ASN A 318 -18.06 -34.96 -23.42
N GLU A 319 -18.87 -35.58 -22.56
CA GLU A 319 -20.20 -35.09 -22.26
C GLU A 319 -20.24 -34.36 -20.92
N MET A 320 -19.08 -34.11 -20.32
CA MET A 320 -19.02 -33.52 -18.98
C MET A 320 -18.28 -32.20 -19.05
N PHE A 321 -18.51 -31.35 -18.06
CA PHE A 321 -17.62 -30.20 -17.91
C PHE A 321 -16.55 -30.48 -16.87
N TRP A 322 -15.51 -29.66 -16.92
CA TRP A 322 -14.24 -29.94 -16.24
C TRP A 322 -13.73 -28.73 -15.48
N ALA A 323 -14.18 -28.55 -14.24
CA ALA A 323 -13.64 -27.53 -13.32
C ALA A 323 -12.44 -28.12 -12.60
N VAL A 324 -11.24 -27.99 -13.19
CA VAL A 324 -10.03 -28.62 -12.68
C VAL A 324 -9.06 -27.58 -12.09
N HIS A 325 -8.55 -27.84 -10.88
CA HIS A 325 -7.58 -26.95 -10.23
C HIS A 325 -6.35 -26.74 -11.13
N PRO A 326 -6.06 -25.51 -11.52
CA PRO A 326 -4.94 -25.25 -12.45
C PRO A 326 -3.60 -25.19 -11.73
N GLY A 327 -3.20 -26.35 -11.20
CA GLY A 327 -1.93 -26.42 -10.47
C GLY A 327 -0.75 -26.05 -11.34
N GLY A 328 -0.82 -26.41 -12.62
CA GLY A 328 0.16 -26.02 -13.61
C GLY A 328 -0.28 -26.41 -15.01
N PRO A 329 0.38 -25.86 -16.01
CA PRO A 329 0.01 -26.22 -17.39
C PRO A 329 0.33 -27.67 -17.71
N ALA A 330 1.40 -28.22 -17.13
CA ALA A 330 1.75 -29.61 -17.44
C ALA A 330 0.65 -30.56 -16.97
N ILE A 331 0.00 -30.23 -15.85
CA ILE A 331 -1.04 -31.10 -15.33
C ILE A 331 -2.26 -31.05 -16.23
N LEU A 332 -2.67 -29.85 -16.64
CA LEU A 332 -3.83 -29.72 -17.51
C LEU A 332 -3.60 -30.42 -18.85
N ASP A 333 -2.39 -30.26 -19.39
CA ASP A 333 -2.07 -30.80 -20.70
C ASP A 333 -2.14 -32.32 -20.69
N GLN A 334 -1.52 -32.95 -19.66
CA GLN A 334 -1.44 -34.40 -19.65
C GLN A 334 -2.79 -35.02 -19.32
N VAL A 335 -3.60 -34.34 -18.50
CA VAL A 335 -4.94 -34.85 -18.24
C VAL A 335 -5.78 -34.78 -19.51
N GLU A 336 -5.69 -33.67 -20.25
CA GLU A 336 -6.41 -33.53 -21.51
C GLU A 336 -6.00 -34.64 -22.49
N ALA A 337 -4.69 -34.92 -22.59
CA ALA A 337 -4.23 -35.94 -23.52
C ALA A 337 -4.69 -37.33 -23.10
N LYS A 338 -4.44 -37.69 -21.84
CA LYS A 338 -4.74 -39.04 -21.34
C LYS A 338 -6.22 -39.36 -21.52
N LEU A 339 -7.08 -38.38 -21.32
CA LEU A 339 -8.52 -38.57 -21.38
C LEU A 339 -9.10 -38.22 -22.76
N LYS A 340 -8.27 -37.73 -23.68
CA LYS A 340 -8.69 -37.44 -25.05
C LYS A 340 -9.89 -36.48 -25.01
N LEU A 341 -9.74 -35.41 -24.24
CA LEU A 341 -10.77 -34.39 -24.13
C LEU A 341 -10.68 -33.43 -25.32
N THR A 342 -11.82 -32.87 -25.70
CA THR A 342 -11.83 -31.81 -26.69
C THR A 342 -11.29 -30.51 -26.07
N LYS A 343 -10.67 -29.68 -26.93
CA LYS A 343 -9.86 -28.54 -26.48
C LYS A 343 -10.63 -27.53 -25.65
N ASP A 344 -11.96 -27.49 -25.76
CA ASP A 344 -12.74 -26.54 -24.96
C ASP A 344 -12.92 -26.98 -23.48
N LYS A 345 -12.72 -28.26 -23.15
CA LYS A 345 -12.98 -28.73 -21.79
C LYS A 345 -12.11 -28.05 -20.75
N MET A 346 -10.82 -27.85 -21.04
CA MET A 346 -9.91 -27.26 -20.06
C MET A 346 -9.84 -25.73 -20.16
N GLN A 347 -10.68 -25.10 -20.99
CA GLN A 347 -10.48 -23.67 -21.23
C GLN A 347 -10.71 -22.86 -19.96
N GLY A 348 -11.75 -23.21 -19.20
CA GLY A 348 -12.03 -22.49 -17.97
C GLY A 348 -10.84 -22.48 -17.02
N SER A 349 -10.20 -23.64 -16.86
CA SER A 349 -9.02 -23.74 -16.01
C SER A 349 -7.89 -22.90 -16.59
N ARG A 350 -7.74 -22.93 -17.92
CA ARG A 350 -6.63 -22.18 -18.48
C ARG A 350 -6.86 -20.67 -18.37
N ASP A 351 -8.13 -20.21 -18.48
CA ASP A 351 -8.43 -18.79 -18.26
C ASP A 351 -7.99 -18.37 -16.88
N ILE A 352 -8.31 -19.17 -15.86
CA ILE A 352 -7.95 -18.77 -14.52
C ILE A 352 -6.44 -18.80 -14.36
N LEU A 353 -5.79 -19.85 -14.90
CA LEU A 353 -4.34 -19.89 -14.86
C LEU A 353 -3.75 -18.65 -15.50
N SER A 354 -4.27 -18.30 -16.67
CA SER A 354 -3.78 -17.14 -17.44
C SER A 354 -3.84 -15.84 -16.64
N GLU A 355 -4.99 -15.55 -16.00
CA GLU A 355 -5.27 -14.24 -15.42
C GLU A 355 -4.96 -14.11 -13.92
N PHE A 356 -4.81 -15.22 -13.20
CA PHE A 356 -4.62 -15.19 -11.76
C PHE A 356 -3.55 -16.14 -11.28
N GLY A 357 -3.07 -17.05 -12.11
CA GLY A 357 -2.12 -18.03 -11.63
C GLY A 357 -2.75 -19.05 -10.71
N ASN A 358 -1.88 -19.71 -9.94
CA ASN A 358 -2.29 -20.74 -9.00
C ASN A 358 -2.55 -20.08 -7.65
N MET A 359 -3.82 -19.91 -7.31
CA MET A 359 -4.21 -19.32 -6.02
C MET A 359 -4.52 -20.40 -4.98
N SER A 360 -3.80 -21.52 -5.06
CA SER A 360 -3.91 -22.65 -4.13
C SER A 360 -5.37 -23.07 -4.00
N SER A 361 -5.89 -23.24 -2.78
CA SER A 361 -7.24 -23.80 -2.60
C SER A 361 -8.32 -22.95 -3.24
N ALA A 362 -8.09 -21.65 -3.45
CA ALA A 362 -9.15 -20.83 -4.02
C ALA A 362 -9.34 -21.05 -5.51
N SER A 363 -8.30 -21.54 -6.21
CA SER A 363 -8.31 -21.50 -7.68
C SER A 363 -9.52 -22.21 -8.27
N VAL A 364 -9.84 -23.40 -7.78
CA VAL A 364 -10.91 -24.17 -8.41
C VAL A 364 -12.26 -23.46 -8.22
N LEU A 365 -12.42 -22.66 -7.16
CA LEU A 365 -13.67 -21.92 -7.02
C LEU A 365 -13.83 -20.90 -8.15
N PHE A 366 -12.72 -20.27 -8.57
CA PHE A 366 -12.73 -19.38 -9.72
C PHE A 366 -13.07 -20.14 -11.00
N VAL A 367 -12.57 -21.36 -11.14
CA VAL A 367 -12.74 -22.11 -12.39
C VAL A 367 -14.22 -22.38 -12.64
N LEU A 368 -14.93 -22.87 -11.62
CA LEU A 368 -16.34 -23.14 -11.80
C LEU A 368 -17.08 -21.84 -12.17
N ASP A 369 -16.76 -20.73 -11.49
CA ASP A 369 -17.40 -19.47 -11.82
C ASP A 369 -17.14 -19.10 -13.28
N GLN A 370 -15.92 -19.37 -13.77
CA GLN A 370 -15.57 -19.03 -15.13
C GLN A 370 -16.34 -19.90 -16.13
N ILE A 371 -16.61 -21.15 -15.78
CA ILE A 371 -17.37 -22.02 -16.66
C ILE A 371 -18.81 -21.53 -16.77
N ARG A 372 -19.39 -21.05 -15.66
CA ARG A 372 -20.71 -20.42 -15.72
C ARG A 372 -20.70 -19.19 -16.63
N HIS A 373 -19.71 -18.31 -16.45
CA HIS A 373 -19.66 -17.11 -17.29
C HIS A 373 -19.50 -17.48 -18.76
N ARG A 374 -18.61 -18.43 -19.06
CA ARG A 374 -18.49 -18.87 -20.45
C ARG A 374 -19.83 -19.41 -20.98
N SER A 375 -20.56 -20.17 -20.16
CA SER A 375 -21.85 -20.67 -20.60
C SER A 375 -22.79 -19.53 -20.99
N VAL A 376 -22.91 -18.52 -20.13
CA VAL A 376 -23.80 -17.41 -20.41
C VAL A 376 -23.36 -16.68 -21.67
N LYS A 377 -22.06 -16.45 -21.80
CA LYS A 377 -21.55 -15.65 -22.90
C LYS A 377 -21.79 -16.31 -24.25
N MET A 378 -21.75 -17.64 -24.30
CA MET A 378 -21.88 -18.38 -25.54
C MET A 378 -23.30 -18.87 -25.77
N GLY A 379 -24.20 -18.58 -24.84
CA GLY A 379 -25.58 -18.99 -25.01
C GLY A 379 -25.74 -20.50 -25.00
N ALA A 380 -25.01 -21.17 -24.13
CA ALA A 380 -25.17 -22.61 -23.99
C ALA A 380 -26.49 -22.94 -23.26
N SER A 381 -26.88 -24.20 -23.34
CA SER A 381 -28.15 -24.61 -22.74
C SER A 381 -28.04 -24.92 -21.23
N THR A 382 -26.83 -25.13 -20.70
CA THR A 382 -26.62 -25.30 -19.27
C THR A 382 -25.49 -24.39 -18.83
N LEU A 383 -25.35 -24.21 -17.51
CA LEU A 383 -24.24 -23.48 -16.96
C LEU A 383 -22.95 -24.28 -16.90
N GLY A 384 -22.93 -25.50 -17.44
CA GLY A 384 -21.71 -26.25 -17.64
C GLY A 384 -21.34 -26.39 -19.11
N GLU A 385 -21.46 -25.28 -19.84
CA GLU A 385 -21.13 -25.20 -21.26
C GLU A 385 -21.91 -26.22 -22.08
N GLY A 386 -23.16 -26.46 -21.70
CA GLY A 386 -23.99 -27.40 -22.42
C GLY A 386 -24.02 -28.80 -21.82
N SER A 387 -22.99 -29.18 -21.08
CA SER A 387 -22.97 -30.49 -20.44
C SER A 387 -23.89 -30.50 -19.23
N GLU A 388 -24.35 -31.70 -18.88
CA GLU A 388 -25.22 -31.83 -17.71
C GLU A 388 -24.42 -32.04 -16.42
N PHE A 389 -23.53 -33.01 -16.40
CA PHE A 389 -22.70 -33.30 -15.24
C PHE A 389 -21.27 -32.86 -15.47
N GLY A 390 -20.54 -32.67 -14.36
CA GLY A 390 -19.17 -32.20 -14.45
C GLY A 390 -18.39 -32.53 -13.21
N PHE A 391 -17.06 -32.42 -13.34
CA PHE A 391 -16.14 -32.68 -12.24
C PHE A 391 -15.64 -31.36 -11.67
N PHE A 392 -15.48 -31.33 -10.35
CA PHE A 392 -14.87 -30.24 -9.58
C PHE A 392 -13.67 -30.87 -8.88
N ILE A 393 -12.45 -30.55 -9.32
CA ILE A 393 -11.31 -31.40 -8.96
C ILE A 393 -10.20 -30.58 -8.29
N GLY A 394 -9.69 -31.09 -7.15
CA GLY A 394 -8.53 -30.50 -6.52
C GLY A 394 -7.47 -31.55 -6.22
N PHE A 395 -6.24 -31.08 -6.08
CA PHE A 395 -5.18 -31.99 -5.64
C PHE A 395 -4.12 -31.23 -4.87
N GLY A 396 -3.32 -31.96 -4.12
CA GLY A 396 -2.35 -31.36 -3.24
C GLY A 396 -1.62 -32.39 -2.41
N PRO A 397 -1.03 -31.94 -1.29
CA PRO A 397 -0.17 -32.84 -0.49
C PRO A 397 -0.85 -34.17 -0.19
N GLY A 398 -0.08 -35.24 -0.33
CA GLY A 398 -0.59 -36.56 -0.06
C GLY A 398 0.14 -37.71 -0.73
N LEU A 399 0.11 -37.78 -2.07
CA LEU A 399 -0.60 -36.82 -2.92
C LEU A 399 -2.11 -37.14 -2.94
N THR A 400 -2.92 -36.17 -2.57
CA THR A 400 -4.36 -36.36 -2.43
C THR A 400 -5.10 -35.89 -3.66
N LEU A 401 -6.01 -36.71 -4.16
CA LEU A 401 -6.90 -36.35 -5.24
C LEU A 401 -8.31 -36.19 -4.68
N GLU A 402 -8.92 -35.00 -4.88
CA GLU A 402 -10.25 -34.66 -4.37
C GLU A 402 -11.19 -34.43 -5.56
N VAL A 403 -12.38 -35.06 -5.53
CA VAL A 403 -13.29 -34.99 -6.67
C VAL A 403 -14.72 -34.84 -6.20
N LEU A 404 -15.44 -33.85 -6.76
CA LEU A 404 -16.88 -33.79 -6.64
C LEU A 404 -17.51 -33.89 -8.03
N VAL A 405 -18.74 -34.42 -8.06
CA VAL A 405 -19.54 -34.49 -9.29
C VAL A 405 -20.73 -33.56 -9.10
N LEU A 406 -20.88 -32.60 -10.02
CA LEU A 406 -21.91 -31.56 -10.01
C LEU A 406 -22.84 -31.72 -11.19
N ARG A 407 -24.06 -31.22 -11.05
CA ARG A 407 -24.98 -31.05 -12.17
C ARG A 407 -25.20 -29.57 -12.42
N ALA A 408 -25.11 -29.14 -13.68
CA ALA A 408 -25.28 -27.73 -14.02
C ALA A 408 -26.74 -27.38 -14.23
N ALA A 409 -27.13 -26.19 -13.80
CA ALA A 409 -28.49 -25.72 -14.04
C ALA A 409 -28.75 -25.41 -15.52
N PRO A 410 -30.00 -25.37 -15.92
CA PRO A 410 -30.30 -24.88 -17.25
C PRO A 410 -29.98 -23.39 -17.34
N ASN A 411 -29.66 -22.95 -18.56
CA ASN A 411 -29.36 -21.54 -18.79
C ASN A 411 -30.61 -20.81 -19.28
N SER A 412 -31.30 -20.15 -18.36
CA SER A 412 -32.46 -19.34 -18.71
C SER A 412 -32.04 -17.85 -18.82
N ARG B 30 -22.75 16.83 64.69
CA ARG B 30 -22.43 16.92 63.26
C ARG B 30 -23.73 16.73 62.47
N ALA B 31 -24.18 17.79 61.79
CA ALA B 31 -25.49 17.78 61.17
C ALA B 31 -25.57 16.83 59.98
N GLN B 32 -24.46 16.59 59.29
CA GLN B 32 -24.41 15.48 58.34
C GLN B 32 -23.45 14.43 58.88
N PRO B 33 -23.94 13.30 59.38
CA PRO B 33 -23.05 12.34 60.07
C PRO B 33 -22.00 11.75 59.15
N ARG B 34 -20.82 11.54 59.72
CA ARG B 34 -19.63 11.06 59.03
C ARG B 34 -19.58 9.54 59.01
N ALA B 35 -18.76 9.01 58.10
CA ALA B 35 -18.53 7.58 58.02
C ALA B 35 -17.39 7.19 58.97
N GLU B 36 -17.20 5.89 59.17
CA GLU B 36 -16.25 5.47 60.20
C GLU B 36 -14.96 4.87 59.63
N GLY B 37 -15.05 3.90 58.71
CA GLY B 37 -13.88 3.20 58.23
C GLY B 37 -13.24 3.92 57.05
N PRO B 38 -12.16 3.35 56.50
CA PRO B 38 -11.54 3.93 55.28
C PRO B 38 -12.34 3.67 54.02
N ALA B 39 -12.12 4.53 53.02
CA ALA B 39 -12.81 4.39 51.73
C ALA B 39 -12.38 3.13 50.99
N CYS B 40 -13.34 2.41 50.43
CA CYS B 40 -13.01 1.16 49.74
C CYS B 40 -13.54 1.19 48.32
N VAL B 41 -12.74 0.64 47.40
CA VAL B 41 -13.21 0.36 46.05
C VAL B 41 -14.11 -0.88 46.12
N LEU B 42 -15.39 -0.70 45.77
CA LEU B 42 -16.39 -1.75 45.92
C LEU B 42 -16.77 -2.45 44.61
N GLY B 43 -16.35 -1.92 43.46
CA GLY B 43 -16.66 -2.50 42.16
C GLY B 43 -15.99 -1.71 41.05
N ILE B 44 -15.63 -2.37 39.94
CA ILE B 44 -14.84 -1.74 38.88
C ILE B 44 -15.49 -2.05 37.55
N GLY B 45 -15.48 -1.07 36.65
CA GLY B 45 -15.95 -1.24 35.29
C GLY B 45 -15.12 -0.44 34.30
N THR B 46 -14.90 -0.99 33.11
CA THR B 46 -14.20 -0.28 32.04
C THR B 46 -14.98 -0.39 30.73
N ALA B 47 -14.73 0.55 29.82
CA ALA B 47 -15.40 0.58 28.53
C ALA B 47 -14.51 1.24 27.49
N VAL B 48 -14.65 0.80 26.24
CA VAL B 48 -13.92 1.36 25.11
C VAL B 48 -14.81 1.34 23.89
N PRO B 49 -14.64 2.30 22.98
CA PRO B 49 -15.35 2.23 21.70
C PRO B 49 -14.95 0.99 20.93
N PRO B 50 -15.86 0.47 20.11
CA PRO B 50 -15.62 -0.87 19.51
C PRO B 50 -14.50 -0.92 18.50
N ALA B 51 -14.31 0.10 17.66
CA ALA B 51 -13.33 0.01 16.59
C ALA B 51 -11.90 -0.06 17.12
N GLU B 52 -11.11 -1.02 16.59
CA GLU B 52 -9.74 -1.29 17.01
C GLU B 52 -8.75 -0.84 15.94
N PHE B 53 -7.64 -0.25 16.37
CA PHE B 53 -6.61 0.23 15.44
C PHE B 53 -5.28 -0.43 15.80
N LEU B 54 -4.83 -1.36 14.95
CA LEU B 54 -3.53 -2.01 15.14
C LEU B 54 -2.41 -1.03 14.87
N GLN B 55 -1.44 -0.97 15.79
CA GLN B 55 -0.37 0.01 15.68
C GLN B 55 0.50 -0.26 14.46
N SER B 56 0.69 -1.54 14.11
CA SER B 56 1.52 -1.87 12.94
C SER B 56 0.90 -1.37 11.64
N GLU B 57 -0.37 -0.97 11.66
CA GLU B 57 -1.03 -0.48 10.47
C GLU B 57 -1.42 0.99 10.57
N TYR B 58 -1.14 1.64 11.70
CA TYR B 58 -1.73 2.97 11.89
C TYR B 58 -1.07 4.05 11.03
N PRO B 59 0.27 4.10 10.89
CA PRO B 59 0.87 5.13 10.00
C PRO B 59 0.28 5.19 8.60
N ASP B 60 -0.02 4.04 7.98
CA ASP B 60 -0.64 4.03 6.65
C ASP B 60 -2.02 4.67 6.70
N PHE B 61 -2.85 4.21 7.64
CA PHE B 61 -4.19 4.73 7.77
C PHE B 61 -4.17 6.22 8.09
N PHE B 62 -3.38 6.59 9.09
CA PHE B 62 -3.38 7.96 9.58
C PHE B 62 -2.94 8.92 8.48
N PHE B 63 -1.80 8.64 7.85
CA PHE B 63 -1.30 9.57 6.84
C PHE B 63 -2.18 9.58 5.60
N ASN B 64 -2.88 8.48 5.32
CA ASN B 64 -3.81 8.47 4.19
C ASN B 64 -5.03 9.35 4.45
N ILE B 65 -5.72 9.09 5.56
CA ILE B 65 -6.98 9.76 5.83
C ILE B 65 -6.81 11.25 6.01
N THR B 66 -5.59 11.73 6.27
CA THR B 66 -5.34 13.15 6.45
C THR B 66 -4.78 13.82 5.19
N ASN B 67 -4.68 13.07 4.09
CA ASN B 67 -4.09 13.57 2.82
C ASN B 67 -2.62 13.97 3.00
N CYS B 68 -1.88 13.15 3.74
CA CYS B 68 -0.47 13.43 3.95
C CYS B 68 0.41 12.28 3.46
N GLY B 69 -0.12 11.41 2.60
CA GLY B 69 0.59 10.20 2.21
C GLY B 69 1.91 10.42 1.49
N GLU B 70 2.14 11.61 0.93
CA GLU B 70 3.42 11.83 0.25
C GLU B 70 4.52 12.33 1.15
N LYS B 71 4.20 12.75 2.36
CA LYS B 71 5.19 13.32 3.27
C LYS B 71 5.97 12.15 3.87
N GLU B 72 6.78 11.55 2.99
CA GLU B 72 7.39 10.26 3.26
C GLU B 72 8.37 10.34 4.41
N ALA B 73 9.12 11.44 4.50
CA ALA B 73 10.07 11.59 5.59
C ALA B 73 9.33 11.71 6.92
N LEU B 74 8.24 12.49 6.94
CA LEU B 74 7.46 12.63 8.17
C LEU B 74 6.82 11.32 8.59
N LYS B 75 6.31 10.55 7.62
CA LYS B 75 5.68 9.28 7.96
C LYS B 75 6.68 8.27 8.52
N ALA B 76 7.92 8.27 8.00
CA ALA B 76 8.96 7.41 8.55
C ALA B 76 9.27 7.77 10.00
N LYS B 77 9.34 9.07 10.31
CA LYS B 77 9.50 9.48 11.70
C LYS B 77 8.35 8.94 12.56
N PHE B 78 7.11 9.11 12.08
CA PHE B 78 5.95 8.62 12.82
C PHE B 78 6.02 7.11 13.00
N LYS B 79 6.48 6.39 11.96
CA LYS B 79 6.60 4.94 12.07
C LYS B 79 7.63 4.57 13.14
N ARG B 80 8.74 5.29 13.20
CA ARG B 80 9.73 5.08 14.25
C ARG B 80 9.11 5.27 15.63
N ILE B 81 8.29 6.32 15.79
CA ILE B 81 7.68 6.56 17.09
C ILE B 81 6.75 5.41 17.46
N CYS B 82 5.89 5.02 16.51
CA CYS B 82 4.96 3.93 16.76
C CYS B 82 5.70 2.67 17.14
N ASP B 83 6.81 2.38 16.46
CA ASP B 83 7.50 1.13 16.76
C ASP B 83 8.12 1.15 18.14
N LYS B 84 8.38 2.31 18.72
CA LYS B 84 8.98 2.35 20.03
C LYS B 84 7.98 2.65 21.14
N SER B 85 6.67 2.71 20.82
CA SER B 85 5.60 3.18 21.70
C SER B 85 5.18 2.13 22.75
N GLY B 86 5.44 0.85 22.51
CA GLY B 86 4.97 -0.17 23.42
C GLY B 86 3.49 -0.49 23.30
N ILE B 87 2.86 -0.10 22.20
CA ILE B 87 1.43 -0.21 22.01
C ILE B 87 1.18 -1.19 20.88
N ARG B 88 0.31 -2.17 21.10
CA ARG B 88 -0.08 -3.07 20.03
C ARG B 88 -1.34 -2.58 19.30
N LYS B 89 -2.35 -2.11 20.03
CA LYS B 89 -3.57 -1.57 19.43
C LYS B 89 -4.22 -0.54 20.35
N ARG B 90 -5.12 0.25 19.77
CA ARG B 90 -5.90 1.24 20.50
C ARG B 90 -7.35 1.22 19.99
N HIS B 91 -8.26 1.71 20.84
CA HIS B 91 -9.66 1.89 20.47
C HIS B 91 -9.95 3.37 20.26
N MET B 92 -10.73 3.68 19.21
CA MET B 92 -11.06 5.07 18.89
C MET B 92 -12.46 5.16 18.31
N PHE B 93 -13.18 6.23 18.68
CA PHE B 93 -14.43 6.50 18.01
C PHE B 93 -14.23 6.99 16.59
N LEU B 94 -13.07 7.62 16.31
CA LEU B 94 -12.77 8.25 15.02
C LEU B 94 -12.46 7.19 13.96
N THR B 95 -13.51 6.65 13.37
CA THR B 95 -13.37 5.70 12.29
C THR B 95 -13.25 6.41 10.96
N GLU B 96 -12.98 5.63 9.91
CA GLU B 96 -12.88 6.17 8.58
C GLU B 96 -14.16 6.92 8.25
N GLU B 97 -15.30 6.30 8.55
CA GLU B 97 -16.59 6.92 8.23
C GLU B 97 -16.72 8.26 8.94
N VAL B 98 -16.40 8.30 10.24
CA VAL B 98 -16.56 9.54 11.00
C VAL B 98 -15.62 10.62 10.49
N LEU B 99 -14.37 10.24 10.17
CA LEU B 99 -13.38 11.22 9.72
C LEU B 99 -13.76 11.84 8.39
N LYS B 100 -14.24 11.01 7.44
CA LYS B 100 -14.65 11.54 6.15
C LYS B 100 -15.85 12.45 6.32
N ALA B 101 -16.72 12.16 7.28
CA ALA B 101 -17.93 12.95 7.49
C ALA B 101 -17.65 14.25 8.25
N ASN B 102 -16.46 14.40 8.82
CA ASN B 102 -16.08 15.62 9.53
C ASN B 102 -14.69 16.04 9.04
N PRO B 103 -14.59 16.45 7.77
CA PRO B 103 -13.26 16.73 7.20
C PRO B 103 -12.48 17.78 7.95
N GLY B 104 -13.15 18.68 8.67
CA GLY B 104 -12.44 19.70 9.43
C GLY B 104 -11.48 19.10 10.43
N ILE B 105 -11.84 17.95 11.00
CA ILE B 105 -10.96 17.31 11.95
C ILE B 105 -9.70 16.80 11.27
N CYS B 106 -9.75 16.57 9.97
CA CYS B 106 -8.59 16.03 9.28
C CYS B 106 -7.62 17.10 8.83
N THR B 107 -7.87 18.37 9.16
CA THR B 107 -6.93 19.43 8.81
C THR B 107 -5.93 19.64 9.94
N TYR B 108 -4.96 20.49 9.65
CA TYR B 108 -3.94 20.81 10.64
C TYR B 108 -4.45 21.86 11.63
N MET B 109 -4.93 23.00 11.11
CA MET B 109 -5.30 24.14 11.93
C MET B 109 -6.54 24.86 11.43
N GLU B 110 -7.38 24.23 10.59
CA GLU B 110 -8.63 24.87 10.22
C GLU B 110 -9.59 24.84 11.41
N PRO B 111 -10.38 25.90 11.62
CA PRO B 111 -11.27 25.92 12.78
C PRO B 111 -12.24 24.74 12.77
N SER B 112 -12.22 24.00 13.87
CA SER B 112 -12.96 22.74 13.92
C SER B 112 -13.50 22.41 15.31
N LEU B 113 -13.45 23.33 16.28
CA LEU B 113 -13.85 22.97 17.64
C LEU B 113 -15.32 22.58 17.71
N ASN B 114 -16.15 23.14 16.83
CA ASN B 114 -17.59 22.92 16.92
C ASN B 114 -17.98 21.49 16.55
N VAL B 115 -17.42 20.98 15.45
CA VAL B 115 -17.68 19.56 15.16
C VAL B 115 -16.92 18.66 16.13
N ARG B 116 -15.83 19.14 16.74
CA ARG B 116 -15.18 18.31 17.75
C ARG B 116 -16.08 18.18 18.99
N HIS B 117 -16.64 19.29 19.44
CA HIS B 117 -17.45 19.23 20.65
C HIS B 117 -18.72 18.45 20.43
N ASP B 118 -19.32 18.53 19.23
CA ASP B 118 -20.48 17.68 18.92
C ASP B 118 -20.19 16.20 19.12
N ILE B 119 -18.95 15.76 18.89
CA ILE B 119 -18.61 14.36 19.14
C ILE B 119 -18.38 14.09 20.62
N VAL B 120 -17.50 14.87 21.28
CA VAL B 120 -17.08 14.47 22.61
C VAL B 120 -18.14 14.77 23.66
N VAL B 121 -19.01 15.75 23.40
CA VAL B 121 -20.02 16.08 24.39
C VAL B 121 -21.01 14.94 24.59
N VAL B 122 -21.23 14.09 23.57
CA VAL B 122 -22.09 12.93 23.79
C VAL B 122 -21.26 11.69 24.12
N GLN B 123 -20.11 11.46 23.47
CA GLN B 123 -19.40 10.20 23.66
C GLN B 123 -18.74 10.11 25.04
N VAL B 124 -18.24 11.21 25.58
CA VAL B 124 -17.54 11.15 26.87
C VAL B 124 -18.48 10.68 27.98
N PRO B 125 -19.69 11.23 28.15
CA PRO B 125 -20.62 10.62 29.13
C PRO B 125 -21.21 9.27 28.71
N LYS B 126 -21.42 9.02 27.41
CA LYS B 126 -21.98 7.74 26.97
C LYS B 126 -21.03 6.58 27.30
N LEU B 127 -19.74 6.77 27.04
CA LEU B 127 -18.78 5.74 27.36
C LEU B 127 -18.69 5.55 28.86
N ALA B 128 -18.68 6.66 29.61
CA ALA B 128 -18.67 6.56 31.07
C ALA B 128 -19.87 5.78 31.57
N ALA B 129 -21.03 6.00 30.92
CA ALA B 129 -22.22 5.29 31.36
C ALA B 129 -22.05 3.78 31.14
N GLU B 130 -21.37 3.37 30.06
CA GLU B 130 -21.15 1.95 29.89
C GLU B 130 -20.30 1.38 31.02
N ALA B 131 -19.19 2.06 31.35
CA ALA B 131 -18.35 1.51 32.40
C ALA B 131 -19.06 1.56 33.75
N ALA B 132 -19.91 2.57 33.96
CA ALA B 132 -20.57 2.72 35.25
C ALA B 132 -21.54 1.56 35.54
N GLN B 133 -22.27 1.11 34.51
CA GLN B 133 -23.13 -0.06 34.69
C GLN B 133 -22.32 -1.28 35.08
N LYS B 134 -21.14 -1.47 34.48
CA LYS B 134 -20.35 -2.63 34.87
C LYS B 134 -19.93 -2.50 36.32
N ALA B 135 -19.43 -1.33 36.71
CA ALA B 135 -19.00 -1.14 38.09
C ALA B 135 -20.15 -1.34 39.06
N ILE B 136 -21.35 -0.91 38.68
CA ILE B 136 -22.47 -1.02 39.61
C ILE B 136 -22.89 -2.47 39.79
N LYS B 137 -22.94 -3.24 38.69
CA LYS B 137 -23.21 -4.68 38.76
C LYS B 137 -22.22 -5.41 39.65
N GLU B 138 -20.93 -5.11 39.52
CA GLU B 138 -19.96 -5.78 40.39
C GLU B 138 -20.18 -5.37 41.83
N TRP B 139 -20.44 -4.07 42.06
CA TRP B 139 -20.72 -3.61 43.40
C TRP B 139 -21.88 -4.39 44.02
N GLY B 140 -22.97 -4.55 43.27
CA GLY B 140 -24.14 -5.24 43.73
C GLY B 140 -25.22 -4.33 44.32
N GLY B 141 -24.95 -3.02 44.45
CA GLY B 141 -25.90 -2.13 45.07
C GLY B 141 -26.96 -1.59 44.11
N ARG B 142 -27.85 -0.78 44.67
CA ARG B 142 -28.92 -0.13 43.91
C ARG B 142 -28.46 1.21 43.36
N LYS B 143 -28.89 1.52 42.12
CA LYS B 143 -28.58 2.82 41.52
C LYS B 143 -29.00 3.97 42.42
N SER B 144 -30.15 3.84 43.09
CA SER B 144 -30.68 4.89 43.95
C SER B 144 -29.85 5.14 45.20
N ASP B 145 -28.81 4.32 45.46
CA ASP B 145 -27.91 4.55 46.58
C ASP B 145 -26.63 5.26 46.17
N ILE B 146 -26.44 5.55 44.88
CA ILE B 146 -25.35 6.45 44.53
C ILE B 146 -25.68 7.84 45.07
N THR B 147 -24.72 8.44 45.80
CA THR B 147 -24.89 9.77 46.39
C THR B 147 -23.99 10.83 45.78
N HIS B 148 -22.92 10.43 45.08
CA HIS B 148 -21.89 11.36 44.64
C HIS B 148 -21.38 10.91 43.27
N ILE B 149 -20.97 11.89 42.45
CA ILE B 149 -20.22 11.68 41.21
C ILE B 149 -18.98 12.58 41.25
N VAL B 150 -17.82 11.98 41.02
CA VAL B 150 -16.58 12.71 40.78
C VAL B 150 -16.10 12.30 39.40
N PHE B 151 -15.86 13.27 38.53
CA PHE B 151 -15.70 13.02 37.10
C PHE B 151 -14.53 13.84 36.59
N ALA B 152 -13.56 13.18 35.94
CA ALA B 152 -12.46 13.87 35.27
C ALA B 152 -12.45 13.52 33.79
N THR B 153 -12.03 14.49 32.97
CA THR B 153 -11.81 14.28 31.54
C THR B 153 -10.84 15.34 31.04
N THR B 154 -10.31 15.10 29.85
CA THR B 154 -9.46 16.06 29.16
C THR B 154 -10.03 16.36 27.77
N SER B 155 -11.24 15.89 27.51
CA SER B 155 -11.82 15.80 26.16
C SER B 155 -13.02 16.73 26.03
N GLY B 156 -12.76 18.04 26.06
CA GLY B 156 -13.76 19.06 25.83
C GLY B 156 -14.59 19.38 27.05
N VAL B 157 -15.45 20.41 26.88
CA VAL B 157 -16.28 20.92 27.96
C VAL B 157 -17.68 21.26 27.44
N ASN B 158 -18.63 21.32 28.38
CA ASN B 158 -19.99 21.69 28.07
C ASN B 158 -20.68 22.16 29.35
N MET B 159 -21.76 22.93 29.18
CA MET B 159 -22.61 23.34 30.29
C MET B 159 -24.05 22.98 29.95
N PRO B 160 -24.71 22.11 30.72
CA PRO B 160 -24.19 21.37 31.90
C PRO B 160 -23.14 20.35 31.53
N GLY B 161 -22.44 19.81 32.52
CA GLY B 161 -21.25 19.01 32.27
C GLY B 161 -21.53 17.52 32.11
N ALA B 162 -20.46 16.79 31.78
CA ALA B 162 -20.55 15.34 31.62
C ALA B 162 -21.10 14.66 32.87
N ASP B 163 -20.82 15.22 34.05
CA ASP B 163 -21.40 14.69 35.28
C ASP B 163 -22.92 14.69 35.23
N HIS B 164 -23.49 15.80 34.77
CA HIS B 164 -24.94 15.90 34.62
C HIS B 164 -25.45 14.89 33.60
N ALA B 165 -24.78 14.81 32.45
CA ALA B 165 -25.18 13.85 31.41
C ALA B 165 -25.19 12.43 31.93
N LEU B 166 -24.15 12.07 32.71
CA LEU B 166 -24.03 10.72 33.25
C LEU B 166 -25.17 10.37 34.20
N ALA B 167 -25.53 11.31 35.09
CA ALA B 167 -26.65 11.10 36.01
C ALA B 167 -27.95 10.85 35.26
N LYS B 168 -28.16 11.60 34.17
CA LYS B 168 -29.30 11.40 33.29
C LYS B 168 -29.27 10.02 32.65
N LEU B 169 -28.13 9.65 32.06
CA LEU B 169 -28.07 8.39 31.35
C LEU B 169 -28.33 7.22 32.29
N LEU B 170 -27.83 7.30 33.51
CA LEU B 170 -27.99 6.19 34.44
C LEU B 170 -29.30 6.26 35.21
N GLY B 171 -30.02 7.36 35.11
CA GLY B 171 -31.19 7.55 35.94
C GLY B 171 -30.91 7.59 37.43
N LEU B 172 -29.95 8.39 37.84
CA LEU B 172 -29.65 8.54 39.26
C LEU B 172 -30.63 9.49 39.94
N LYS B 173 -30.54 9.60 41.26
CA LYS B 173 -31.37 10.57 41.95
C LYS B 173 -30.96 11.99 41.56
N PRO B 174 -31.93 12.88 41.33
CA PRO B 174 -31.62 14.29 41.01
C PRO B 174 -30.80 15.02 42.07
N THR B 175 -30.74 14.50 43.30
CA THR B 175 -30.00 15.12 44.39
C THR B 175 -28.58 14.60 44.51
N VAL B 176 -28.10 13.86 43.52
CA VAL B 176 -26.72 13.37 43.55
C VAL B 176 -25.74 14.55 43.63
N LYS B 177 -24.69 14.41 44.47
CA LYS B 177 -23.71 15.49 44.60
C LYS B 177 -22.57 15.29 43.60
N ARG B 178 -22.23 16.35 42.88
CA ARG B 178 -21.35 16.29 41.72
C ARG B 178 -20.11 17.15 41.90
N VAL B 179 -18.98 16.64 41.39
CA VAL B 179 -17.73 17.37 41.29
C VAL B 179 -17.18 17.10 39.90
N MET B 180 -17.22 18.11 39.02
CA MET B 180 -16.88 17.98 37.60
C MET B 180 -15.51 18.63 37.36
N MET B 181 -14.47 17.80 37.17
CA MET B 181 -13.11 18.29 36.99
C MET B 181 -12.75 18.28 35.50
N TYR B 182 -13.21 19.31 34.78
CA TYR B 182 -12.88 19.42 33.37
C TYR B 182 -11.41 19.78 33.16
N GLN B 183 -10.82 19.21 32.11
CA GLN B 183 -9.52 19.64 31.60
C GLN B 183 -8.37 19.28 32.56
N THR B 184 -8.39 18.07 33.12
CA THR B 184 -7.36 17.67 34.07
C THR B 184 -6.03 17.31 33.38
N GLY B 185 -6.06 16.62 32.24
CA GLY B 185 -4.83 15.96 31.77
C GLY B 185 -4.62 14.59 32.45
N PHE B 187 -3.26 13.18 35.04
CA PHE B 187 -3.24 12.86 36.47
C PHE B 187 -4.67 12.73 37.06
N GLY B 188 -5.67 12.88 36.19
CA GLY B 188 -7.04 13.02 36.65
C GLY B 188 -7.62 11.75 37.23
N GLY B 189 -7.16 10.58 36.76
CA GLY B 189 -7.58 9.33 37.36
C GLY B 189 -7.18 9.26 38.82
N ALA B 190 -5.96 9.68 39.14
CA ALA B 190 -5.58 9.73 40.54
C ALA B 190 -6.44 10.74 41.28
N SER B 191 -6.71 11.89 40.66
CA SER B 191 -7.48 12.96 41.31
C SER B 191 -8.89 12.49 41.68
N VAL B 192 -9.58 11.77 40.79
CA VAL B 192 -10.96 11.42 41.14
C VAL B 192 -10.96 10.48 42.34
N LEU B 193 -9.94 9.63 42.47
CA LEU B 193 -9.92 8.74 43.62
C LEU B 193 -9.57 9.50 44.90
N ARG B 194 -8.71 10.51 44.79
CA ARG B 194 -8.41 11.36 45.93
C ARG B 194 -9.66 12.07 46.44
N VAL B 195 -10.46 12.61 45.53
CA VAL B 195 -11.65 13.36 45.92
C VAL B 195 -12.71 12.41 46.48
N ALA B 196 -12.93 11.28 45.83
CA ALA B 196 -13.85 10.27 46.34
C ALA B 196 -13.48 9.79 47.75
N LYS B 197 -12.19 9.77 48.08
CA LYS B 197 -11.79 9.40 49.43
C LYS B 197 -12.42 10.32 50.48
N ASP B 198 -12.28 11.63 50.31
CA ASP B 198 -12.82 12.56 51.33
C ASP B 198 -14.33 12.55 51.32
N LEU B 199 -14.95 12.40 50.14
CA LEU B 199 -16.41 12.38 50.06
C LEU B 199 -16.97 11.13 50.73
N ALA B 200 -16.31 9.97 50.55
CA ALA B 200 -16.84 8.74 51.12
C ALA B 200 -16.63 8.68 52.64
N GLU B 201 -15.46 9.13 53.11
CA GLU B 201 -15.10 9.04 54.51
C GLU B 201 -15.84 10.07 55.35
N ASN B 202 -16.34 11.16 54.75
CA ASN B 202 -16.94 12.23 55.53
C ASN B 202 -18.46 12.15 55.56
N ASN B 203 -19.06 11.16 54.93
CA ASN B 203 -20.51 11.13 54.79
C ASN B 203 -21.04 9.71 55.01
N LYS B 204 -21.72 9.48 56.13
CA LYS B 204 -22.20 8.14 56.46
C LYS B 204 -23.13 7.62 55.36
N GLY B 205 -22.85 6.44 54.88
CA GLY B 205 -23.67 5.85 53.84
C GLY B 205 -23.33 6.27 52.42
N ALA B 206 -22.34 7.16 52.24
CA ALA B 206 -22.05 7.66 50.90
C ALA B 206 -21.48 6.57 50.00
N ARG B 207 -21.96 6.55 48.75
CA ARG B 207 -21.47 5.64 47.71
C ARG B 207 -21.18 6.50 46.50
N VAL B 208 -19.90 6.58 46.12
CA VAL B 208 -19.41 7.54 45.12
C VAL B 208 -19.12 6.82 43.83
N LEU B 209 -19.51 7.44 42.70
CA LEU B 209 -19.00 7.05 41.38
C LEU B 209 -17.75 7.89 41.08
N ALA B 210 -16.59 7.25 41.01
CA ALA B 210 -15.37 7.89 40.56
C ALA B 210 -15.15 7.58 39.08
N VAL B 211 -15.10 8.62 38.25
CA VAL B 211 -15.23 8.50 36.81
C VAL B 211 -14.08 9.22 36.12
N ALA B 212 -13.49 8.56 35.11
CA ALA B 212 -12.56 9.12 34.13
C ALA B 212 -12.89 8.58 32.75
N SER B 213 -13.10 9.47 31.78
CA SER B 213 -13.51 9.10 30.42
C SER B 213 -12.83 10.01 29.41
N GLU B 214 -12.26 9.43 28.34
CA GLU B 214 -11.48 10.20 27.40
C GLU B 214 -11.80 9.79 25.96
N VAL B 215 -11.95 10.77 25.07
CA VAL B 215 -12.18 10.50 23.65
C VAL B 215 -11.29 11.43 22.82
N THR B 216 -10.51 10.87 21.90
CA THR B 216 -9.41 11.61 21.27
C THR B 216 -9.86 12.58 20.17
N ALA B 217 -11.16 12.72 19.91
CA ALA B 217 -11.66 13.57 18.82
C ALA B 217 -11.40 15.06 19.06
N VAL B 218 -11.08 15.46 20.30
CA VAL B 218 -10.81 16.86 20.56
C VAL B 218 -9.36 17.19 20.22
N THR B 219 -8.48 16.21 20.18
CA THR B 219 -7.08 16.52 20.03
C THR B 219 -6.51 16.08 18.68
N TYR B 220 -7.17 15.15 18.00
CA TYR B 220 -6.72 14.59 16.74
C TYR B 220 -6.48 15.67 15.70
N ARG B 221 -5.36 15.56 14.96
CA ARG B 221 -5.15 16.46 13.83
C ARG B 221 -4.08 15.91 12.91
N ALA B 222 -4.05 16.46 11.69
CA ALA B 222 -3.12 16.02 10.67
C ALA B 222 -1.67 16.14 11.14
N PRO B 223 -0.79 15.22 10.77
CA PRO B 223 0.62 15.34 11.13
C PRO B 223 1.28 16.50 10.39
N SER B 224 2.28 17.12 11.05
CA SER B 224 2.91 18.30 10.47
C SER B 224 4.36 18.43 10.91
N GLU B 225 5.20 18.86 9.96
CA GLU B 225 6.61 19.12 10.26
C GLU B 225 6.78 20.16 11.33
N ASN B 226 5.78 21.01 11.56
CA ASN B 226 5.85 22.11 12.53
C ASN B 226 5.44 21.73 13.94
N HIS B 227 4.92 20.50 14.15
CA HIS B 227 4.29 20.10 15.44
C HIS B 227 4.77 18.67 15.77
N LEU B 228 6.02 18.54 16.16
CA LEU B 228 6.55 17.16 16.34
C LEU B 228 6.07 16.54 17.66
N ASP B 229 5.70 17.34 18.65
CA ASP B 229 5.12 16.79 19.90
C ASP B 229 3.76 16.20 19.55
N GLY B 230 3.12 16.74 18.52
CA GLY B 230 1.85 16.19 18.06
C GLY B 230 2.06 14.84 17.43
N LEU B 231 3.18 14.66 16.74
CA LEU B 231 3.44 13.32 16.23
C LEU B 231 3.41 12.31 17.37
N VAL B 232 3.94 12.69 18.52
CA VAL B 232 4.00 11.76 19.64
C VAL B 232 2.60 11.48 20.17
N GLY B 233 1.80 12.53 20.35
CA GLY B 233 0.41 12.35 20.76
C GLY B 233 -0.38 11.45 19.84
N SER B 234 -0.23 11.66 18.52
CA SER B 234 -0.93 10.84 17.55
C SER B 234 -0.54 9.38 17.63
N ALA B 235 0.61 9.06 18.21
CA ALA B 235 1.05 7.68 18.37
C ALA B 235 0.61 7.05 19.70
N LEU B 236 0.34 7.86 20.72
CA LEU B 236 0.10 7.39 22.07
C LEU B 236 -1.37 7.35 22.48
N PHE B 237 -2.16 8.39 22.13
CA PHE B 237 -3.48 8.57 22.76
C PHE B 237 -4.58 7.68 22.17
N GLY B 238 -5.41 7.12 23.06
CA GLY B 238 -6.57 6.35 22.67
C GLY B 238 -7.77 6.65 23.55
N ASP B 239 -8.89 6.03 23.21
CA ASP B 239 -10.14 6.26 23.91
C ASP B 239 -10.40 5.20 24.98
N GLY B 240 -11.12 5.58 26.03
CA GLY B 240 -11.49 4.64 27.09
C GLY B 240 -12.12 5.31 28.31
N ALA B 241 -12.80 4.52 29.18
CA ALA B 241 -13.37 5.06 30.41
C ALA B 241 -13.27 4.00 31.52
N GLY B 242 -13.02 4.48 32.74
CA GLY B 242 -13.05 3.62 33.91
C GLY B 242 -13.99 4.21 34.94
N VAL B 243 -14.63 3.33 35.72
CA VAL B 243 -15.47 3.77 36.82
C VAL B 243 -15.25 2.89 38.05
N TYR B 244 -15.12 3.52 39.22
CA TYR B 244 -15.09 2.79 40.48
C TYR B 244 -16.27 3.23 41.33
N VAL B 245 -16.86 2.29 42.06
CA VAL B 245 -17.73 2.63 43.18
C VAL B 245 -16.85 2.67 44.42
N VAL B 246 -16.86 3.82 45.10
CA VAL B 246 -16.07 4.02 46.30
C VAL B 246 -17.01 4.29 47.47
N GLY B 247 -16.73 3.67 48.62
CA GLY B 247 -17.52 3.85 49.82
C GLY B 247 -16.89 3.31 51.09
N SER B 248 -17.11 3.98 52.22
CA SER B 248 -16.66 3.48 53.51
C SER B 248 -17.71 2.56 54.12
N ASP B 249 -17.28 1.81 55.13
CA ASP B 249 -18.19 0.99 55.94
C ASP B 249 -18.96 -0.01 55.10
N PRO B 250 -18.30 -0.96 54.46
CA PRO B 250 -19.03 -1.92 53.63
C PRO B 250 -19.92 -2.82 54.49
N LYS B 251 -21.15 -3.00 54.04
CA LYS B 251 -22.05 -3.90 54.75
C LYS B 251 -21.50 -5.32 54.68
N PRO B 252 -21.14 -5.94 55.80
CA PRO B 252 -20.42 -7.23 55.74
C PRO B 252 -21.28 -8.31 55.10
N GLU B 253 -20.64 -9.10 54.24
CA GLU B 253 -21.24 -10.19 53.47
C GLU B 253 -22.27 -9.71 52.45
N VAL B 254 -22.38 -8.40 52.24
CA VAL B 254 -23.23 -7.87 51.19
C VAL B 254 -22.41 -7.06 50.19
N GLU B 255 -21.43 -6.30 50.67
CA GLU B 255 -20.50 -5.54 49.84
C GLU B 255 -19.11 -6.11 50.07
N LYS B 256 -18.32 -6.21 49.02
CA LYS B 256 -17.01 -6.87 49.07
C LYS B 256 -15.95 -5.87 48.66
N PRO B 257 -15.13 -5.37 49.60
CA PRO B 257 -14.07 -4.41 49.22
C PRO B 257 -12.92 -5.06 48.47
N LEU B 258 -12.49 -4.40 47.39
CA LEU B 258 -11.38 -4.87 46.58
C LEU B 258 -10.06 -4.19 46.96
N PHE B 259 -10.12 -2.90 47.30
CA PHE B 259 -8.97 -2.16 47.79
C PHE B 259 -9.45 -1.15 48.83
N GLU B 260 -8.55 -0.85 49.76
CA GLU B 260 -8.74 0.22 50.73
C GLU B 260 -7.85 1.38 50.31
N VAL B 261 -8.35 2.60 50.47
CA VAL B 261 -7.54 3.81 50.25
C VAL B 261 -7.06 4.33 51.59
N HIS B 262 -5.76 4.44 51.74
CA HIS B 262 -5.21 4.89 53.02
C HIS B 262 -4.53 6.25 52.98
N TRP B 263 -4.04 6.70 51.82
CA TRP B 263 -3.31 7.96 51.78
C TRP B 263 -3.43 8.58 50.40
N ALA B 264 -3.53 9.91 50.34
CA ALA B 264 -3.59 10.57 49.04
C ALA B 264 -2.96 11.96 49.12
N GLY B 265 -2.04 12.23 48.20
CA GLY B 265 -1.35 13.51 48.13
C GLY B 265 -0.79 13.70 46.73
N GLU B 266 -0.16 14.87 46.53
CA GLU B 266 0.36 15.26 45.22
C GLU B 266 1.43 16.31 45.41
N THR B 267 2.21 16.55 44.35
CA THR B 267 3.26 17.56 44.40
C THR B 267 3.52 18.09 42.99
N ILE B 268 3.95 19.34 42.91
CA ILE B 268 4.46 19.91 41.68
C ILE B 268 5.98 19.76 41.66
N LEU B 269 6.53 19.23 40.54
CA LEU B 269 7.96 18.96 40.48
C LEU B 269 8.72 20.25 40.19
N PRO B 270 9.94 20.40 40.72
CA PRO B 270 10.67 21.68 40.57
C PRO B 270 11.06 21.98 39.13
N GLU B 271 10.92 23.26 38.75
CA GLU B 271 11.37 23.78 37.46
C GLU B 271 10.87 22.94 36.30
N SER B 272 9.57 22.60 36.34
CA SER B 272 8.97 21.79 35.31
C SER B 272 7.81 22.51 34.64
N ASP B 273 7.65 23.80 34.88
CA ASP B 273 6.64 24.57 34.17
C ASP B 273 6.88 24.43 32.66
N GLY B 274 5.82 24.11 31.93
CA GLY B 274 5.94 23.98 30.50
C GLY B 274 6.31 22.61 29.99
N ALA B 275 6.63 21.65 30.88
CA ALA B 275 6.94 20.31 30.42
C ALA B 275 5.77 19.70 29.64
N ILE B 276 4.55 19.88 30.14
CA ILE B 276 3.33 19.43 29.48
C ILE B 276 2.36 20.61 29.46
N ASP B 277 2.01 21.05 28.27
CA ASP B 277 1.23 22.26 28.05
C ASP B 277 -0.02 21.93 27.24
N GLY B 278 -1.14 22.58 27.57
CA GLY B 278 -2.30 22.39 26.71
C GLY B 278 -3.32 23.52 26.74
N HIS B 279 -3.96 23.85 25.62
CA HIS B 279 -5.20 24.61 25.76
C HIS B 279 -6.06 24.51 24.51
N LEU B 280 -7.33 24.89 24.70
CA LEU B 280 -8.37 24.75 23.68
C LEU B 280 -8.40 25.96 22.76
N THR B 281 -8.35 25.70 21.47
CA THR B 281 -8.31 26.74 20.46
C THR B 281 -9.43 26.48 19.47
N GLU B 282 -9.55 27.40 18.51
CA GLU B 282 -10.52 27.28 17.42
C GLU B 282 -10.35 25.97 16.66
N ALA B 283 -9.16 25.38 16.71
CA ALA B 283 -8.84 24.14 16.03
C ALA B 283 -8.79 22.97 17.01
N GLY B 284 -9.37 23.11 18.18
CA GLY B 284 -9.36 22.04 19.16
C GLY B 284 -8.20 22.16 20.14
N LEU B 285 -7.92 21.04 20.80
CA LEU B 285 -6.94 21.00 21.89
C LEU B 285 -5.55 20.85 21.31
N ILE B 286 -4.63 21.72 21.72
CA ILE B 286 -3.29 21.68 21.19
C ILE B 286 -2.33 21.51 22.36
N PHE B 287 -1.57 20.43 22.34
CA PHE B 287 -0.67 20.13 23.45
C PHE B 287 0.79 20.28 23.03
N HIS B 288 1.64 20.57 24.02
CA HIS B 288 3.08 20.61 23.81
C HIS B 288 3.70 19.61 24.79
N LEU B 289 4.57 18.73 24.28
CA LEU B 289 5.18 17.68 25.08
C LEU B 289 6.69 17.85 25.01
N MET B 290 7.33 18.08 26.14
CA MET B 290 8.79 18.22 26.11
C MET B 290 9.46 16.86 26.29
N LYS B 291 10.65 16.75 25.71
CA LYS B 291 11.45 15.53 25.77
C LYS B 291 11.95 15.21 27.18
N ASP B 292 11.90 16.16 28.13
CA ASP B 292 12.41 15.92 29.49
C ASP B 292 11.43 15.19 30.40
N VAL B 293 10.23 14.85 29.93
CA VAL B 293 9.20 14.35 30.84
C VAL B 293 9.62 13.07 31.54
N PRO B 294 10.08 12.01 30.85
CA PRO B 294 10.54 10.82 31.59
C PRO B 294 11.63 11.12 32.60
N GLY B 295 12.64 11.90 32.22
CA GLY B 295 13.70 12.25 33.15
C GLY B 295 13.20 13.04 34.36
N LEU B 296 12.29 13.99 34.14
CA LEU B 296 11.79 14.82 35.21
C LEU B 296 11.09 13.97 36.27
N ILE B 297 10.35 12.97 35.83
CA ILE B 297 9.62 12.11 36.75
C ILE B 297 10.59 11.15 37.44
N SER B 298 11.43 10.52 36.63
CA SER B 298 12.41 9.56 37.14
C SER B 298 13.32 10.19 38.18
N LYS B 299 13.81 11.41 37.90
CA LYS B 299 14.77 12.02 38.80
C LYS B 299 14.15 12.36 40.16
N ASN B 300 12.82 12.46 40.26
CA ASN B 300 12.18 13.01 41.44
C ASN B 300 11.24 12.06 42.19
N ILE B 301 10.91 10.90 41.63
CA ILE B 301 9.79 10.14 42.14
C ILE B 301 10.12 9.49 43.48
N GLU B 302 11.35 9.01 43.65
CA GLU B 302 11.69 8.25 44.86
C GLU B 302 11.59 9.12 46.10
N LYS B 303 12.05 10.36 46.01
CA LYS B 303 12.01 11.22 47.18
C LYS B 303 10.59 11.39 47.68
N PHE B 304 9.65 11.56 46.75
CA PHE B 304 8.27 11.77 47.18
C PHE B 304 7.64 10.48 47.64
N LEU B 305 7.81 9.40 46.89
CA LEU B 305 7.27 8.10 47.28
C LEU B 305 7.79 7.65 48.64
N ASN B 306 9.00 8.08 49.00
CA ASN B 306 9.57 7.75 50.30
C ASN B 306 8.73 8.32 51.44
N GLU B 307 8.15 9.50 51.22
CA GLU B 307 7.27 10.08 52.22
C GLU B 307 5.96 9.34 52.26
N ALA B 308 5.37 9.08 51.09
CA ALA B 308 4.05 8.44 51.00
C ALA B 308 4.04 7.07 51.68
N ARG B 309 5.18 6.38 51.65
CA ARG B 309 5.32 5.06 52.26
C ARG B 309 5.06 5.08 53.76
N LYS B 310 5.47 6.15 54.41
CA LYS B 310 5.65 6.14 55.86
C LYS B 310 4.37 5.80 56.62
N PRO B 311 3.21 6.39 56.31
CA PRO B 311 2.02 6.08 57.12
C PRO B 311 1.59 4.63 57.10
N VAL B 312 2.17 3.78 56.25
CA VAL B 312 1.82 2.37 56.27
C VAL B 312 3.04 1.51 56.62
N GLY B 313 4.04 2.07 57.28
CA GLY B 313 5.16 1.32 57.80
C GLY B 313 6.33 1.19 56.87
N SER B 314 6.34 1.94 55.76
CA SER B 314 7.47 2.02 54.85
C SER B 314 7.95 0.67 54.32
N PRO B 315 7.09 -0.10 53.68
CA PRO B 315 7.55 -1.35 53.05
C PRO B 315 8.55 -1.08 51.94
N ALA B 316 9.32 -2.10 51.62
CA ALA B 316 10.26 -1.97 50.53
C ALA B 316 9.53 -1.91 49.18
N TRP B 317 10.16 -1.24 48.21
CA TRP B 317 9.55 -1.08 46.89
C TRP B 317 9.05 -2.42 46.34
N ASN B 318 9.84 -3.48 46.51
CA ASN B 318 9.50 -4.75 45.88
C ASN B 318 8.55 -5.58 46.72
N GLU B 319 8.05 -5.02 47.81
CA GLU B 319 6.97 -5.58 48.60
C GLU B 319 5.64 -4.91 48.32
N MET B 320 5.59 -4.03 47.31
CA MET B 320 4.41 -3.25 47.00
C MET B 320 3.95 -3.55 45.58
N PHE B 321 2.68 -3.29 45.30
CA PHE B 321 2.23 -3.31 43.92
C PHE B 321 2.21 -1.90 43.34
N TRP B 322 2.17 -1.82 42.01
CA TRP B 322 2.46 -0.60 41.26
C TRP B 322 1.43 -0.36 40.17
N ALA B 323 0.34 0.33 40.52
CA ALA B 323 -0.64 0.82 39.54
C ALA B 323 -0.17 2.19 39.04
N VAL B 324 0.63 2.19 37.97
CA VAL B 324 1.27 3.39 37.45
C VAL B 324 0.65 3.77 36.12
N HIS B 325 0.33 5.04 35.96
CA HIS B 325 -0.19 5.54 34.68
C HIS B 325 0.80 5.29 33.54
N PRO B 326 0.41 4.56 32.48
CA PRO B 326 1.35 4.30 31.36
C PRO B 326 1.41 5.45 30.36
N GLY B 327 1.96 6.59 30.80
CA GLY B 327 2.12 7.73 29.89
C GLY B 327 2.97 7.40 28.68
N GLY B 328 4.00 6.57 28.88
CA GLY B 328 4.80 6.08 27.79
C GLY B 328 5.75 5.00 28.28
N PRO B 329 6.32 4.24 27.33
CA PRO B 329 7.24 3.16 27.74
C PRO B 329 8.49 3.70 28.42
N ALA B 330 8.95 4.89 28.02
CA ALA B 330 10.16 5.44 28.63
C ALA B 330 9.92 5.72 30.11
N ILE B 331 8.72 6.18 30.47
CA ILE B 331 8.44 6.53 31.86
C ILE B 331 8.41 5.28 32.72
N LEU B 332 7.77 4.23 32.23
CA LEU B 332 7.74 2.96 32.97
C LEU B 332 9.13 2.38 33.11
N ASP B 333 9.94 2.47 32.05
CA ASP B 333 11.27 1.87 32.05
C ASP B 333 12.19 2.55 33.06
N GLN B 334 12.21 3.88 33.06
CA GLN B 334 13.17 4.57 33.91
C GLN B 334 12.75 4.46 35.37
N VAL B 335 11.44 4.43 35.65
CA VAL B 335 11.01 4.25 37.03
C VAL B 335 11.37 2.86 37.51
N GLU B 336 11.21 1.86 36.63
CA GLU B 336 11.63 0.52 36.95
C GLU B 336 13.11 0.48 37.30
N ALA B 337 13.95 1.16 36.50
CA ALA B 337 15.38 1.12 36.71
C ALA B 337 15.79 1.85 37.97
N LYS B 338 15.34 3.09 38.10
CA LYS B 338 15.78 3.93 39.20
C LYS B 338 15.41 3.28 40.54
N LEU B 339 14.26 2.62 40.60
CA LEU B 339 13.77 1.97 41.81
C LEU B 339 14.13 0.49 41.89
N LYS B 340 14.79 -0.06 40.87
CA LYS B 340 15.28 -1.45 40.89
C LYS B 340 14.15 -2.45 41.19
N LEU B 341 13.03 -2.28 40.50
CA LEU B 341 11.87 -3.12 40.66
C LEU B 341 12.01 -4.40 39.86
N THR B 342 11.48 -5.48 40.40
CA THR B 342 11.41 -6.74 39.67
C THR B 342 10.44 -6.63 38.51
N LYS B 343 10.71 -7.42 37.46
CA LYS B 343 10.07 -7.17 36.18
C LYS B 343 8.55 -7.30 36.23
N ASP B 344 8.02 -8.01 37.22
CA ASP B 344 6.57 -8.18 37.29
C ASP B 344 5.82 -6.96 37.81
N LYS B 345 6.50 -6.02 38.47
CA LYS B 345 5.80 -4.90 39.09
C LYS B 345 5.05 -4.04 38.07
N MET B 346 5.71 -3.72 36.95
CA MET B 346 5.18 -2.83 35.93
C MET B 346 4.35 -3.58 34.88
N GLN B 347 4.10 -4.88 35.10
CA GLN B 347 3.44 -5.67 34.06
C GLN B 347 2.00 -5.21 33.82
N GLY B 348 1.25 -4.94 34.90
CA GLY B 348 -0.09 -4.43 34.73
C GLY B 348 -0.12 -3.17 33.88
N SER B 349 0.79 -2.24 34.16
CA SER B 349 0.80 -1.01 33.38
C SER B 349 1.11 -1.32 31.92
N ARG B 350 2.04 -2.25 31.68
CA ARG B 350 2.44 -2.54 30.31
C ARG B 350 1.34 -3.28 29.54
N ASP B 351 0.58 -4.14 30.22
CA ASP B 351 -0.57 -4.79 29.59
C ASP B 351 -1.53 -3.75 29.05
N ILE B 352 -1.81 -2.72 29.85
CA ILE B 352 -2.77 -1.71 29.46
C ILE B 352 -2.21 -0.87 28.30
N LEU B 353 -0.94 -0.48 28.39
CA LEU B 353 -0.30 0.25 27.30
C LEU B 353 -0.35 -0.55 26.02
N SER B 354 -0.08 -1.85 26.14
CA SER B 354 -0.09 -2.74 24.99
C SER B 354 -1.45 -2.74 24.29
N GLU B 355 -2.52 -2.98 25.05
CA GLU B 355 -3.82 -3.25 24.48
C GLU B 355 -4.68 -2.02 24.33
N PHE B 356 -4.31 -0.90 24.94
CA PHE B 356 -5.19 0.25 24.91
C PHE B 356 -4.47 1.56 24.69
N GLY B 357 -3.14 1.61 24.80
CA GLY B 357 -2.39 2.85 24.69
C GLY B 357 -2.57 3.77 25.90
N ASN B 358 -2.33 5.06 25.66
CA ASN B 358 -2.44 6.08 26.69
C ASN B 358 -3.86 6.67 26.61
N MET B 359 -4.71 6.31 27.56
CA MET B 359 -6.06 6.82 27.58
C MET B 359 -6.21 7.97 28.55
N SER B 360 -5.14 8.73 28.73
CA SER B 360 -5.10 9.91 29.62
C SER B 360 -5.66 9.51 30.99
N SER B 361 -6.57 10.29 31.58
CA SER B 361 -6.92 10.12 32.99
C SER B 361 -7.50 8.74 33.30
N ALA B 362 -8.08 8.06 32.31
CA ALA B 362 -8.70 6.77 32.54
C ALA B 362 -7.68 5.64 32.68
N SER B 363 -6.46 5.83 32.18
CA SER B 363 -5.56 4.70 32.02
C SER B 363 -5.31 3.99 33.35
N VAL B 364 -5.00 4.76 34.40
CA VAL B 364 -4.59 4.14 35.64
C VAL B 364 -5.73 3.35 36.27
N LEU B 365 -6.97 3.75 36.00
CA LEU B 365 -8.09 2.95 36.49
C LEU B 365 -8.07 1.55 35.87
N PHE B 366 -7.71 1.44 34.56
CA PHE B 366 -7.56 0.12 33.95
C PHE B 366 -6.43 -0.65 34.61
N VAL B 367 -5.33 0.04 34.91
CA VAL B 367 -4.15 -0.66 35.42
C VAL B 367 -4.49 -1.41 36.71
N LEU B 368 -5.14 -0.75 37.66
CA LEU B 368 -5.46 -1.42 38.91
C LEU B 368 -6.36 -2.62 38.67
N ASP B 369 -7.35 -2.48 37.79
CA ASP B 369 -8.20 -3.62 37.44
C ASP B 369 -7.36 -4.77 36.88
N GLN B 370 -6.35 -4.44 36.08
CA GLN B 370 -5.56 -5.47 35.47
C GLN B 370 -4.71 -6.19 36.52
N ILE B 371 -4.26 -5.47 37.55
CA ILE B 371 -3.52 -6.09 38.65
C ILE B 371 -4.44 -7.02 39.43
N ARG B 372 -5.69 -6.62 39.63
CA ARG B 372 -6.64 -7.50 40.29
C ARG B 372 -6.81 -8.79 39.47
N HIS B 373 -7.04 -8.66 38.16
CA HIS B 373 -7.22 -9.85 37.34
C HIS B 373 -5.98 -10.74 37.35
N ARG B 374 -4.79 -10.16 37.27
CA ARG B 374 -3.59 -10.98 37.35
C ARG B 374 -3.53 -11.72 38.69
N SER B 375 -3.89 -11.04 39.78
CA SER B 375 -3.88 -11.68 41.09
C SER B 375 -4.79 -12.91 41.09
N VAL B 376 -6.03 -12.77 40.62
CA VAL B 376 -6.95 -13.89 40.59
C VAL B 376 -6.40 -15.00 39.69
N LYS B 377 -5.84 -14.61 38.54
CA LYS B 377 -5.39 -15.59 37.58
C LYS B 377 -4.24 -16.43 38.13
N MET B 378 -3.39 -15.84 38.96
CA MET B 378 -2.21 -16.53 39.47
C MET B 378 -2.45 -17.12 40.86
N GLY B 379 -3.66 -16.96 41.40
CA GLY B 379 -4.01 -17.51 42.70
C GLY B 379 -3.23 -16.88 43.84
N ALA B 380 -2.98 -15.57 43.76
CA ALA B 380 -2.26 -14.91 44.84
C ALA B 380 -3.15 -14.72 46.06
N SER B 381 -2.51 -14.43 47.17
CA SER B 381 -3.24 -14.28 48.40
C SER B 381 -3.86 -12.89 48.56
N THR B 382 -3.43 -11.89 47.79
CA THR B 382 -4.10 -10.59 47.80
C THR B 382 -4.46 -10.19 46.37
N LEU B 383 -5.29 -9.17 46.24
CA LEU B 383 -5.58 -8.63 44.93
C LEU B 383 -4.51 -7.68 44.44
N GLY B 384 -3.41 -7.53 45.17
CA GLY B 384 -2.26 -6.81 44.68
C GLY B 384 -1.12 -7.77 44.38
N GLU B 385 -1.46 -8.89 43.74
CA GLU B 385 -0.47 -9.87 43.29
C GLU B 385 0.37 -10.40 44.45
N GLY B 386 -0.24 -10.51 45.63
CA GLY B 386 0.44 -10.97 46.81
C GLY B 386 0.90 -9.86 47.73
N SER B 387 1.13 -8.66 47.21
CA SER B 387 1.55 -7.58 48.10
C SER B 387 0.38 -7.05 48.91
N GLU B 388 0.71 -6.45 50.06
CA GLU B 388 -0.34 -5.88 50.89
C GLU B 388 -0.69 -4.45 50.53
N PHE B 389 0.32 -3.59 50.41
CA PHE B 389 0.14 -2.19 50.05
C PHE B 389 0.65 -1.92 48.64
N GLY B 390 0.19 -0.82 48.05
CA GLY B 390 0.60 -0.49 46.70
C GLY B 390 0.33 0.97 46.42
N PHE B 391 0.94 1.45 45.32
CA PHE B 391 0.81 2.82 44.83
C PHE B 391 -0.16 2.89 43.65
N PHE B 392 -0.92 3.98 43.60
CA PHE B 392 -1.82 4.35 42.51
C PHE B 392 -1.34 5.73 42.06
N ILE B 393 -0.71 5.80 40.88
CA ILE B 393 0.10 6.96 40.50
C ILE B 393 -0.36 7.53 39.16
N GLY B 394 -0.57 8.84 39.13
CA GLY B 394 -0.82 9.56 37.88
C GLY B 394 0.09 10.78 37.79
N PHE B 395 0.26 11.26 36.56
CA PHE B 395 0.99 12.51 36.36
C PHE B 395 0.52 13.24 35.10
N GLY B 396 0.83 14.53 35.05
CA GLY B 396 0.36 15.41 34.01
C GLY B 396 0.79 16.85 34.17
N PRO B 397 0.08 17.78 33.52
CA PRO B 397 0.53 19.18 33.47
C PRO B 397 0.87 19.71 34.85
N GLY B 398 1.99 20.44 34.96
CA GLY B 398 2.42 20.99 36.24
C GLY B 398 3.90 21.31 36.41
N LEU B 399 4.77 20.32 36.32
CA LEU B 399 4.39 18.93 36.09
C LEU B 399 3.90 18.36 37.43
N THR B 400 2.68 17.84 37.46
CA THR B 400 2.06 17.37 38.71
C THR B 400 2.20 15.87 38.88
N LEU B 401 2.61 15.44 40.08
CA LEU B 401 2.66 14.03 40.42
C LEU B 401 1.58 13.75 41.46
N GLU B 402 0.70 12.78 41.18
CA GLU B 402 -0.40 12.42 42.07
C GLU B 402 -0.20 10.99 42.56
N VAL B 403 -0.28 10.79 43.89
CA VAL B 403 0.03 9.49 44.48
C VAL B 403 -1.01 9.14 45.55
N LEU B 404 -1.59 7.94 45.45
CA LEU B 404 -2.37 7.37 46.54
C LEU B 404 -1.72 6.05 46.99
N VAL B 405 -1.93 5.70 48.26
CA VAL B 405 -1.45 4.46 48.83
C VAL B 405 -2.66 3.59 49.16
N LEU B 406 -2.67 2.36 48.62
CA LEU B 406 -3.79 1.44 48.75
C LEU B 406 -3.38 0.18 49.51
N ARG B 407 -4.36 -0.47 50.13
CA ARG B 407 -4.18 -1.82 50.65
C ARG B 407 -5.05 -2.76 49.83
N ALA B 408 -4.48 -3.88 49.37
CA ALA B 408 -5.25 -4.83 48.58
C ALA B 408 -6.01 -5.79 49.50
N ALA B 409 -7.22 -6.14 49.10
CA ALA B 409 -8.03 -7.10 49.84
C ALA B 409 -7.46 -8.51 49.74
N PRO B 410 -7.81 -9.41 50.67
CA PRO B 410 -7.45 -10.82 50.50
C PRO B 410 -8.22 -11.41 49.35
N ASN B 411 -7.62 -12.41 48.70
CA ASN B 411 -8.20 -13.15 47.55
C ASN B 411 -8.75 -14.50 48.01
N SER B 412 -10.06 -14.59 48.18
CA SER B 412 -10.64 -15.86 48.58
C SER B 412 -11.18 -16.58 47.35
N ARG C 30 -26.34 28.67 -19.48
CA ARG C 30 -25.25 27.72 -19.70
C ARG C 30 -25.22 26.70 -18.55
N ALA C 31 -25.61 25.45 -18.84
CA ALA C 31 -25.86 24.50 -17.76
C ALA C 31 -24.56 24.07 -17.07
N GLN C 32 -23.44 24.12 -17.77
CA GLN C 32 -22.16 23.98 -17.09
C GLN C 32 -21.47 25.34 -17.15
N PRO C 33 -21.36 26.05 -16.03
CA PRO C 33 -20.86 27.43 -16.06
C PRO C 33 -19.39 27.51 -16.46
N ARG C 34 -19.05 28.56 -17.18
CA ARG C 34 -17.69 28.75 -17.66
C ARG C 34 -16.84 29.57 -16.70
N ALA C 35 -15.53 29.50 -16.92
CA ALA C 35 -14.55 30.25 -16.17
C ALA C 35 -14.36 31.64 -16.78
N GLU C 36 -13.69 32.53 -16.05
CA GLU C 36 -13.56 33.91 -16.50
C GLU C 36 -12.19 34.29 -17.04
N GLY C 37 -11.13 33.93 -16.33
CA GLY C 37 -9.82 34.40 -16.70
C GLY C 37 -9.12 33.47 -17.68
N PRO C 38 -7.90 33.80 -18.08
CA PRO C 38 -7.11 32.87 -18.90
C PRO C 38 -6.63 31.68 -18.06
N ALA C 39 -6.33 30.59 -18.77
CA ALA C 39 -5.76 29.40 -18.15
C ALA C 39 -4.35 29.68 -17.63
N CYS C 40 -4.05 29.15 -16.44
CA CYS C 40 -2.77 29.39 -15.77
C CYS C 40 -2.10 28.08 -15.44
N VAL C 41 -0.79 28.03 -15.64
CA VAL C 41 0.04 26.97 -15.08
C VAL C 41 0.23 27.25 -13.59
N LEU C 42 -0.28 26.35 -12.75
CA LEU C 42 -0.33 26.57 -11.32
C LEU C 42 0.69 25.76 -10.54
N GLY C 43 1.39 24.84 -11.21
CA GLY C 43 2.37 23.98 -10.61
C GLY C 43 2.99 23.07 -11.66
N ILE C 44 4.27 22.71 -11.47
CA ILE C 44 5.05 21.92 -12.42
C ILE C 44 5.76 20.81 -11.66
N GLY C 45 5.80 19.62 -12.27
CA GLY C 45 6.51 18.46 -11.75
C GLY C 45 7.13 17.69 -12.90
N THR C 46 8.33 17.11 -12.70
CA THR C 46 9.01 16.27 -13.69
C THR C 46 9.51 15.00 -13.01
N ALA C 47 9.78 13.97 -13.83
CA ALA C 47 10.29 12.71 -13.29
C ALA C 47 11.05 11.98 -14.37
N VAL C 48 12.06 11.20 -13.96
CA VAL C 48 12.82 10.35 -14.89
C VAL C 48 13.15 9.04 -14.20
N PRO C 49 13.32 7.97 -14.97
CA PRO C 49 13.85 6.73 -14.39
C PRO C 49 15.25 6.93 -13.86
N PRO C 50 15.64 6.15 -12.82
CA PRO C 50 16.90 6.44 -12.10
C PRO C 50 18.17 6.19 -12.89
N ALA C 51 18.21 5.17 -13.74
CA ALA C 51 19.46 4.83 -14.42
C ALA C 51 19.90 5.90 -15.41
N GLU C 52 21.18 6.27 -15.36
CA GLU C 52 21.75 7.29 -16.23
C GLU C 52 22.68 6.65 -17.25
N PHE C 53 22.63 7.15 -18.48
CA PHE C 53 23.47 6.65 -19.55
C PHE C 53 24.27 7.81 -20.11
N LEU C 54 25.57 7.81 -19.82
CA LEU C 54 26.47 8.84 -20.33
C LEU C 54 26.65 8.65 -21.83
N GLN C 55 26.52 9.75 -22.57
CA GLN C 55 26.60 9.65 -24.03
C GLN C 55 27.99 9.19 -24.47
N SER C 56 29.04 9.61 -23.75
CA SER C 56 30.40 9.21 -24.09
C SER C 56 30.60 7.72 -23.99
N GLU C 57 29.73 7.01 -23.28
CA GLU C 57 29.85 5.57 -23.14
C GLU C 57 28.77 4.77 -23.87
N TYR C 58 27.84 5.43 -24.53
CA TYR C 58 26.67 4.69 -25.00
C TYR C 58 26.98 3.80 -26.20
N PRO C 59 27.73 4.27 -27.22
CA PRO C 59 28.05 3.37 -28.33
C PRO C 59 28.63 2.02 -27.91
N ASP C 60 29.50 1.97 -26.91
CA ASP C 60 30.01 0.68 -26.45
C ASP C 60 28.88 -0.16 -25.87
N PHE C 61 28.08 0.43 -24.98
CA PHE C 61 27.01 -0.30 -24.32
C PHE C 61 25.98 -0.80 -25.33
N PHE C 62 25.54 0.10 -26.21
CA PHE C 62 24.47 -0.20 -27.16
C PHE C 62 24.89 -1.30 -28.13
N PHE C 63 26.07 -1.15 -28.76
CA PHE C 63 26.51 -2.17 -29.72
C PHE C 63 26.89 -3.46 -29.01
N ASN C 64 27.30 -3.41 -27.73
CA ASN C 64 27.52 -4.65 -27.00
C ASN C 64 26.23 -5.41 -26.80
N ILE C 65 25.27 -4.76 -26.16
CA ILE C 65 24.09 -5.42 -25.65
C ILE C 65 23.21 -5.98 -26.76
N THR C 66 23.38 -5.49 -27.98
CA THR C 66 22.64 -5.98 -29.13
C THR C 66 23.45 -6.96 -29.98
N ASN C 67 24.64 -7.35 -29.52
CA ASN C 67 25.54 -8.25 -30.26
C ASN C 67 25.88 -7.71 -31.64
N CYS C 68 26.21 -6.41 -31.71
CA CYS C 68 26.58 -5.76 -32.96
C CYS C 68 28.02 -5.26 -32.95
N GLY C 69 28.83 -5.73 -32.01
CA GLY C 69 30.20 -5.24 -31.85
C GLY C 69 31.06 -5.48 -33.07
N GLU C 70 30.64 -6.37 -33.97
CA GLU C 70 31.38 -6.65 -35.18
C GLU C 70 31.14 -5.62 -36.27
N LYS C 71 30.11 -4.78 -36.11
CA LYS C 71 29.77 -3.77 -37.12
C LYS C 71 30.55 -2.47 -36.90
N GLU C 72 31.84 -2.54 -37.21
CA GLU C 72 32.78 -1.48 -36.83
C GLU C 72 32.49 -0.16 -37.53
N ALA C 73 32.21 -0.21 -38.82
CA ALA C 73 31.95 1.05 -39.54
C ALA C 73 30.65 1.69 -39.05
N LEU C 74 29.63 0.87 -38.81
CA LEU C 74 28.36 1.38 -38.31
C LEU C 74 28.52 1.98 -36.93
N LYS C 75 29.30 1.32 -36.07
CA LYS C 75 29.51 1.84 -34.72
C LYS C 75 30.25 3.17 -34.76
N ALA C 76 31.22 3.31 -35.67
CA ALA C 76 31.90 4.59 -35.80
C ALA C 76 30.92 5.68 -36.22
N LYS C 77 30.04 5.38 -37.17
CA LYS C 77 29.03 6.33 -37.59
C LYS C 77 28.15 6.73 -36.41
N PHE C 78 27.72 5.74 -35.62
CA PHE C 78 26.90 6.03 -34.46
C PHE C 78 27.64 6.95 -33.49
N LYS C 79 28.95 6.73 -33.33
CA LYS C 79 29.73 7.57 -32.43
C LYS C 79 29.83 9.00 -32.94
N ARG C 80 30.00 9.19 -34.26
CA ARG C 80 29.99 10.52 -34.81
C ARG C 80 28.65 11.22 -34.55
N ILE C 81 27.54 10.49 -34.71
CA ILE C 81 26.22 11.07 -34.41
C ILE C 81 26.11 11.44 -32.93
N CYS C 82 26.52 10.55 -32.02
CA CYS C 82 26.49 10.85 -30.58
C CYS C 82 27.31 12.09 -30.28
N ASP C 83 28.49 12.18 -30.87
CA ASP C 83 29.36 13.31 -30.60
C ASP C 83 28.75 14.62 -31.10
N LYS C 84 27.87 14.58 -32.09
CA LYS C 84 27.30 15.82 -32.58
C LYS C 84 25.92 16.08 -32.00
N SER C 85 25.49 15.25 -31.04
CA SER C 85 24.10 15.24 -30.57
C SER C 85 23.78 16.37 -29.60
N GLY C 86 24.78 16.94 -28.93
CA GLY C 86 24.50 17.94 -27.92
C GLY C 86 23.99 17.36 -26.62
N ILE C 87 24.18 16.06 -26.40
CA ILE C 87 23.61 15.35 -25.27
C ILE C 87 24.76 14.84 -24.41
N ARG C 88 24.70 15.13 -23.12
CA ARG C 88 25.68 14.58 -22.20
C ARG C 88 25.21 13.28 -21.56
N LYS C 89 23.95 13.18 -21.14
CA LYS C 89 23.41 11.92 -20.63
C LYS C 89 21.90 11.85 -20.86
N ARG C 90 21.38 10.63 -20.75
CA ARG C 90 19.94 10.37 -20.86
C ARG C 90 19.55 9.39 -19.77
N HIS C 91 18.27 9.41 -19.38
CA HIS C 91 17.70 8.45 -18.43
C HIS C 91 16.85 7.41 -19.16
N MET C 92 16.96 6.15 -18.75
CA MET C 92 16.25 5.06 -19.43
C MET C 92 15.89 3.93 -18.46
N PHE C 93 14.70 3.34 -18.66
CA PHE C 93 14.32 2.14 -17.93
C PHE C 93 15.07 0.91 -18.44
N LEU C 94 15.49 0.91 -19.72
CA LEU C 94 16.14 -0.25 -20.33
C LEU C 94 17.59 -0.38 -19.83
N THR C 95 17.75 -1.01 -18.66
CA THR C 95 19.07 -1.29 -18.13
C THR C 95 19.62 -2.60 -18.69
N GLU C 96 20.87 -2.89 -18.35
CA GLU C 96 21.43 -4.17 -18.75
C GLU C 96 20.58 -5.35 -18.26
N GLU C 97 20.11 -5.30 -17.01
CA GLU C 97 19.28 -6.40 -16.50
C GLU C 97 18.01 -6.56 -17.32
N VAL C 98 17.33 -5.45 -17.61
CA VAL C 98 16.06 -5.51 -18.32
C VAL C 98 16.26 -6.02 -19.73
N LEU C 99 17.31 -5.53 -20.40
CA LEU C 99 17.55 -5.93 -21.79
C LEU C 99 17.90 -7.40 -21.89
N LYS C 100 18.72 -7.91 -20.96
CA LYS C 100 19.02 -9.35 -21.00
C LYS C 100 17.76 -10.18 -20.75
N ALA C 101 16.84 -9.69 -19.92
CA ALA C 101 15.63 -10.41 -19.60
C ALA C 101 14.57 -10.29 -20.71
N ASN C 102 14.79 -9.44 -21.70
CA ASN C 102 13.87 -9.30 -22.83
C ASN C 102 14.68 -9.31 -24.14
N PRO C 103 15.27 -10.46 -24.48
CA PRO C 103 16.17 -10.51 -25.65
C PRO C 103 15.53 -10.10 -26.95
N GLY C 104 14.22 -10.27 -27.12
CA GLY C 104 13.59 -9.86 -28.37
C GLY C 104 13.76 -8.38 -28.65
N ILE C 105 13.79 -7.56 -27.59
CA ILE C 105 13.94 -6.12 -27.78
C ILE C 105 15.33 -5.80 -28.33
N CYS C 106 16.31 -6.70 -28.15
CA CYS C 106 17.67 -6.51 -28.62
C CYS C 106 17.87 -6.93 -30.07
N THR C 107 16.83 -7.40 -30.73
CA THR C 107 16.93 -7.78 -32.13
C THR C 107 16.54 -6.63 -33.04
N TYR C 108 16.77 -6.83 -34.34
CA TYR C 108 16.45 -5.84 -35.34
C TYR C 108 14.96 -5.88 -35.69
N MET C 109 14.43 -7.06 -36.03
CA MET C 109 13.06 -7.17 -36.49
C MET C 109 12.37 -8.45 -36.02
N GLU C 110 12.86 -9.11 -34.96
CA GLU C 110 12.11 -10.21 -34.36
C GLU C 110 10.85 -9.68 -33.67
N PRO C 111 9.74 -10.42 -33.75
CA PRO C 111 8.50 -9.94 -33.13
C PRO C 111 8.60 -9.79 -31.62
N SER C 112 8.31 -8.58 -31.13
CA SER C 112 8.58 -8.28 -29.73
C SER C 112 7.56 -7.32 -29.12
N LEU C 113 6.50 -6.95 -29.84
CA LEU C 113 5.60 -5.90 -29.36
C LEU C 113 4.95 -6.30 -28.05
N ASN C 114 4.72 -7.59 -27.86
CA ASN C 114 4.06 -8.04 -26.64
C ASN C 114 4.90 -7.71 -25.41
N VAL C 115 6.18 -8.11 -25.41
CA VAL C 115 6.99 -7.79 -24.22
C VAL C 115 7.23 -6.27 -24.11
N ARG C 116 7.21 -5.55 -25.24
CA ARG C 116 7.37 -4.11 -25.19
C ARG C 116 6.17 -3.44 -24.51
N HIS C 117 4.97 -3.85 -24.87
CA HIS C 117 3.79 -3.25 -24.24
C HIS C 117 3.68 -3.61 -22.76
N ASP C 118 4.14 -4.81 -22.36
CA ASP C 118 4.07 -5.14 -20.93
C ASP C 118 4.98 -4.25 -20.10
N ILE C 119 6.05 -3.72 -20.71
CA ILE C 119 6.89 -2.77 -20.00
C ILE C 119 6.21 -1.39 -19.96
N VAL C 120 5.85 -0.84 -21.12
CA VAL C 120 5.41 0.55 -21.13
C VAL C 120 4.01 0.73 -20.54
N VAL C 121 3.18 -0.32 -20.53
CA VAL C 121 1.85 -0.13 -19.97
C VAL C 121 1.93 0.16 -18.48
N VAL C 122 2.97 -0.30 -17.78
CA VAL C 122 3.09 0.12 -16.38
C VAL C 122 4.02 1.33 -16.25
N GLN C 123 5.11 1.41 -17.03
CA GLN C 123 6.11 2.45 -16.76
C GLN C 123 5.60 3.85 -17.12
N VAL C 124 4.86 3.98 -18.22
CA VAL C 124 4.41 5.30 -18.65
C VAL C 124 3.47 5.95 -17.63
N PRO C 125 2.44 5.27 -17.11
CA PRO C 125 1.66 5.91 -16.04
C PRO C 125 2.40 5.98 -14.74
N LYS C 126 3.30 5.04 -14.47
CA LYS C 126 4.00 5.10 -13.19
C LYS C 126 4.90 6.33 -13.12
N LEU C 127 5.57 6.63 -14.23
CA LEU C 127 6.41 7.82 -14.30
C LEU C 127 5.56 9.09 -14.25
N ALA C 128 4.40 9.05 -14.91
CA ALA C 128 3.48 10.20 -14.87
C ALA C 128 3.02 10.49 -13.46
N ALA C 129 2.77 9.44 -12.67
CA ALA C 129 2.31 9.64 -11.30
C ALA C 129 3.40 10.29 -10.46
N GLU C 130 4.67 9.92 -10.70
CA GLU C 130 5.74 10.54 -9.96
C GLU C 130 5.77 12.04 -10.22
N ALA C 131 5.66 12.43 -11.49
CA ALA C 131 5.70 13.84 -11.83
C ALA C 131 4.45 14.54 -11.31
N ALA C 132 3.34 13.83 -11.30
CA ALA C 132 2.08 14.44 -10.88
C ALA C 132 2.09 14.82 -9.41
N GLN C 133 2.68 13.98 -8.55
CA GLN C 133 2.76 14.30 -7.13
C GLN C 133 3.54 15.57 -6.91
N LYS C 134 4.63 15.75 -7.65
CA LYS C 134 5.44 16.96 -7.50
C LYS C 134 4.65 18.17 -7.96
N ALA C 135 3.95 18.08 -9.09
CA ALA C 135 3.19 19.24 -9.58
C ALA C 135 2.07 19.60 -8.59
N ILE C 136 1.43 18.59 -8.01
CA ILE C 136 0.34 18.87 -7.09
C ILE C 136 0.87 19.51 -5.81
N LYS C 137 2.04 19.04 -5.33
CA LYS C 137 2.69 19.69 -4.19
C LYS C 137 2.93 21.16 -4.46
N GLU C 138 3.50 21.50 -5.63
CA GLU C 138 3.75 22.91 -5.91
C GLU C 138 2.44 23.68 -6.02
N TRP C 139 1.44 23.07 -6.66
CA TRP C 139 0.13 23.71 -6.79
C TRP C 139 -0.45 24.06 -5.42
N GLY C 140 -0.42 23.13 -4.49
CA GLY C 140 -0.97 23.38 -3.17
C GLY C 140 -2.41 22.94 -2.98
N GLY C 141 -3.08 22.48 -4.04
CA GLY C 141 -4.46 22.09 -3.97
C GLY C 141 -4.67 20.64 -3.52
N ARG C 142 -5.94 20.26 -3.44
CA ARG C 142 -6.29 18.88 -3.13
C ARG C 142 -6.45 18.08 -4.40
N LYS C 143 -6.02 16.83 -4.34
CA LYS C 143 -6.21 15.94 -5.47
C LYS C 143 -7.70 15.79 -5.80
N SER C 144 -8.58 15.83 -4.79
CA SER C 144 -10.02 15.68 -5.04
C SER C 144 -10.61 16.85 -5.81
N ASP C 145 -9.83 17.90 -6.04
CA ASP C 145 -10.24 19.02 -6.85
C ASP C 145 -9.66 18.95 -8.26
N ILE C 146 -8.88 17.90 -8.57
CA ILE C 146 -8.55 17.67 -9.97
C ILE C 146 -9.82 17.27 -10.70
N THR C 147 -10.12 17.94 -11.82
CA THR C 147 -11.34 17.63 -12.56
C THR C 147 -11.10 17.00 -13.92
N HIS C 148 -9.88 17.10 -14.47
CA HIS C 148 -9.60 16.73 -15.85
C HIS C 148 -8.18 16.17 -15.93
N ILE C 149 -7.97 15.23 -16.86
CA ILE C 149 -6.64 14.79 -17.26
C ILE C 149 -6.54 14.89 -18.78
N VAL C 150 -5.46 15.51 -19.27
CA VAL C 150 -5.10 15.48 -20.68
C VAL C 150 -3.72 14.85 -20.75
N PHE C 151 -3.57 13.79 -21.56
CA PHE C 151 -2.42 12.88 -21.51
C PHE C 151 -1.94 12.59 -22.92
N ALA C 152 -0.67 12.89 -23.20
CA ALA C 152 0.00 12.56 -24.45
C ALA C 152 1.14 11.60 -24.19
N THR C 153 1.38 10.71 -25.15
CA THR C 153 2.52 9.81 -25.14
C THR C 153 2.75 9.34 -26.57
N THR C 154 3.92 8.78 -26.81
CA THR C 154 4.26 8.13 -28.06
C THR C 154 4.70 6.69 -27.78
N SER C 155 4.50 6.20 -26.56
CA SER C 155 5.12 4.96 -26.11
C SER C 155 4.11 3.82 -25.93
N GLY C 156 3.50 3.35 -27.01
CA GLY C 156 2.57 2.24 -26.95
C GLY C 156 1.16 2.66 -26.57
N VAL C 157 0.24 1.69 -26.66
CA VAL C 157 -1.19 1.94 -26.43
C VAL C 157 -1.75 0.78 -25.63
N ASN C 158 -2.87 1.05 -24.94
CA ASN C 158 -3.50 -0.01 -24.17
C ASN C 158 -4.95 0.37 -23.89
N MET C 159 -5.76 -0.64 -23.59
CA MET C 159 -7.14 -0.44 -23.16
C MET C 159 -7.39 -1.19 -21.85
N PRO C 160 -7.76 -0.49 -20.76
CA PRO C 160 -7.92 0.97 -20.65
C PRO C 160 -6.59 1.71 -20.78
N GLY C 161 -6.57 3.05 -20.93
CA GLY C 161 -5.37 3.77 -21.28
C GLY C 161 -4.56 4.26 -20.08
N ALA C 162 -3.41 4.87 -20.38
CA ALA C 162 -2.57 5.42 -19.32
C ALA C 162 -3.35 6.41 -18.46
N ASP C 163 -4.30 7.13 -19.07
CA ASP C 163 -5.10 8.09 -18.33
C ASP C 163 -5.86 7.41 -17.19
N HIS C 164 -6.48 6.27 -17.50
CA HIS C 164 -7.16 5.49 -16.47
C HIS C 164 -6.18 5.00 -15.41
N ALA C 165 -5.02 4.47 -15.84
CA ALA C 165 -4.00 4.03 -14.89
C ALA C 165 -3.58 5.15 -13.96
N LEU C 166 -3.31 6.33 -14.52
CA LEU C 166 -2.85 7.45 -13.69
C LEU C 166 -3.90 7.86 -12.66
N ALA C 167 -5.18 7.90 -13.07
CA ALA C 167 -6.26 8.20 -12.12
C ALA C 167 -6.29 7.22 -10.96
N LYS C 168 -6.10 5.93 -11.24
CA LYS C 168 -6.03 4.92 -10.19
C LYS C 168 -4.84 5.20 -9.25
N LEU C 169 -3.64 5.37 -9.82
CA LEU C 169 -2.44 5.50 -9.01
C LEU C 169 -2.50 6.70 -8.07
N LEU C 170 -3.09 7.80 -8.53
CA LEU C 170 -3.17 9.02 -7.76
C LEU C 170 -4.37 9.06 -6.84
N GLY C 171 -5.30 8.11 -7.00
CA GLY C 171 -6.54 8.09 -6.26
C GLY C 171 -7.45 9.28 -6.52
N LEU C 172 -7.65 9.62 -7.80
CA LEU C 172 -8.53 10.72 -8.15
C LEU C 172 -10.00 10.27 -8.08
N LYS C 173 -10.88 11.24 -8.22
CA LYS C 173 -12.30 10.92 -8.26
C LYS C 173 -12.66 10.11 -9.50
N PRO C 174 -13.53 9.11 -9.37
CA PRO C 174 -13.92 8.33 -10.54
C PRO C 174 -14.55 9.14 -11.65
N THR C 175 -15.00 10.35 -11.37
CA THR C 175 -15.66 11.18 -12.37
C THR C 175 -14.73 12.13 -13.09
N VAL C 176 -13.42 11.92 -12.98
CA VAL C 176 -12.48 12.78 -13.68
C VAL C 176 -12.69 12.70 -15.19
N LYS C 177 -12.60 13.85 -15.86
CA LYS C 177 -12.78 13.89 -17.31
C LYS C 177 -11.44 13.70 -18.00
N ARG C 178 -11.37 12.78 -18.97
CA ARG C 178 -10.10 12.34 -19.55
C ARG C 178 -10.05 12.58 -21.06
N VAL C 179 -8.86 12.98 -21.54
CA VAL C 179 -8.57 13.07 -22.96
C VAL C 179 -7.22 12.37 -23.18
N MET C 180 -7.24 11.21 -23.84
CA MET C 180 -6.06 10.35 -23.99
C MET C 180 -5.57 10.48 -25.44
N MET C 181 -4.47 11.20 -25.63
CA MET C 181 -3.91 11.38 -26.97
C MET C 181 -2.73 10.43 -27.13
N TYR C 182 -3.05 9.18 -27.46
CA TYR C 182 -2.03 8.19 -27.75
C TYR C 182 -1.33 8.49 -29.07
N GLN C 183 -0.02 8.21 -29.13
CA GLN C 183 0.73 8.18 -30.38
C GLN C 183 0.88 9.58 -31.02
N THR C 184 1.20 10.59 -30.21
CA THR C 184 1.29 11.95 -30.75
C THR C 184 2.61 12.19 -31.48
N GLY C 185 3.72 11.68 -30.94
CA GLY C 185 5.04 12.12 -31.34
C GLY C 185 5.48 13.40 -30.62
N PHE C 187 5.16 16.59 -30.81
CA PHE C 187 4.44 17.84 -30.62
C PHE C 187 3.42 17.71 -29.48
N GLY C 188 3.38 16.53 -28.82
CA GLY C 188 2.30 16.25 -27.90
C GLY C 188 2.34 17.11 -26.64
N GLY C 189 3.54 17.56 -26.23
CA GLY C 189 3.65 18.44 -25.08
C GLY C 189 2.91 19.73 -25.30
N ALA C 190 3.06 20.33 -26.48
CA ALA C 190 2.28 21.51 -26.83
C ALA C 190 0.78 21.18 -26.93
N SER C 191 0.45 19.98 -27.44
CA SER C 191 -0.94 19.58 -27.62
C SER C 191 -1.70 19.52 -26.29
N VAL C 192 -1.08 18.94 -25.25
CA VAL C 192 -1.82 18.80 -23.99
C VAL C 192 -2.10 20.19 -23.43
N LEU C 193 -1.18 21.14 -23.62
CA LEU C 193 -1.39 22.47 -23.07
C LEU C 193 -2.46 23.23 -23.86
N ARG C 194 -2.52 22.99 -25.16
CA ARG C 194 -3.61 23.55 -25.98
C ARG C 194 -4.97 23.03 -25.52
N VAL C 195 -5.08 21.72 -25.32
CA VAL C 195 -6.36 21.15 -24.91
C VAL C 195 -6.71 21.58 -23.50
N ALA C 196 -5.72 21.56 -22.59
CA ALA C 196 -5.96 22.01 -21.22
C ALA C 196 -6.48 23.45 -21.20
N LYS C 197 -6.00 24.31 -22.12
CA LYS C 197 -6.46 25.70 -22.16
C LYS C 197 -7.98 25.79 -22.31
N ASP C 198 -8.53 25.11 -23.33
CA ASP C 198 -9.98 25.17 -23.57
C ASP C 198 -10.76 24.50 -22.46
N LEU C 199 -10.23 23.41 -21.89
CA LEU C 199 -10.95 22.71 -20.83
C LEU C 199 -11.02 23.56 -19.56
N ALA C 200 -9.92 24.28 -19.25
CA ALA C 200 -9.90 25.12 -18.06
C ALA C 200 -10.72 26.40 -18.26
N GLU C 201 -10.60 27.02 -19.43
CA GLU C 201 -11.27 28.30 -19.65
C GLU C 201 -12.79 28.13 -19.78
N ASN C 202 -13.27 26.95 -20.16
CA ASN C 202 -14.69 26.74 -20.40
C ASN C 202 -15.42 26.08 -19.23
N ASN C 203 -14.75 25.82 -18.11
CA ASN C 203 -15.39 25.11 -17.01
C ASN C 203 -15.00 25.77 -15.70
N LYS C 204 -15.94 26.47 -15.07
CA LYS C 204 -15.66 27.18 -13.83
C LYS C 204 -15.18 26.22 -12.74
N GLY C 205 -14.05 26.55 -12.15
CA GLY C 205 -13.51 25.72 -11.12
C GLY C 205 -12.68 24.56 -11.61
N ALA C 206 -12.49 24.42 -12.92
CA ALA C 206 -11.76 23.27 -13.47
C ALA C 206 -10.28 23.34 -13.13
N ARG C 207 -9.71 22.18 -12.76
CA ARG C 207 -8.28 22.05 -12.48
C ARG C 207 -7.77 20.83 -13.26
N VAL C 208 -6.91 21.07 -14.25
CA VAL C 208 -6.51 20.07 -15.22
C VAL C 208 -5.09 19.60 -14.97
N LEU C 209 -4.90 18.28 -15.03
CA LEU C 209 -3.58 17.69 -15.13
C LEU C 209 -3.23 17.54 -16.61
N ALA C 210 -2.26 18.35 -17.07
CA ALA C 210 -1.70 18.23 -18.41
C ALA C 210 -0.44 17.37 -18.31
N VAL C 211 -0.44 16.20 -18.98
CA VAL C 211 0.53 15.14 -18.75
C VAL C 211 1.19 14.72 -20.06
N ALA C 212 2.51 14.56 -20.05
CA ALA C 212 3.26 13.94 -21.13
C ALA C 212 4.30 12.99 -20.55
N SER C 213 4.26 11.72 -20.98
CA SER C 213 5.14 10.71 -20.40
C SER C 213 5.64 9.78 -21.49
N GLU C 214 6.93 9.48 -21.50
CA GLU C 214 7.53 8.70 -22.59
C GLU C 214 8.53 7.71 -22.02
N VAL C 215 8.54 6.47 -22.55
CA VAL C 215 9.53 5.45 -22.19
C VAL C 215 9.95 4.72 -23.48
N THR C 216 11.26 4.66 -23.74
CA THR C 216 11.76 4.33 -25.08
C THR C 216 11.68 2.84 -25.41
N ALA C 217 11.09 2.01 -24.53
CA ALA C 217 11.11 0.55 -24.73
C ALA C 217 10.28 0.09 -25.93
N VAL C 218 9.38 0.92 -26.46
CA VAL C 218 8.59 0.54 -27.62
C VAL C 218 9.35 0.79 -28.91
N THR C 219 10.35 1.68 -28.91
CA THR C 219 11.05 2.07 -30.11
C THR C 219 12.47 1.55 -30.22
N TYR C 220 13.08 1.16 -29.10
CA TYR C 220 14.46 0.69 -29.08
C TYR C 220 14.67 -0.50 -30.02
N ARG C 221 15.78 -0.51 -30.76
CA ARG C 221 16.16 -1.74 -31.49
C ARG C 221 17.62 -1.70 -31.92
N ALA C 222 18.13 -2.89 -32.26
CA ALA C 222 19.51 -3.07 -32.68
C ALA C 222 19.85 -2.15 -33.85
N PRO C 223 21.07 -1.67 -33.94
CA PRO C 223 21.48 -0.83 -35.07
C PRO C 223 21.62 -1.63 -36.36
N SER C 224 21.40 -0.95 -37.49
CA SER C 224 21.42 -1.62 -38.77
C SER C 224 21.82 -0.70 -39.91
N GLU C 225 22.69 -1.20 -40.81
CA GLU C 225 23.04 -0.41 -42.00
C GLU C 225 21.82 -0.13 -42.88
N ASN C 226 20.75 -0.90 -42.74
CA ASN C 226 19.52 -0.67 -43.49
C ASN C 226 18.63 0.39 -42.88
N HIS C 227 18.93 0.88 -41.68
CA HIS C 227 18.02 1.74 -40.96
C HIS C 227 18.83 2.90 -40.35
N LEU C 228 19.29 3.81 -41.22
CA LEU C 228 20.16 4.88 -40.76
C LEU C 228 19.42 5.92 -39.93
N ASP C 229 18.17 6.23 -40.27
CA ASP C 229 17.41 7.11 -39.38
C ASP C 229 17.26 6.46 -38.02
N GLY C 230 17.17 5.12 -37.98
CA GLY C 230 17.18 4.42 -36.71
C GLY C 230 18.36 4.81 -35.83
N LEU C 231 19.56 4.84 -36.42
CA LEU C 231 20.76 5.26 -35.69
C LEU C 231 20.57 6.59 -34.98
N VAL C 232 19.91 7.56 -35.65
CA VAL C 232 19.72 8.88 -35.07
C VAL C 232 18.75 8.82 -33.90
N GLY C 233 17.65 8.08 -34.05
CA GLY C 233 16.75 7.89 -32.93
C GLY C 233 17.46 7.29 -31.72
N SER C 234 18.28 6.26 -31.96
CA SER C 234 19.00 5.60 -30.88
C SER C 234 19.95 6.56 -30.15
N ALA C 235 20.38 7.64 -30.81
CA ALA C 235 21.27 8.59 -30.18
C ALA C 235 20.53 9.68 -29.43
N LEU C 236 19.27 9.94 -29.79
CA LEU C 236 18.57 11.12 -29.30
C LEU C 236 17.58 10.81 -28.18
N PHE C 237 16.82 9.71 -28.29
CA PHE C 237 15.64 9.52 -27.45
C PHE C 237 16.00 9.07 -26.03
N GLY C 238 15.31 9.66 -25.05
CA GLY C 238 15.39 9.24 -23.66
C GLY C 238 14.03 9.25 -23.02
N ASP C 239 13.98 8.81 -21.75
CA ASP C 239 12.74 8.66 -20.98
C ASP C 239 12.52 9.85 -20.07
N GLY C 240 11.25 10.19 -19.84
CA GLY C 240 10.91 11.27 -18.93
C GLY C 240 9.44 11.63 -18.96
N ALA C 241 8.97 12.34 -17.94
CA ALA C 241 7.58 12.77 -17.87
C ALA C 241 7.48 14.10 -17.14
N GLY C 242 6.61 14.97 -17.63
CA GLY C 242 6.27 16.19 -16.94
C GLY C 242 4.76 16.35 -16.88
N VAL C 243 4.28 16.98 -15.81
CA VAL C 243 2.88 17.34 -15.71
C VAL C 243 2.73 18.75 -15.14
N TYR C 244 1.76 19.50 -15.66
CA TYR C 244 1.38 20.80 -15.13
C TYR C 244 -0.04 20.74 -14.55
N VAL C 245 -0.29 21.49 -13.49
CA VAL C 245 -1.67 21.77 -13.08
C VAL C 245 -2.08 23.06 -13.76
N VAL C 246 -3.16 23.01 -14.56
CA VAL C 246 -3.64 24.14 -15.34
C VAL C 246 -5.05 24.50 -14.89
N GLY C 247 -5.29 25.80 -14.72
CA GLY C 247 -6.58 26.29 -14.27
C GLY C 247 -6.77 27.78 -14.44
N SER C 248 -8.01 28.20 -14.71
CA SER C 248 -8.38 29.61 -14.73
C SER C 248 -8.82 30.06 -13.34
N ASP C 249 -8.81 31.36 -13.14
CA ASP C 249 -9.34 32.02 -11.93
C ASP C 249 -8.65 31.52 -10.67
N PRO C 250 -7.34 31.76 -10.52
CA PRO C 250 -6.65 31.28 -9.31
C PRO C 250 -7.13 32.01 -8.07
N LYS C 251 -7.36 31.23 -7.02
CA LYS C 251 -7.82 31.74 -5.73
C LYS C 251 -6.75 32.68 -5.16
N PRO C 252 -7.08 33.94 -4.86
CA PRO C 252 -5.99 34.91 -4.60
C PRO C 252 -5.08 34.59 -3.43
N GLU C 253 -5.62 34.28 -2.26
CA GLU C 253 -4.72 34.01 -1.14
C GLU C 253 -4.12 32.62 -1.19
N VAL C 254 -4.38 31.83 -2.24
CA VAL C 254 -4.18 30.40 -2.10
C VAL C 254 -3.37 29.77 -3.25
N GLU C 255 -3.59 30.23 -4.47
CA GLU C 255 -2.95 29.69 -5.66
C GLU C 255 -2.08 30.73 -6.33
N LYS C 256 -0.92 30.31 -6.82
CA LYS C 256 0.06 31.24 -7.38
C LYS C 256 0.34 30.88 -8.83
N PRO C 257 -0.14 31.66 -9.80
CA PRO C 257 0.12 31.34 -11.20
C PRO C 257 1.56 31.63 -11.60
N LEU C 258 2.15 30.70 -12.35
CA LEU C 258 3.49 30.81 -12.89
C LEU C 258 3.49 31.34 -14.32
N PHE C 259 2.54 30.91 -15.14
CA PHE C 259 2.40 31.42 -16.50
C PHE C 259 0.92 31.51 -16.86
N GLU C 260 0.59 32.45 -17.75
CA GLU C 260 -0.74 32.56 -18.34
C GLU C 260 -0.67 32.08 -19.78
N VAL C 261 -1.70 31.39 -20.23
CA VAL C 261 -1.79 30.94 -21.61
C VAL C 261 -2.73 31.90 -22.35
N HIS C 262 -2.23 32.52 -23.40
CA HIS C 262 -3.02 33.53 -24.12
C HIS C 262 -3.43 33.13 -25.53
N TRP C 263 -2.70 32.23 -26.17
CA TRP C 263 -3.00 31.85 -27.54
C TRP C 263 -2.49 30.44 -27.80
N ALA C 264 -3.22 29.68 -28.62
CA ALA C 264 -2.78 28.36 -29.02
C ALA C 264 -3.24 28.04 -30.43
N GLY C 265 -2.30 27.59 -31.25
CA GLY C 265 -2.59 27.21 -32.62
C GLY C 265 -1.54 26.25 -33.13
N GLU C 266 -1.72 25.84 -34.39
CA GLU C 266 -0.80 24.89 -35.00
C GLU C 266 -0.95 24.98 -36.51
N THR C 267 0.03 24.41 -37.21
CA THR C 267 -0.05 24.34 -38.66
C THR C 267 0.76 23.16 -39.19
N ILE C 268 0.34 22.66 -40.35
CA ILE C 268 1.11 21.69 -41.12
C ILE C 268 1.98 22.47 -42.09
N LEU C 269 3.25 22.12 -42.16
CA LEU C 269 4.17 22.86 -43.03
C LEU C 269 4.03 22.38 -44.46
N PRO C 270 4.18 23.26 -45.46
CA PRO C 270 3.98 22.84 -46.86
C PRO C 270 5.01 21.81 -47.29
N GLU C 271 4.55 20.87 -48.13
CA GLU C 271 5.37 19.87 -48.81
C GLU C 271 6.31 19.18 -47.84
N SER C 272 5.75 18.77 -46.70
CA SER C 272 6.52 18.10 -45.65
C SER C 272 5.98 16.73 -45.34
N ASP C 273 5.11 16.19 -46.19
CA ASP C 273 4.68 14.81 -46.05
C ASP C 273 5.91 13.91 -46.10
N GLY C 274 5.98 12.98 -45.15
CA GLY C 274 7.04 12.01 -45.13
C GLY C 274 8.29 12.45 -44.38
N ALA C 275 8.34 13.70 -43.91
CA ALA C 275 9.50 14.16 -43.14
C ALA C 275 9.71 13.30 -41.90
N ILE C 276 8.60 12.98 -41.22
CA ILE C 276 8.59 12.15 -40.02
C ILE C 276 7.42 11.16 -40.09
N ASP C 277 7.74 9.85 -40.08
CA ASP C 277 6.79 8.73 -40.16
C ASP C 277 6.98 7.79 -38.99
N GLY C 278 5.87 7.20 -38.53
CA GLY C 278 5.94 6.20 -37.47
C GLY C 278 4.89 5.12 -37.55
N HIS C 279 5.32 3.87 -37.69
CA HIS C 279 4.37 2.76 -37.80
C HIS C 279 4.63 1.80 -36.65
N LEU C 280 3.55 1.39 -35.98
CA LEU C 280 3.61 0.39 -34.91
C LEU C 280 3.50 -0.98 -35.54
N THR C 281 4.50 -1.85 -35.32
CA THR C 281 4.61 -3.12 -36.03
C THR C 281 4.76 -4.28 -35.06
N GLU C 282 4.86 -5.49 -35.63
CA GLU C 282 5.15 -6.69 -34.85
C GLU C 282 6.45 -6.56 -34.07
N ALA C 283 7.37 -5.71 -34.57
CA ALA C 283 8.66 -5.53 -33.94
C ALA C 283 8.75 -4.22 -33.15
N GLY C 284 7.60 -3.61 -32.85
CA GLY C 284 7.57 -2.35 -32.14
C GLY C 284 7.43 -1.17 -33.07
N LEU C 285 7.77 0.00 -32.54
CA LEU C 285 7.59 1.26 -33.23
C LEU C 285 8.80 1.54 -34.12
N ILE C 286 8.53 1.82 -35.39
CA ILE C 286 9.56 2.05 -36.39
C ILE C 286 9.31 3.43 -36.98
N PHE C 287 10.30 4.31 -36.84
CA PHE C 287 10.13 5.67 -37.31
C PHE C 287 11.03 5.91 -38.51
N HIS C 288 10.69 6.94 -39.25
CA HIS C 288 11.54 7.41 -40.34
C HIS C 288 11.80 8.90 -40.16
N LEU C 289 13.08 9.27 -40.23
CA LEU C 289 13.53 10.65 -40.10
C LEU C 289 14.25 11.04 -41.37
N MET C 290 13.76 12.10 -42.01
CA MET C 290 14.39 12.65 -43.20
C MET C 290 15.29 13.82 -42.83
N LYS C 291 16.35 13.98 -43.63
CA LYS C 291 17.44 14.86 -43.24
C LYS C 291 17.08 16.33 -43.38
N ASP C 292 16.01 16.67 -44.10
CA ASP C 292 15.64 18.06 -44.29
C ASP C 292 14.77 18.63 -43.16
N VAL C 293 14.60 17.89 -42.05
CA VAL C 293 13.69 18.35 -41.00
C VAL C 293 14.14 19.69 -40.40
N PRO C 294 15.40 19.87 -39.99
CA PRO C 294 15.80 21.21 -39.53
C PRO C 294 15.51 22.28 -40.56
N GLY C 295 15.84 22.03 -41.84
CA GLY C 295 15.57 23.00 -42.89
C GLY C 295 14.10 23.32 -43.06
N LEU C 296 13.23 22.29 -43.00
CA LEU C 296 11.80 22.55 -43.18
C LEU C 296 11.26 23.43 -42.07
N ILE C 297 11.72 23.22 -40.85
CA ILE C 297 11.24 24.02 -39.73
C ILE C 297 11.83 25.42 -39.78
N SER C 298 13.15 25.53 -39.89
CA SER C 298 13.78 26.86 -39.94
C SER C 298 13.24 27.69 -41.11
N LYS C 299 13.08 27.07 -42.27
CA LYS C 299 12.60 27.81 -43.45
C LYS C 299 11.19 28.38 -43.25
N ASN C 300 10.38 27.84 -42.33
CA ASN C 300 8.96 28.19 -42.27
C ASN C 300 8.53 28.81 -40.94
N ILE C 301 9.38 28.79 -39.92
CA ILE C 301 8.88 29.09 -38.59
C ILE C 301 8.55 30.59 -38.46
N GLU C 302 9.34 31.46 -39.07
CA GLU C 302 9.11 32.89 -38.84
C GLU C 302 7.73 33.32 -39.34
N LYS C 303 7.33 32.81 -40.51
CA LYS C 303 6.08 33.30 -41.10
C LYS C 303 4.90 33.04 -40.16
N PHE C 304 4.88 31.86 -39.53
CA PHE C 304 3.77 31.49 -38.64
C PHE C 304 3.88 32.22 -37.31
N LEU C 305 5.08 32.24 -36.71
CA LEU C 305 5.27 32.93 -35.44
C LEU C 305 4.90 34.40 -35.56
N ASN C 306 5.09 34.99 -36.75
CA ASN C 306 4.70 36.37 -36.96
C ASN C 306 3.20 36.55 -36.72
N GLU C 307 2.38 35.55 -37.05
CA GLU C 307 0.95 35.64 -36.77
C GLU C 307 0.66 35.44 -35.30
N ALA C 308 1.29 34.41 -34.69
CA ALA C 308 1.02 34.10 -33.28
C ALA C 308 1.32 35.29 -32.37
N ARG C 309 2.28 36.14 -32.78
CA ARG C 309 2.68 37.31 -32.00
C ARG C 309 1.55 38.32 -31.81
N LYS C 310 0.75 38.52 -32.85
CA LYS C 310 -0.11 39.70 -32.95
C LYS C 310 -1.08 39.86 -31.78
N PRO C 311 -1.82 38.83 -31.36
CA PRO C 311 -2.77 39.04 -30.24
C PRO C 311 -2.12 39.48 -28.93
N VAL C 312 -0.78 39.53 -28.83
CA VAL C 312 -0.21 40.08 -27.61
C VAL C 312 0.63 41.32 -27.91
N GLY C 313 0.39 41.96 -29.05
CA GLY C 313 1.03 43.23 -29.34
C GLY C 313 2.33 43.12 -30.09
N SER C 314 2.64 41.94 -30.63
CA SER C 314 3.77 41.68 -31.53
C SER C 314 5.10 42.16 -30.97
N PRO C 315 5.53 41.68 -29.81
CA PRO C 315 6.89 42.01 -29.32
C PRO C 315 7.99 41.48 -30.24
N ALA C 316 9.18 42.08 -30.11
CA ALA C 316 10.31 41.64 -30.91
C ALA C 316 10.78 40.28 -30.42
N TRP C 317 11.35 39.50 -31.34
CA TRP C 317 11.81 38.14 -30.98
C TRP C 317 12.65 38.13 -29.72
N ASN C 318 13.58 39.07 -29.59
CA ASN C 318 14.52 39.06 -28.47
C ASN C 318 13.93 39.70 -27.22
N GLU C 319 12.65 40.04 -27.24
CA GLU C 319 11.94 40.51 -26.05
C GLU C 319 11.08 39.42 -25.43
N MET C 320 11.21 38.19 -25.94
CA MET C 320 10.40 37.03 -25.58
C MET C 320 11.28 35.89 -25.05
N PHE C 321 10.67 35.00 -24.28
CA PHE C 321 11.35 33.77 -23.93
C PHE C 321 10.91 32.63 -24.86
N TRP C 322 11.73 31.59 -24.90
CA TRP C 322 11.67 30.59 -25.97
C TRP C 322 11.75 29.18 -25.40
N ALA C 323 10.61 28.63 -25.00
CA ALA C 323 10.48 27.23 -24.59
C ALA C 323 10.27 26.37 -25.83
N VAL C 324 11.36 25.92 -26.44
CA VAL C 324 11.32 25.20 -27.71
C VAL C 324 11.70 23.73 -27.48
N HIS C 325 10.91 22.82 -28.08
CA HIS C 325 11.17 21.39 -28.03
C HIS C 325 12.55 21.08 -28.60
N PRO C 326 13.44 20.47 -27.83
CA PRO C 326 14.80 20.16 -28.34
C PRO C 326 14.85 18.89 -29.19
N GLY C 327 14.24 18.95 -30.38
CA GLY C 327 14.26 17.80 -31.27
C GLY C 327 15.67 17.36 -31.63
N GLY C 328 16.56 18.33 -31.81
CA GLY C 328 17.97 18.07 -32.03
C GLY C 328 18.73 19.38 -32.04
N PRO C 329 20.06 19.33 -31.94
CA PRO C 329 20.83 20.57 -31.95
C PRO C 329 20.73 21.32 -33.28
N ALA C 330 20.55 20.61 -34.40
CA ALA C 330 20.43 21.31 -35.68
C ALA C 330 19.19 22.19 -35.70
N ILE C 331 18.11 21.73 -35.08
CA ILE C 331 16.87 22.49 -35.14
C ILE C 331 17.01 23.76 -34.32
N LEU C 332 17.57 23.63 -33.11
CA LEU C 332 17.77 24.80 -32.26
C LEU C 332 18.73 25.79 -32.94
N ASP C 333 19.77 25.27 -33.57
CA ASP C 333 20.80 26.16 -34.13
C ASP C 333 20.20 27.01 -35.25
N GLN C 334 19.48 26.38 -36.19
CA GLN C 334 19.01 27.11 -37.38
C GLN C 334 17.90 28.07 -37.01
N VAL C 335 17.07 27.71 -36.03
CA VAL C 335 16.04 28.65 -35.60
C VAL C 335 16.69 29.86 -34.94
N GLU C 336 17.72 29.62 -34.13
CA GLU C 336 18.48 30.69 -33.52
C GLU C 336 19.06 31.62 -34.57
N ALA C 337 19.61 31.04 -35.64
CA ALA C 337 20.23 31.86 -36.68
C ALA C 337 19.18 32.63 -37.46
N LYS C 338 18.16 31.93 -37.96
CA LYS C 338 17.19 32.58 -38.84
C LYS C 338 16.51 33.75 -38.16
N LEU C 339 16.25 33.65 -36.87
CA LEU C 339 15.59 34.70 -36.12
C LEU C 339 16.56 35.64 -35.42
N LYS C 340 17.87 35.37 -35.52
CA LYS C 340 18.88 36.25 -34.93
C LYS C 340 18.62 36.50 -33.44
N LEU C 341 18.44 35.39 -32.72
CA LEU C 341 18.23 35.44 -31.29
C LEU C 341 19.56 35.53 -30.56
N THR C 342 19.55 36.23 -29.42
CA THR C 342 20.71 36.22 -28.55
C THR C 342 20.88 34.84 -27.90
N LYS C 343 22.13 34.49 -27.64
CA LYS C 343 22.48 33.11 -27.33
C LYS C 343 21.79 32.59 -26.07
N ASP C 344 21.31 33.46 -25.19
CA ASP C 344 20.64 32.99 -23.98
C ASP C 344 19.22 32.48 -24.25
N LYS C 345 18.65 32.82 -25.42
CA LYS C 345 17.25 32.47 -25.67
C LYS C 345 17.03 30.97 -25.72
N MET C 346 17.92 30.23 -26.38
CA MET C 346 17.75 28.78 -26.51
C MET C 346 18.43 27.99 -25.40
N GLN C 347 18.97 28.68 -24.38
CA GLN C 347 19.78 27.98 -23.39
C GLN C 347 18.95 26.96 -22.60
N GLY C 348 17.75 27.34 -22.16
CA GLY C 348 16.90 26.39 -21.46
C GLY C 348 16.71 25.11 -22.25
N SER C 349 16.43 25.25 -23.56
CA SER C 349 16.29 24.06 -24.40
C SER C 349 17.60 23.26 -24.45
N ARG C 350 18.74 23.95 -24.54
CA ARG C 350 20.01 23.23 -24.65
C ARG C 350 20.39 22.55 -23.34
N ASP C 351 19.97 23.11 -22.20
CA ASP C 351 20.17 22.43 -20.92
C ASP C 351 19.45 21.08 -20.92
N ILE C 352 18.18 21.09 -21.32
CA ILE C 352 17.38 19.88 -21.28
C ILE C 352 17.94 18.87 -22.27
N LEU C 353 18.30 19.33 -23.47
CA LEU C 353 18.95 18.44 -24.42
C LEU C 353 20.20 17.82 -23.81
N SER C 354 21.04 18.66 -23.21
CA SER C 354 22.28 18.19 -22.59
C SER C 354 22.03 17.08 -21.57
N GLU C 355 21.09 17.31 -20.66
CA GLU C 355 20.94 16.49 -19.47
C GLU C 355 19.91 15.37 -19.61
N PHE C 356 19.03 15.44 -20.60
CA PHE C 356 17.99 14.44 -20.71
C PHE C 356 17.80 13.92 -22.12
N GLY C 357 18.38 14.59 -23.12
CA GLY C 357 18.15 14.24 -24.50
C GLY C 357 16.74 14.60 -24.94
N ASN C 358 16.30 13.92 -25.99
CA ASN C 358 14.98 14.11 -26.55
C ASN C 358 14.01 13.14 -25.88
N MET C 359 13.14 13.64 -25.01
CA MET C 359 12.14 12.81 -24.36
C MET C 359 10.79 12.93 -25.05
N SER C 360 10.79 13.12 -26.36
CA SER C 360 9.59 13.24 -27.17
C SER C 360 8.65 14.29 -26.56
N SER C 361 7.35 13.99 -26.41
CA SER C 361 6.36 15.01 -26.04
C SER C 361 6.64 15.66 -24.68
N ALA C 362 7.34 14.96 -23.78
CA ALA C 362 7.59 15.50 -22.44
C ALA C 362 8.66 16.58 -22.42
N SER C 363 9.51 16.64 -23.45
CA SER C 363 10.71 17.49 -23.40
C SER C 363 10.34 18.95 -23.12
N VAL C 364 9.39 19.50 -23.88
CA VAL C 364 9.11 20.94 -23.81
C VAL C 364 8.52 21.29 -22.45
N LEU C 365 7.89 20.34 -21.78
CA LEU C 365 7.46 20.64 -20.42
C LEU C 365 8.65 20.87 -19.52
N PHE C 366 9.73 20.10 -19.72
CA PHE C 366 10.96 20.34 -18.95
C PHE C 366 11.56 21.70 -19.27
N VAL C 367 11.54 22.10 -20.54
CA VAL C 367 12.18 23.34 -20.96
C VAL C 367 11.55 24.53 -20.25
N LEU C 368 10.22 24.58 -20.21
CA LEU C 368 9.59 25.72 -19.54
C LEU C 368 9.98 25.75 -18.06
N ASP C 369 10.01 24.58 -17.41
CA ASP C 369 10.44 24.48 -16.02
C ASP C 369 11.87 25.01 -15.86
N GLN C 370 12.73 24.70 -16.82
CA GLN C 370 14.12 25.10 -16.73
C GLN C 370 14.30 26.60 -16.86
N ILE C 371 13.46 27.23 -17.66
CA ILE C 371 13.48 28.68 -17.82
C ILE C 371 13.06 29.36 -16.53
N ARG C 372 12.05 28.80 -15.85
CA ARG C 372 11.66 29.30 -14.54
C ARG C 372 12.82 29.20 -13.55
N HIS C 373 13.47 28.04 -13.52
CA HIS C 373 14.59 27.87 -12.60
C HIS C 373 15.72 28.85 -12.96
N ARG C 374 16.06 28.96 -14.23
CA ARG C 374 17.07 29.94 -14.59
C ARG C 374 16.68 31.33 -14.14
N SER C 375 15.39 31.67 -14.25
CA SER C 375 14.90 32.98 -13.82
C SER C 375 15.16 33.22 -12.33
N VAL C 376 14.79 32.26 -11.48
CA VAL C 376 14.99 32.43 -10.05
C VAL C 376 16.48 32.50 -9.75
N LYS C 377 17.28 31.66 -10.42
CA LYS C 377 18.69 31.57 -10.12
C LYS C 377 19.42 32.87 -10.38
N MET C 378 18.97 33.63 -11.38
CA MET C 378 19.61 34.87 -11.81
C MET C 378 18.92 36.09 -11.23
N GLY C 379 17.85 35.90 -10.47
CA GLY C 379 17.13 37.02 -9.90
C GLY C 379 16.48 37.90 -10.94
N ALA C 380 15.93 37.31 -12.01
CA ALA C 380 15.25 38.10 -13.02
C ALA C 380 13.90 38.57 -12.50
N SER C 381 13.33 39.56 -13.19
CA SER C 381 12.07 40.13 -12.72
C SER C 381 10.85 39.29 -13.11
N THR C 382 10.99 38.41 -14.09
CA THR C 382 9.91 37.53 -14.48
C THR C 382 10.42 36.11 -14.48
N LEU C 383 9.49 35.16 -14.50
CA LEU C 383 9.83 33.75 -14.62
C LEU C 383 10.14 33.36 -16.06
N GLY C 384 10.15 34.33 -16.98
CA GLY C 384 10.63 34.12 -18.34
C GLY C 384 11.93 34.85 -18.60
N GLU C 385 12.84 34.78 -17.63
CA GLU C 385 14.19 35.36 -17.70
C GLU C 385 14.14 36.86 -17.99
N GLY C 386 13.14 37.54 -17.45
CA GLY C 386 12.98 38.96 -17.65
C GLY C 386 11.97 39.32 -18.72
N SER C 387 11.77 38.45 -19.71
CA SER C 387 10.80 38.73 -20.76
C SER C 387 9.37 38.58 -20.22
N GLU C 388 8.44 39.26 -20.88
CA GLU C 388 7.04 39.21 -20.46
C GLU C 388 6.29 38.09 -21.16
N PHE C 389 6.37 38.02 -22.48
CA PHE C 389 5.69 36.99 -23.24
C PHE C 389 6.71 36.00 -23.77
N GLY C 390 6.22 34.81 -24.10
CA GLY C 390 7.07 33.76 -24.62
C GLY C 390 6.29 32.73 -25.42
N PHE C 391 7.04 31.96 -26.19
CA PHE C 391 6.51 30.89 -27.03
C PHE C 391 6.77 29.54 -26.36
N PHE C 392 5.80 28.63 -26.51
CA PHE C 392 5.89 27.25 -26.07
C PHE C 392 5.69 26.41 -27.33
N ILE C 393 6.75 25.76 -27.83
CA ILE C 393 6.79 25.25 -29.21
C ILE C 393 7.07 23.76 -29.23
N GLY C 394 6.22 23.00 -29.96
CA GLY C 394 6.47 21.60 -30.21
C GLY C 394 6.34 21.32 -31.70
N PHE C 395 7.01 20.24 -32.13
CA PHE C 395 6.84 19.83 -33.51
C PHE C 395 7.06 18.33 -33.63
N GLY C 396 6.55 17.78 -34.74
CA GLY C 396 6.52 16.34 -34.99
C GLY C 396 5.84 15.94 -36.29
N PRO C 397 5.42 14.67 -36.37
CA PRO C 397 4.88 14.13 -37.64
C PRO C 397 3.84 15.06 -38.26
N GLY C 398 3.93 15.25 -39.57
CA GLY C 398 3.01 16.09 -40.30
C GLY C 398 3.48 16.69 -41.62
N LEU C 399 4.50 17.55 -41.60
CA LEU C 399 5.21 17.99 -40.39
C LEU C 399 4.35 19.05 -39.64
N THR C 400 4.06 18.82 -38.35
CA THR C 400 3.19 19.66 -37.55
C THR C 400 4.01 20.59 -36.66
N LEU C 401 3.67 21.88 -36.67
CA LEU C 401 4.24 22.90 -35.79
C LEU C 401 3.15 23.37 -34.83
N GLU C 402 3.40 23.23 -33.53
CA GLU C 402 2.46 23.57 -32.46
C GLU C 402 3.03 24.72 -31.65
N VAL C 403 2.22 25.77 -31.43
CA VAL C 403 2.69 27.00 -30.80
C VAL C 403 1.65 27.52 -29.81
N LEU C 404 2.09 27.80 -28.58
CA LEU C 404 1.30 28.58 -27.62
C LEU C 404 2.05 29.86 -27.26
N VAL C 405 1.30 30.89 -26.89
CA VAL C 405 1.89 32.16 -26.46
C VAL C 405 1.56 32.32 -24.98
N LEU C 406 2.61 32.53 -24.17
CA LEU C 406 2.49 32.62 -22.73
C LEU C 406 2.93 33.99 -22.23
N ARG C 407 2.42 34.36 -21.08
CA ARG C 407 2.93 35.50 -20.31
C ARG C 407 3.47 34.98 -18.99
N ALA C 408 4.70 35.39 -18.63
CA ALA C 408 5.36 34.95 -17.40
C ALA C 408 4.96 35.81 -16.22
N ALA C 409 4.82 35.18 -15.07
CA ALA C 409 4.51 35.86 -13.83
C ALA C 409 5.70 36.69 -13.37
N PRO C 410 5.46 37.67 -12.50
CA PRO C 410 6.59 38.35 -11.84
C PRO C 410 7.29 37.45 -10.83
N ASN C 411 8.59 37.68 -10.66
CA ASN C 411 9.42 36.97 -9.69
C ASN C 411 9.51 37.82 -8.43
N SER C 412 8.74 37.44 -7.40
CA SER C 412 8.68 38.29 -6.21
C SER C 412 9.74 37.91 -5.13
N ARG D 30 -31.19 -39.60 -4.62
CA ARG D 30 -29.97 -39.15 -3.92
C ARG D 30 -28.80 -40.06 -4.30
N ALA D 31 -27.84 -39.49 -5.03
CA ALA D 31 -26.80 -40.33 -5.63
C ALA D 31 -25.87 -40.93 -4.58
N GLN D 32 -25.70 -40.30 -3.44
CA GLN D 32 -25.07 -40.98 -2.31
C GLN D 32 -26.11 -41.14 -1.22
N PRO D 33 -26.58 -42.35 -0.95
CA PRO D 33 -27.71 -42.53 -0.03
C PRO D 33 -27.36 -42.13 1.40
N ARG D 34 -28.31 -41.51 2.08
CA ARG D 34 -28.16 -41.01 3.44
C ARG D 34 -28.48 -42.10 4.46
N ALA D 35 -28.04 -41.89 5.68
CA ALA D 35 -28.32 -42.84 6.74
C ALA D 35 -29.65 -42.50 7.38
N GLU D 36 -30.15 -43.41 8.23
CA GLU D 36 -31.49 -43.24 8.77
C GLU D 36 -31.50 -42.77 10.22
N GLY D 37 -30.73 -43.39 11.11
CA GLY D 37 -30.77 -43.09 12.53
C GLY D 37 -29.80 -42.03 13.03
N PRO D 38 -29.86 -41.67 14.32
CA PRO D 38 -28.90 -40.71 14.85
C PRO D 38 -27.50 -41.29 14.96
N ALA D 39 -26.54 -40.39 14.94
CA ALA D 39 -25.15 -40.78 15.09
C ALA D 39 -24.92 -41.39 16.47
N CYS D 40 -24.11 -42.45 16.52
CA CYS D 40 -23.81 -43.13 17.77
C CYS D 40 -22.33 -43.24 18.03
N VAL D 41 -21.94 -43.05 19.27
CA VAL D 41 -20.60 -43.43 19.67
C VAL D 41 -20.55 -44.95 19.79
N LEU D 42 -19.72 -45.58 18.96
CA LEU D 42 -19.67 -47.04 18.87
C LEU D 42 -18.47 -47.67 19.55
N GLY D 43 -17.49 -46.87 20.00
CA GLY D 43 -16.28 -47.32 20.67
C GLY D 43 -15.37 -46.16 21.06
N ILE D 44 -14.61 -46.30 22.15
CA ILE D 44 -13.77 -45.21 22.67
C ILE D 44 -12.38 -45.75 22.96
N GLY D 45 -11.35 -44.95 22.65
CA GLY D 45 -9.97 -45.28 22.96
C GLY D 45 -9.22 -44.04 23.39
N THR D 46 -8.33 -44.18 24.38
CA THR D 46 -7.52 -43.06 24.83
C THR D 46 -6.06 -43.51 24.95
N ALA D 47 -5.15 -42.55 24.93
CA ALA D 47 -3.72 -42.85 24.96
C ALA D 47 -2.93 -41.67 25.52
N VAL D 48 -1.85 -41.99 26.23
CA VAL D 48 -0.98 -40.95 26.77
C VAL D 48 0.45 -41.42 26.64
N PRO D 49 1.40 -40.48 26.55
CA PRO D 49 2.80 -40.87 26.62
C PRO D 49 3.14 -41.48 27.96
N PRO D 50 4.13 -42.40 28.00
CA PRO D 50 4.38 -43.18 29.24
C PRO D 50 4.93 -42.38 30.41
N ALA D 51 5.79 -41.39 30.19
CA ALA D 51 6.42 -40.69 31.31
C ALA D 51 5.40 -39.85 32.10
N GLU D 52 5.41 -40.00 33.43
CA GLU D 52 4.50 -39.31 34.34
C GLU D 52 5.24 -38.21 35.11
N PHE D 53 4.59 -37.09 35.33
CA PHE D 53 5.20 -35.98 36.06
C PHE D 53 4.29 -35.61 37.22
N LEU D 54 4.74 -35.85 38.46
CA LEU D 54 3.94 -35.44 39.60
C LEU D 54 3.95 -33.94 39.74
N GLN D 55 2.76 -33.37 39.97
CA GLN D 55 2.63 -31.93 40.13
C GLN D 55 3.40 -31.43 41.36
N SER D 56 3.44 -32.23 42.45
CA SER D 56 4.14 -31.83 43.67
C SER D 56 5.64 -31.71 43.45
N GLU D 57 6.15 -32.31 42.39
CA GLU D 57 7.56 -32.29 42.10
C GLU D 57 7.89 -31.48 40.86
N TYR D 58 6.90 -30.87 40.21
CA TYR D 58 7.13 -30.27 38.91
C TYR D 58 7.92 -28.96 39.02
N PRO D 59 7.60 -28.06 39.97
CA PRO D 59 8.40 -26.82 40.05
C PRO D 59 9.91 -27.00 40.14
N ASP D 60 10.42 -27.98 40.89
CA ASP D 60 11.87 -28.23 40.90
C ASP D 60 12.36 -28.67 39.54
N PHE D 61 11.67 -29.63 38.92
CA PHE D 61 12.13 -30.18 37.65
C PHE D 61 12.11 -29.10 36.58
N PHE D 62 11.01 -28.36 36.50
CA PHE D 62 10.81 -27.38 35.43
C PHE D 62 11.86 -26.27 35.51
N PHE D 63 11.99 -25.64 36.68
CA PHE D 63 12.92 -24.52 36.79
C PHE D 63 14.37 -24.98 36.66
N ASN D 64 14.68 -26.22 37.04
CA ASN D 64 16.04 -26.74 36.82
C ASN D 64 16.29 -26.98 35.34
N ILE D 65 15.39 -27.71 34.67
CA ILE D 65 15.68 -28.07 33.29
C ILE D 65 15.76 -26.84 32.41
N THR D 66 15.16 -25.72 32.82
CA THR D 66 15.25 -24.48 32.06
C THR D 66 16.33 -23.53 32.60
N ASN D 67 17.11 -23.99 33.59
CA ASN D 67 18.22 -23.26 34.23
C ASN D 67 17.75 -21.94 34.84
N CYS D 68 16.60 -21.97 35.49
CA CYS D 68 16.04 -20.78 36.12
C CYS D 68 15.89 -20.93 37.63
N GLY D 69 16.58 -21.93 38.21
CA GLY D 69 16.43 -22.32 39.59
C GLY D 69 16.78 -21.24 40.60
N GLU D 70 17.49 -20.20 40.18
CA GLU D 70 17.84 -19.11 41.07
C GLU D 70 16.70 -18.09 41.23
N LYS D 71 15.64 -18.17 40.40
CA LYS D 71 14.53 -17.20 40.39
C LYS D 71 13.49 -17.60 41.44
N GLU D 72 13.87 -17.39 42.71
CA GLU D 72 13.12 -17.98 43.82
C GLU D 72 11.70 -17.43 43.89
N ALA D 73 11.54 -16.11 43.71
CA ALA D 73 10.20 -15.51 43.80
C ALA D 73 9.29 -16.01 42.70
N LEU D 74 9.84 -16.12 41.48
CA LEU D 74 9.07 -16.63 40.37
C LEU D 74 8.68 -18.08 40.59
N LYS D 75 9.61 -18.88 41.11
CA LYS D 75 9.32 -20.29 41.36
C LYS D 75 8.25 -20.45 42.43
N ALA D 76 8.29 -19.58 43.45
CA ALA D 76 7.22 -19.59 44.45
C ALA D 76 5.86 -19.29 43.80
N LYS D 77 5.80 -18.29 42.91
CA LYS D 77 4.55 -18.04 42.21
C LYS D 77 4.12 -19.25 41.41
N PHE D 78 5.05 -19.86 40.66
CA PHE D 78 4.67 -21.03 39.88
C PHE D 78 4.12 -22.12 40.80
N LYS D 79 4.72 -22.30 42.00
CA LYS D 79 4.25 -23.29 42.96
C LYS D 79 2.83 -22.99 43.41
N ARG D 80 2.53 -21.72 43.67
CA ARG D 80 1.16 -21.34 44.02
C ARG D 80 0.20 -21.79 42.94
N ILE D 81 0.56 -21.55 41.68
CA ILE D 81 -0.32 -21.92 40.60
C ILE D 81 -0.51 -23.43 40.56
N CYS D 82 0.59 -24.18 40.71
CA CYS D 82 0.48 -25.63 40.72
C CYS D 82 -0.42 -26.10 41.86
N ASP D 83 -0.28 -25.48 43.04
CA ASP D 83 -1.04 -25.89 44.22
C ASP D 83 -2.53 -25.61 44.05
N LYS D 84 -2.90 -24.64 43.23
CA LYS D 84 -4.30 -24.31 43.03
C LYS D 84 -4.87 -25.01 41.80
N SER D 85 -4.07 -25.84 41.11
CA SER D 85 -4.41 -26.31 39.77
C SER D 85 -5.41 -27.47 39.77
N GLY D 86 -5.50 -28.21 40.87
CA GLY D 86 -6.34 -29.39 40.88
C GLY D 86 -5.74 -30.56 40.16
N ILE D 87 -4.43 -30.54 39.89
CA ILE D 87 -3.77 -31.56 39.07
C ILE D 87 -2.79 -32.35 39.95
N ARG D 88 -2.88 -33.68 39.89
CA ARG D 88 -1.92 -34.51 40.62
C ARG D 88 -0.74 -34.97 39.75
N LYS D 89 -1.00 -35.38 38.50
CA LYS D 89 0.08 -35.72 37.59
C LYS D 89 -0.38 -35.51 36.15
N ARG D 90 0.62 -35.45 35.25
CA ARG D 90 0.43 -35.28 33.83
C ARG D 90 1.42 -36.19 33.09
N HIS D 91 1.07 -36.54 31.86
CA HIS D 91 1.92 -37.33 30.98
C HIS D 91 2.50 -36.41 29.91
N MET D 92 3.80 -36.58 29.62
CA MET D 92 4.45 -35.72 28.63
C MET D 92 5.52 -36.49 27.89
N PHE D 93 5.61 -36.29 26.57
CA PHE D 93 6.72 -36.86 25.81
C PHE D 93 8.02 -36.15 26.15
N LEU D 94 7.93 -34.90 26.61
CA LEU D 94 9.11 -34.06 26.89
C LEU D 94 9.76 -34.50 28.21
N THR D 95 10.60 -35.53 28.10
CA THR D 95 11.38 -36.04 29.20
C THR D 95 12.68 -35.26 29.35
N GLU D 96 13.42 -35.57 30.42
CA GLU D 96 14.70 -34.94 30.65
C GLU D 96 15.62 -35.14 29.45
N GLU D 97 15.63 -36.35 28.90
CA GLU D 97 16.49 -36.71 27.78
C GLU D 97 16.14 -35.87 26.56
N VAL D 98 14.85 -35.78 26.25
CA VAL D 98 14.42 -35.05 25.06
C VAL D 98 14.75 -33.58 25.20
N LEU D 99 14.48 -33.00 26.38
CA LEU D 99 14.69 -31.57 26.64
C LEU D 99 16.17 -31.22 26.60
N LYS D 100 17.02 -32.09 27.18
CA LYS D 100 18.46 -31.85 27.09
C LYS D 100 18.92 -31.91 25.65
N ALA D 101 18.28 -32.74 24.84
CA ALA D 101 18.65 -32.90 23.44
C ALA D 101 18.13 -31.79 22.56
N ASN D 102 17.22 -30.94 23.03
CA ASN D 102 16.65 -29.84 22.25
C ASN D 102 16.66 -28.58 23.07
N PRO D 103 17.85 -28.06 23.37
CA PRO D 103 17.92 -26.90 24.28
C PRO D 103 17.14 -25.69 23.82
N GLY D 104 16.88 -25.51 22.51
CA GLY D 104 16.13 -24.35 22.05
C GLY D 104 14.76 -24.22 22.67
N ILE D 105 14.09 -25.35 22.92
CA ILE D 105 12.78 -25.37 23.54
C ILE D 105 12.86 -24.88 24.98
N CYS D 106 14.05 -24.97 25.59
CA CYS D 106 14.24 -24.58 26.98
C CYS D 106 14.54 -23.10 27.15
N THR D 107 14.51 -22.32 26.08
CA THR D 107 14.74 -20.89 26.20
C THR D 107 13.41 -20.17 26.37
N TYR D 108 13.49 -18.86 26.58
CA TYR D 108 12.26 -18.08 26.70
C TYR D 108 11.67 -17.73 25.33
N MET D 109 12.49 -17.12 24.44
CA MET D 109 11.97 -16.65 23.17
C MET D 109 12.96 -16.84 22.02
N GLU D 110 13.96 -17.69 22.16
CA GLU D 110 14.82 -17.96 21.01
C GLU D 110 14.03 -18.69 19.94
N PRO D 111 14.29 -18.41 18.67
CA PRO D 111 13.52 -19.06 17.58
C PRO D 111 13.71 -20.57 17.58
N SER D 112 12.58 -21.29 17.65
CA SER D 112 12.64 -22.72 17.89
C SER D 112 11.52 -23.49 17.19
N LEU D 113 10.73 -22.86 16.32
CA LEU D 113 9.56 -23.53 15.79
C LEU D 113 9.91 -24.79 14.99
N ASN D 114 11.09 -24.81 14.38
N ASN D 114 11.08 -24.84 14.36
CA ASN D 114 11.49 -25.94 13.54
CA ASN D 114 11.38 -26.01 13.54
C ASN D 114 11.77 -27.17 14.39
C ASN D 114 11.74 -27.21 14.40
N VAL D 115 12.47 -27.00 15.50
CA VAL D 115 12.75 -28.15 16.35
C VAL D 115 11.47 -28.59 17.02
N ARG D 116 10.53 -27.64 17.22
CA ARG D 116 9.26 -28.01 17.82
C ARG D 116 8.45 -28.88 16.87
N HIS D 117 8.37 -28.49 15.59
N HIS D 117 8.36 -28.47 15.59
CA HIS D 117 7.61 -29.29 14.65
CA HIS D 117 7.66 -29.25 14.59
C HIS D 117 8.24 -30.66 14.42
C HIS D 117 8.25 -30.65 14.43
N ASP D 118 9.57 -30.78 14.58
CA ASP D 118 10.19 -32.08 14.38
C ASP D 118 9.74 -33.10 15.41
N ILE D 119 9.39 -32.63 16.61
CA ILE D 119 8.84 -33.49 17.65
C ILE D 119 7.38 -33.79 17.38
N VAL D 120 6.55 -32.76 17.16
CA VAL D 120 5.12 -32.99 17.15
C VAL D 120 4.63 -33.62 15.84
N VAL D 121 5.39 -33.50 14.75
CA VAL D 121 4.92 -34.03 13.47
C VAL D 121 4.83 -35.54 13.50
N VAL D 122 5.67 -36.21 14.28
CA VAL D 122 5.52 -37.65 14.43
C VAL D 122 4.67 -38.00 15.64
N GLN D 123 4.82 -37.31 16.78
CA GLN D 123 4.18 -37.80 18.00
C GLN D 123 2.66 -37.63 17.96
N VAL D 124 2.18 -36.56 17.34
CA VAL D 124 0.74 -36.31 17.35
C VAL D 124 -0.02 -37.42 16.63
N PRO D 125 0.34 -37.81 15.40
CA PRO D 125 -0.37 -38.94 14.78
C PRO D 125 -0.05 -40.29 15.42
N LYS D 126 1.16 -40.47 15.92
CA LYS D 126 1.50 -41.73 16.55
C LYS D 126 0.64 -41.93 17.79
N LEU D 127 0.45 -40.88 18.60
CA LEU D 127 -0.39 -41.02 19.77
C LEU D 127 -1.85 -41.27 19.36
N ALA D 128 -2.31 -40.56 18.34
CA ALA D 128 -3.67 -40.80 17.84
C ALA D 128 -3.85 -42.25 17.40
N ALA D 129 -2.83 -42.85 16.77
CA ALA D 129 -2.95 -44.23 16.32
C ALA D 129 -3.07 -45.16 17.50
N GLU D 130 -2.38 -44.83 18.59
CA GLU D 130 -2.47 -45.64 19.78
C GLU D 130 -3.92 -45.68 20.26
N ALA D 131 -4.57 -44.50 20.32
CA ALA D 131 -5.95 -44.44 20.80
C ALA D 131 -6.91 -45.06 19.81
N ALA D 132 -6.66 -44.88 18.51
CA ALA D 132 -7.57 -45.34 17.47
C ALA D 132 -7.66 -46.86 17.46
N GLN D 133 -6.54 -47.56 17.71
CA GLN D 133 -6.58 -49.02 17.77
C GLN D 133 -7.52 -49.48 18.88
N LYS D 134 -7.49 -48.81 20.02
CA LYS D 134 -8.36 -49.21 21.12
C LYS D 134 -9.83 -48.96 20.75
N ALA D 135 -10.11 -47.79 20.15
CA ALA D 135 -11.48 -47.46 19.78
C ALA D 135 -12.04 -48.44 18.76
N ILE D 136 -11.19 -48.89 17.84
CA ILE D 136 -11.65 -49.83 16.82
C ILE D 136 -11.91 -51.18 17.47
N LYS D 137 -11.02 -51.60 18.39
CA LYS D 137 -11.25 -52.85 19.12
C LYS D 137 -12.60 -52.84 19.82
N GLU D 138 -12.91 -51.76 20.55
CA GLU D 138 -14.19 -51.74 21.24
C GLU D 138 -15.34 -51.74 20.25
N TRP D 139 -15.21 -50.96 19.17
CA TRP D 139 -16.24 -50.92 18.14
C TRP D 139 -16.57 -52.32 17.62
N GLY D 140 -15.56 -53.11 17.29
CA GLY D 140 -15.78 -54.44 16.78
C GLY D 140 -15.74 -54.56 15.26
N GLY D 141 -15.66 -53.46 14.52
CA GLY D 141 -15.67 -53.50 13.07
C GLY D 141 -14.28 -53.72 12.47
N ARG D 142 -14.24 -53.80 11.15
CA ARG D 142 -12.95 -53.91 10.48
C ARG D 142 -12.42 -52.52 10.09
N LYS D 143 -11.09 -52.36 10.19
CA LYS D 143 -10.44 -51.09 9.85
C LYS D 143 -10.80 -50.69 8.42
N SER D 144 -10.95 -51.67 7.52
CA SER D 144 -11.26 -51.38 6.13
C SER D 144 -12.66 -50.84 5.96
N ASP D 145 -13.47 -50.82 7.02
CA ASP D 145 -14.79 -50.21 6.93
C ASP D 145 -14.83 -48.79 7.48
N ILE D 146 -13.71 -48.28 7.98
CA ILE D 146 -13.65 -46.84 8.28
C ILE D 146 -13.77 -46.08 6.97
N THR D 147 -14.66 -45.08 6.94
CA THR D 147 -14.91 -44.31 5.74
C THR D 147 -14.48 -42.86 5.82
N HIS D 148 -14.25 -42.33 7.01
CA HIS D 148 -14.03 -40.90 7.29
C HIS D 148 -13.08 -40.75 8.46
N ILE D 149 -12.28 -39.68 8.43
CA ILE D 149 -11.46 -39.22 9.56
C ILE D 149 -11.75 -37.73 9.82
N VAL D 150 -12.05 -37.40 11.07
CA VAL D 150 -12.15 -36.01 11.53
C VAL D 150 -11.11 -35.83 12.64
N PHE D 151 -10.25 -34.85 12.49
CA PHE D 151 -9.04 -34.75 13.29
C PHE D 151 -8.84 -33.32 13.78
N ALA D 152 -8.70 -33.14 15.09
CA ALA D 152 -8.38 -31.84 15.67
C ALA D 152 -7.06 -31.90 16.44
N THR D 153 -6.32 -30.78 16.40
CA THR D 153 -5.14 -30.63 17.23
C THR D 153 -4.87 -29.15 17.41
N THR D 154 -4.01 -28.85 18.38
CA THR D 154 -3.50 -27.50 18.60
C THR D 154 -1.97 -27.50 18.57
N SER D 155 -1.37 -28.62 18.19
CA SER D 155 0.05 -28.84 18.43
C SER D 155 0.84 -28.84 17.12
N GLY D 156 0.92 -27.70 16.42
CA GLY D 156 1.68 -27.63 15.19
C GLY D 156 0.90 -28.08 13.96
N VAL D 157 1.50 -27.90 12.77
CA VAL D 157 0.84 -28.14 11.49
C VAL D 157 1.84 -28.81 10.53
N ASN D 158 1.30 -29.46 9.50
CA ASN D 158 2.16 -30.05 8.48
C ASN D 158 1.35 -30.34 7.20
N MET D 159 2.07 -30.46 6.09
CA MET D 159 1.51 -30.88 4.82
C MET D 159 2.31 -32.04 4.24
N PRO D 160 1.70 -33.22 4.03
CA PRO D 160 0.30 -33.57 4.35
C PRO D 160 0.05 -33.62 5.86
N GLY D 161 -1.21 -33.64 6.32
CA GLY D 161 -1.52 -33.43 7.72
C GLY D 161 -1.57 -34.70 8.54
N ALA D 162 -1.75 -34.50 9.87
CA ALA D 162 -1.82 -35.65 10.79
C ALA D 162 -2.90 -36.65 10.37
N ASP D 163 -3.98 -36.17 9.76
CA ASP D 163 -5.01 -37.08 9.25
C ASP D 163 -4.41 -38.08 8.28
N HIS D 164 -3.61 -37.59 7.33
CA HIS D 164 -2.97 -38.44 6.33
C HIS D 164 -2.04 -39.46 6.99
N ALA D 165 -1.21 -38.99 7.93
CA ALA D 165 -0.31 -39.87 8.68
C ALA D 165 -1.09 -40.95 9.41
N LEU D 166 -2.19 -40.57 10.06
CA LEU D 166 -2.95 -41.54 10.83
C LEU D 166 -3.49 -42.62 9.92
N ALA D 167 -3.98 -42.23 8.74
CA ALA D 167 -4.47 -43.17 7.75
C ALA D 167 -3.39 -44.18 7.37
N LYS D 168 -2.15 -43.71 7.18
CA LYS D 168 -1.06 -44.61 6.85
C LYS D 168 -0.76 -45.55 7.99
N LEU D 169 -0.59 -45.00 9.20
CA LEU D 169 -0.15 -45.80 10.34
C LEU D 169 -1.13 -46.92 10.62
N LEU D 170 -2.42 -46.68 10.42
CA LEU D 170 -3.45 -47.67 10.70
C LEU D 170 -3.74 -48.59 9.53
N GLY D 171 -3.17 -48.32 8.35
CA GLY D 171 -3.47 -49.05 7.14
C GLY D 171 -4.93 -48.96 6.72
N LEU D 172 -5.48 -47.75 6.70
CA LEU D 172 -6.85 -47.58 6.23
C LEU D 172 -6.87 -47.59 4.71
N LYS D 173 -8.07 -47.64 4.15
CA LYS D 173 -8.21 -47.58 2.71
C LYS D 173 -7.82 -46.18 2.23
N PRO D 174 -7.11 -46.07 1.10
CA PRO D 174 -6.68 -44.75 0.60
C PRO D 174 -7.82 -43.79 0.24
N THR D 175 -9.05 -44.27 0.10
CA THR D 175 -10.18 -43.42 -0.24
C THR D 175 -10.88 -42.89 0.98
N VAL D 176 -10.27 -42.99 2.15
CA VAL D 176 -10.87 -42.42 3.34
C VAL D 176 -11.06 -40.91 3.18
N LYS D 177 -12.21 -40.42 3.66
CA LYS D 177 -12.56 -39.01 3.55
C LYS D 177 -12.16 -38.25 4.81
N ARG D 178 -11.42 -37.16 4.64
CA ARG D 178 -10.73 -36.55 5.76
C ARG D 178 -11.18 -35.10 5.99
N VAL D 179 -11.23 -34.71 7.27
CA VAL D 179 -11.43 -33.32 7.68
C VAL D 179 -10.37 -33.02 8.76
N MET D 180 -9.38 -32.17 8.41
CA MET D 180 -8.21 -31.88 9.25
C MET D 180 -8.39 -30.49 9.83
N MET D 181 -8.75 -30.43 11.11
CA MET D 181 -8.97 -29.15 11.79
C MET D 181 -7.74 -28.82 12.64
N TYR D 182 -6.74 -28.25 11.97
CA TYR D 182 -5.55 -27.75 12.65
C TYR D 182 -5.86 -26.51 13.48
N GLN D 183 -5.17 -26.40 14.62
CA GLN D 183 -5.07 -25.16 15.38
C GLN D 183 -6.39 -24.76 16.05
N THR D 184 -7.12 -25.74 16.57
CA THR D 184 -8.45 -25.46 17.13
C THR D 184 -8.41 -24.77 18.48
N GLY D 185 -7.52 -25.19 19.38
CA GLY D 185 -7.62 -24.84 20.79
C GLY D 185 -8.60 -25.77 21.51
N PHE D 187 -11.64 -26.29 22.28
CA PHE D 187 -13.02 -26.64 21.95
C PHE D 187 -13.02 -27.72 20.85
N GLY D 188 -11.83 -28.14 20.42
CA GLY D 188 -11.75 -28.99 19.25
C GLY D 188 -12.32 -30.38 19.44
N GLY D 189 -12.26 -30.92 20.67
CA GLY D 189 -12.87 -32.21 20.94
C GLY D 189 -14.37 -32.19 20.68
N ALA D 190 -15.05 -31.12 21.11
CA ALA D 190 -16.45 -30.99 20.77
C ALA D 190 -16.62 -30.85 19.27
N SER D 191 -15.68 -30.14 18.62
CA SER D 191 -15.77 -29.91 17.19
C SER D 191 -15.77 -31.21 16.41
N VAL D 192 -14.89 -32.15 16.78
CA VAL D 192 -14.79 -33.36 15.96
C VAL D 192 -16.07 -34.18 16.07
N LEU D 193 -16.73 -34.12 17.22
CA LEU D 193 -17.95 -34.88 17.39
C LEU D 193 -19.12 -34.22 16.62
N ARG D 194 -19.11 -32.88 16.55
CA ARG D 194 -20.10 -32.16 15.76
C ARG D 194 -19.96 -32.48 14.28
N VAL D 195 -18.73 -32.47 13.77
CA VAL D 195 -18.56 -32.74 12.34
C VAL D 195 -18.87 -34.20 12.05
N ALA D 196 -18.39 -35.11 12.91
CA ALA D 196 -18.66 -36.53 12.71
C ALA D 196 -20.17 -36.80 12.67
N LYS D 197 -20.97 -36.06 13.44
CA LYS D 197 -22.41 -36.28 13.44
C LYS D 197 -22.98 -36.14 12.01
N ASP D 198 -22.73 -35.01 11.36
CA ASP D 198 -23.27 -34.76 10.03
C ASP D 198 -22.68 -35.73 9.01
N LEU D 199 -21.41 -36.09 9.14
CA LEU D 199 -20.83 -37.05 8.20
C LEU D 199 -21.47 -38.42 8.36
N ALA D 200 -21.69 -38.84 9.61
CA ALA D 200 -22.26 -40.17 9.83
C ALA D 200 -23.73 -40.19 9.46
N GLU D 201 -24.45 -39.11 9.76
CA GLU D 201 -25.88 -39.09 9.54
C GLU D 201 -26.23 -38.93 8.07
N ASN D 202 -25.35 -38.39 7.24
CA ASN D 202 -25.70 -38.08 5.85
C ASN D 202 -25.18 -39.11 4.86
N ASN D 203 -24.58 -40.21 5.32
CA ASN D 203 -23.95 -41.18 4.44
C ASN D 203 -24.22 -42.59 4.95
N LYS D 204 -25.08 -43.33 4.23
CA LYS D 204 -25.43 -44.68 4.64
C LYS D 204 -24.17 -45.50 4.79
N GLY D 205 -24.03 -46.19 5.93
CA GLY D 205 -22.91 -47.06 6.11
C GLY D 205 -21.64 -46.40 6.58
N ALA D 206 -21.63 -45.08 6.76
CA ALA D 206 -20.41 -44.37 7.09
C ALA D 206 -19.98 -44.64 8.54
N ARG D 207 -18.68 -44.84 8.71
CA ARG D 207 -18.10 -45.08 10.03
C ARG D 207 -16.92 -44.13 10.17
N VAL D 208 -17.00 -43.20 11.12
CA VAL D 208 -16.06 -42.09 11.25
C VAL D 208 -15.13 -42.32 12.43
N LEU D 209 -13.85 -42.03 12.22
CA LEU D 209 -12.91 -41.86 13.32
C LEU D 209 -12.89 -40.38 13.69
N ALA D 210 -13.40 -40.04 14.88
CA ALA D 210 -13.28 -38.68 15.40
C ALA D 210 -12.10 -38.64 16.36
N VAL D 211 -11.11 -37.78 16.08
CA VAL D 211 -9.78 -37.83 16.68
C VAL D 211 -9.38 -36.47 17.22
N ALA D 212 -8.86 -36.45 18.46
CA ALA D 212 -8.21 -35.26 19.04
C ALA D 212 -6.92 -35.70 19.72
N SER D 213 -5.79 -35.08 19.34
CA SER D 213 -4.48 -35.50 19.83
C SER D 213 -3.62 -34.26 20.11
N GLU D 214 -2.95 -34.21 21.27
CA GLU D 214 -2.22 -33.03 21.73
C GLU D 214 -0.89 -33.41 22.39
N VAL D 215 0.16 -32.68 22.01
CA VAL D 215 1.50 -32.85 22.58
C VAL D 215 2.07 -31.46 22.85
N THR D 216 2.56 -31.24 24.06
CA THR D 216 2.83 -29.90 24.57
C THR D 216 4.11 -29.26 24.03
N ALA D 217 4.82 -29.90 23.11
CA ALA D 217 6.12 -29.36 22.68
C ALA D 217 6.02 -28.04 21.91
N VAL D 218 4.85 -27.65 21.40
CA VAL D 218 4.81 -26.39 20.64
C VAL D 218 4.68 -25.19 21.57
N THR D 219 4.24 -25.41 22.80
CA THR D 219 3.92 -24.34 23.72
C THR D 219 4.89 -24.25 24.89
N TYR D 220 5.66 -25.30 25.17
CA TYR D 220 6.58 -25.34 26.29
C TYR D 220 7.61 -24.21 26.21
N ARG D 221 7.89 -23.57 27.34
CA ARG D 221 9.01 -22.62 27.35
C ARG D 221 9.38 -22.27 28.78
N ALA D 222 10.59 -21.71 28.91
CA ALA D 222 11.15 -21.28 30.18
C ALA D 222 10.24 -20.26 30.88
N PRO D 223 10.17 -20.31 32.21
CA PRO D 223 9.36 -19.34 32.97
C PRO D 223 9.96 -17.93 32.95
N SER D 224 9.07 -16.94 33.05
CA SER D 224 9.45 -15.53 32.95
C SER D 224 8.50 -14.63 33.73
N GLU D 225 9.08 -13.62 34.41
CA GLU D 225 8.31 -12.67 35.20
C GLU D 225 7.35 -11.87 34.36
N ASN D 226 7.63 -11.74 33.06
N ASN D 226 7.59 -11.70 33.06
CA ASN D 226 6.88 -10.95 32.09
CA ASN D 226 6.68 -10.90 32.26
C ASN D 226 5.74 -11.71 31.44
C ASN D 226 5.75 -11.72 31.40
N HIS D 227 5.63 -13.03 31.65
CA HIS D 227 4.72 -13.88 30.87
C HIS D 227 3.90 -14.79 31.82
N LEU D 228 2.86 -14.21 32.44
CA LEU D 228 2.10 -14.94 33.44
C LEU D 228 1.24 -16.04 32.79
N ASP D 229 0.70 -15.79 31.60
CA ASP D 229 0.02 -16.86 30.86
C ASP D 229 0.98 -18.02 30.55
N GLY D 230 2.26 -17.73 30.29
CA GLY D 230 3.23 -18.82 30.21
C GLY D 230 3.24 -19.66 31.49
N LEU D 231 3.35 -18.99 32.64
CA LEU D 231 3.35 -19.68 33.92
C LEU D 231 2.16 -20.61 34.07
N VAL D 232 0.96 -20.15 33.68
CA VAL D 232 -0.23 -20.96 33.85
C VAL D 232 -0.22 -22.17 32.92
N GLY D 233 0.07 -21.94 31.62
CA GLY D 233 0.17 -23.06 30.69
C GLY D 233 1.16 -24.11 31.18
N SER D 234 2.31 -23.67 31.70
CA SER D 234 3.31 -24.61 32.17
C SER D 234 2.82 -25.47 33.34
N ALA D 235 1.80 -25.01 34.07
CA ALA D 235 1.22 -25.78 35.15
C ALA D 235 0.04 -26.67 34.72
N LEU D 236 -0.64 -26.32 33.63
CA LEU D 236 -1.90 -26.96 33.25
C LEU D 236 -1.76 -28.01 32.18
N PHE D 237 -0.96 -27.74 31.13
CA PHE D 237 -1.03 -28.52 29.90
C PHE D 237 -0.29 -29.86 30.03
N GLY D 238 -0.93 -30.91 29.50
CA GLY D 238 -0.32 -32.23 29.38
C GLY D 238 -0.69 -32.85 28.05
N ASP D 239 -0.13 -34.04 27.80
CA ASP D 239 -0.29 -34.76 26.53
C ASP D 239 -1.38 -35.81 26.65
N GLY D 240 -2.02 -36.12 25.53
CA GLY D 240 -3.01 -37.17 25.43
C GLY D 240 -3.73 -37.17 24.10
N ALA D 241 -4.40 -38.28 23.79
CA ALA D 241 -5.24 -38.36 22.61
C ALA D 241 -6.42 -39.28 22.90
N GLY D 242 -7.58 -38.93 22.35
CA GLY D 242 -8.74 -39.81 22.36
C GLY D 242 -9.35 -39.89 20.98
N VAL D 243 -9.93 -41.05 20.66
CA VAL D 243 -10.70 -41.17 19.41
C VAL D 243 -11.97 -41.99 19.65
N TYR D 244 -13.06 -41.57 19.01
CA TYR D 244 -14.33 -42.28 19.01
C TYR D 244 -14.62 -42.79 17.60
N VAL D 245 -15.24 -43.95 17.54
CA VAL D 245 -15.87 -44.40 16.31
C VAL D 245 -17.32 -43.91 16.34
N VAL D 246 -17.73 -43.18 15.31
CA VAL D 246 -19.07 -42.64 15.23
C VAL D 246 -19.74 -43.21 13.99
N GLY D 247 -21.02 -43.57 14.11
CA GLY D 247 -21.78 -44.12 13.01
C GLY D 247 -23.27 -44.20 13.29
N SER D 248 -24.11 -44.06 12.26
CA SER D 248 -25.55 -44.28 12.37
C SER D 248 -25.88 -45.74 12.05
N ASP D 249 -27.10 -46.14 12.44
CA ASP D 249 -27.68 -47.42 12.04
C ASP D 249 -26.77 -48.57 12.47
N PRO D 250 -26.58 -48.81 13.77
CA PRO D 250 -25.69 -49.90 14.21
C PRO D 250 -26.23 -51.27 13.88
N LYS D 251 -25.38 -52.09 13.30
CA LYS D 251 -25.69 -53.49 13.03
C LYS D 251 -25.86 -54.25 14.35
N PRO D 252 -27.05 -54.79 14.65
CA PRO D 252 -27.28 -55.34 16.00
C PRO D 252 -26.41 -56.54 16.32
N GLU D 253 -26.05 -57.31 15.32
CA GLU D 253 -25.28 -58.50 15.61
C GLU D 253 -23.79 -58.21 15.77
N VAL D 254 -23.35 -56.96 15.65
CA VAL D 254 -21.91 -56.68 15.76
C VAL D 254 -21.60 -55.46 16.60
N GLU D 255 -22.45 -54.44 16.52
CA GLU D 255 -22.13 -53.12 17.05
C GLU D 255 -23.02 -52.78 18.24
N LYS D 256 -22.44 -52.17 19.27
CA LYS D 256 -23.15 -51.80 20.50
C LYS D 256 -22.99 -50.31 20.80
N PRO D 257 -24.02 -49.50 20.60
CA PRO D 257 -23.90 -48.07 20.87
C PRO D 257 -23.79 -47.74 22.37
N LEU D 258 -22.89 -46.80 22.66
CA LEU D 258 -22.64 -46.29 23.99
C LEU D 258 -23.37 -44.97 24.24
N PHE D 259 -23.40 -44.09 23.25
CA PHE D 259 -24.12 -42.81 23.34
C PHE D 259 -24.70 -42.45 21.98
N GLU D 260 -25.83 -41.75 22.01
CA GLU D 260 -26.42 -41.18 20.81
C GLU D 260 -26.18 -39.67 20.82
N VAL D 261 -25.93 -39.12 19.64
CA VAL D 261 -25.76 -37.68 19.48
C VAL D 261 -27.06 -37.13 18.92
N HIS D 262 -27.68 -36.20 19.63
CA HIS D 262 -28.96 -35.66 19.19
C HIS D 262 -28.91 -34.19 18.79
N TRP D 263 -27.95 -33.42 19.26
CA TRP D 263 -27.91 -31.99 18.98
C TRP D 263 -26.47 -31.51 19.07
N ALA D 264 -26.11 -30.56 18.20
CA ALA D 264 -24.77 -29.99 18.24
C ALA D 264 -24.84 -28.53 17.79
N GLY D 265 -24.23 -27.63 18.56
CA GLY D 265 -24.21 -26.23 18.23
C GLY D 265 -23.04 -25.54 18.91
N GLU D 266 -22.92 -24.24 18.67
CA GLU D 266 -21.85 -23.47 19.28
C GLU D 266 -22.24 -22.00 19.28
N THR D 267 -21.55 -21.21 20.10
CA THR D 267 -21.80 -19.78 20.12
C THR D 267 -20.55 -19.05 20.55
N ILE D 268 -20.44 -17.80 20.10
CA ILE D 268 -19.45 -16.88 20.61
C ILE D 268 -20.09 -16.09 21.74
N LEU D 269 -19.39 -15.98 22.87
CA LEU D 269 -19.95 -15.33 24.05
C LEU D 269 -19.87 -13.81 23.90
N PRO D 270 -20.85 -13.10 24.46
CA PRO D 270 -20.86 -11.63 24.32
C PRO D 270 -19.69 -10.98 25.03
N GLU D 271 -19.18 -9.91 24.40
CA GLU D 271 -18.12 -9.04 24.93
C GLU D 271 -16.90 -9.86 25.40
N SER D 272 -16.51 -10.84 24.60
CA SER D 272 -15.42 -11.75 24.93
C SER D 272 -14.25 -11.64 23.95
N ASP D 273 -14.25 -10.61 23.12
CA ASP D 273 -13.13 -10.39 22.22
C ASP D 273 -11.86 -10.31 23.03
N GLY D 274 -10.85 -11.08 22.63
CA GLY D 274 -9.58 -10.96 23.30
C GLY D 274 -9.42 -11.84 24.51
N ALA D 275 -10.46 -12.58 24.91
CA ALA D 275 -10.35 -13.43 26.09
C ALA D 275 -9.19 -14.41 25.95
N ILE D 276 -9.08 -15.08 24.81
CA ILE D 276 -8.01 -16.05 24.58
C ILE D 276 -7.46 -15.79 23.19
N ASP D 277 -6.17 -15.47 23.11
CA ASP D 277 -5.47 -15.24 21.87
C ASP D 277 -4.31 -16.21 21.83
N GLY D 278 -4.02 -16.74 20.66
CA GLY D 278 -2.90 -17.63 20.53
C GLY D 278 -2.22 -17.38 19.22
N HIS D 279 -0.93 -17.05 19.27
CA HIS D 279 -0.17 -16.68 18.08
C HIS D 279 0.96 -17.69 17.91
N LEU D 280 1.04 -18.28 16.72
CA LEU D 280 2.17 -19.14 16.37
C LEU D 280 3.31 -18.23 15.94
N THR D 281 4.44 -18.32 16.61
CA THR D 281 5.50 -17.36 16.38
C THR D 281 6.78 -18.11 16.08
N GLU D 282 7.85 -17.35 15.80
CA GLU D 282 9.16 -17.94 15.61
C GLU D 282 9.61 -18.74 16.83
N ALA D 283 9.05 -18.46 18.00
CA ALA D 283 9.42 -19.17 19.22
C ALA D 283 8.33 -20.14 19.68
N GLY D 284 7.42 -20.50 18.78
CA GLY D 284 6.34 -21.42 19.09
C GLY D 284 5.05 -20.70 19.41
N LEU D 285 4.15 -21.45 20.06
CA LEU D 285 2.81 -20.96 20.36
C LEU D 285 2.81 -20.17 21.66
N ILE D 286 2.28 -18.94 21.62
CA ILE D 286 2.21 -18.05 22.76
C ILE D 286 0.77 -17.62 23.00
N PHE D 287 0.29 -17.79 24.23
CA PHE D 287 -1.08 -17.46 24.61
C PHE D 287 -1.10 -16.15 25.37
N HIS D 288 -2.18 -15.39 25.15
CA HIS D 288 -2.48 -14.21 25.94
C HIS D 288 -3.96 -14.26 26.30
N LEU D 289 -4.24 -14.08 27.59
CA LEU D 289 -5.59 -14.13 28.18
C LEU D 289 -5.91 -12.77 28.78
N MET D 290 -6.66 -11.96 28.03
N MET D 290 -6.64 -11.93 28.04
CA MET D 290 -6.93 -10.59 28.41
CA MET D 290 -6.89 -10.58 28.50
C MET D 290 -8.29 -10.41 29.08
C MET D 290 -8.28 -10.41 29.10
N LYS D 291 -9.02 -11.50 29.35
CA LYS D 291 -10.32 -11.40 30.02
C LYS D 291 -10.50 -12.57 30.98
N ASP D 292 -11.51 -12.46 31.86
CA ASP D 292 -11.78 -13.42 32.93
C ASP D 292 -12.55 -14.59 32.32
N VAL D 293 -11.83 -15.63 31.92
CA VAL D 293 -12.47 -16.73 31.19
C VAL D 293 -13.49 -17.47 32.05
N PRO D 294 -13.16 -17.93 33.27
CA PRO D 294 -14.21 -18.55 34.11
C PRO D 294 -15.42 -17.66 34.30
N GLY D 295 -15.20 -16.36 34.57
CA GLY D 295 -16.33 -15.46 34.71
C GLY D 295 -17.16 -15.37 33.43
N LEU D 296 -16.50 -15.30 32.27
CA LEU D 296 -17.25 -15.16 31.01
C LEU D 296 -18.13 -16.37 30.75
N ILE D 297 -17.63 -17.57 31.08
CA ILE D 297 -18.41 -18.78 30.82
C ILE D 297 -19.55 -18.90 31.82
N SER D 298 -19.25 -18.72 33.12
CA SER D 298 -20.28 -18.82 34.16
C SER D 298 -21.41 -17.83 33.93
N LYS D 299 -21.07 -16.61 33.56
CA LYS D 299 -22.12 -15.61 33.41
C LYS D 299 -23.07 -15.95 32.27
N ASN D 300 -22.64 -16.78 31.31
CA ASN D 300 -23.37 -16.95 30.06
C ASN D 300 -23.85 -18.36 29.77
N ILE D 301 -23.40 -19.36 30.52
CA ILE D 301 -23.60 -20.73 30.05
C ILE D 301 -25.07 -21.13 30.12
N GLU D 302 -25.78 -20.69 31.17
CA GLU D 302 -27.15 -21.16 31.35
C GLU D 302 -28.06 -20.74 30.20
N LYS D 303 -27.93 -19.50 29.71
CA LYS D 303 -28.81 -19.03 28.64
C LYS D 303 -28.71 -19.92 27.40
N PHE D 304 -27.48 -20.32 27.03
CA PHE D 304 -27.27 -21.14 25.85
C PHE D 304 -27.65 -22.59 26.12
N LEU D 305 -27.26 -23.13 27.29
CA LEU D 305 -27.65 -24.49 27.64
C LEU D 305 -29.16 -24.66 27.66
N ASN D 306 -29.89 -23.60 28.02
CA ASN D 306 -31.34 -23.65 28.02
C ASN D 306 -31.87 -23.97 26.61
N GLU D 307 -31.20 -23.46 25.56
CA GLU D 307 -31.62 -23.76 24.20
C GLU D 307 -31.30 -25.20 23.82
N ALA D 308 -30.08 -25.66 24.14
CA ALA D 308 -29.67 -27.02 23.77
C ALA D 308 -30.59 -28.08 24.39
N ARG D 309 -31.13 -27.82 25.58
CA ARG D 309 -31.99 -28.78 26.28
C ARG D 309 -33.25 -29.11 25.50
N LYS D 310 -33.80 -28.12 24.80
CA LYS D 310 -35.19 -28.19 24.36
C LYS D 310 -35.47 -29.39 23.46
N PRO D 311 -34.68 -29.68 22.43
CA PRO D 311 -35.02 -30.81 21.55
C PRO D 311 -35.05 -32.18 22.24
N VAL D 312 -34.65 -32.28 23.51
CA VAL D 312 -34.79 -33.56 24.19
C VAL D 312 -35.72 -33.44 25.39
N GLY D 313 -36.55 -32.41 25.41
CA GLY D 313 -37.59 -32.30 26.41
C GLY D 313 -37.21 -31.53 27.65
N SER D 314 -36.07 -30.82 27.61
CA SER D 314 -35.65 -29.91 28.66
C SER D 314 -35.60 -30.53 30.06
N PRO D 315 -34.83 -31.61 30.25
CA PRO D 315 -34.62 -32.12 31.61
C PRO D 315 -33.90 -31.13 32.52
N ALA D 316 -34.08 -31.32 33.82
CA ALA D 316 -33.43 -30.45 34.78
C ALA D 316 -31.93 -30.71 34.81
N TRP D 317 -31.17 -29.67 35.17
CA TRP D 317 -29.71 -29.77 35.22
C TRP D 317 -29.28 -31.03 35.97
N ASN D 318 -29.90 -31.31 37.11
CA ASN D 318 -29.48 -32.43 37.93
C ASN D 318 -30.07 -33.77 37.49
N GLU D 319 -30.81 -33.79 36.38
CA GLU D 319 -31.24 -35.04 35.75
C GLU D 319 -30.37 -35.38 34.56
N MET D 320 -29.27 -34.65 34.36
CA MET D 320 -28.37 -34.80 33.24
C MET D 320 -26.94 -35.13 33.70
N PHE D 321 -26.15 -35.72 32.78
CA PHE D 321 -24.73 -35.90 33.04
C PHE D 321 -23.89 -34.80 32.36
N TRP D 322 -22.66 -34.64 32.84
CA TRP D 322 -21.88 -33.42 32.54
C TRP D 322 -20.44 -33.74 32.13
N ALA D 323 -20.24 -34.00 30.84
CA ALA D 323 -18.90 -34.18 30.26
C ALA D 323 -18.35 -32.81 29.87
N VAL D 324 -17.68 -32.15 30.83
CA VAL D 324 -17.23 -30.78 30.66
C VAL D 324 -15.71 -30.75 30.52
N HIS D 325 -15.22 -30.02 29.51
CA HIS D 325 -13.80 -29.83 29.29
C HIS D 325 -13.16 -29.22 30.52
N PRO D 326 -12.21 -29.90 31.15
CA PRO D 326 -11.59 -29.37 32.38
C PRO D 326 -10.48 -28.36 32.10
N GLY D 327 -10.85 -27.20 31.55
CA GLY D 327 -9.86 -26.17 31.29
C GLY D 327 -9.11 -25.79 32.53
N GLY D 328 -9.78 -25.82 33.69
CA GLY D 328 -9.16 -25.59 34.97
C GLY D 328 -10.13 -25.78 36.12
N PRO D 329 -9.63 -25.79 37.35
CA PRO D 329 -10.55 -25.94 38.48
C PRO D 329 -11.51 -24.77 38.64
N ALA D 330 -11.13 -23.55 38.28
CA ALA D 330 -12.03 -22.41 38.50
C ALA D 330 -13.30 -22.51 37.66
N ILE D 331 -13.15 -22.96 36.42
CA ILE D 331 -14.29 -23.03 35.51
C ILE D 331 -15.26 -24.12 35.97
N LEU D 332 -14.73 -25.27 36.40
CA LEU D 332 -15.58 -26.34 36.92
C LEU D 332 -16.33 -25.90 38.16
N ASP D 333 -15.66 -25.15 39.03
CA ASP D 333 -16.26 -24.71 40.29
C ASP D 333 -17.40 -23.72 40.03
N GLN D 334 -17.15 -22.73 39.18
CA GLN D 334 -18.16 -21.70 39.01
C GLN D 334 -19.36 -22.22 38.23
N VAL D 335 -19.16 -23.16 37.30
CA VAL D 335 -20.30 -23.75 36.60
C VAL D 335 -21.11 -24.62 37.54
N GLU D 336 -20.43 -25.37 38.41
CA GLU D 336 -21.11 -26.17 39.43
C GLU D 336 -21.99 -25.29 40.32
N ALA D 337 -21.46 -24.15 40.76
CA ALA D 337 -22.20 -23.25 41.63
C ALA D 337 -23.34 -22.53 40.88
N LYS D 338 -23.06 -21.95 39.70
CA LYS D 338 -24.06 -21.16 38.98
C LYS D 338 -25.29 -21.99 38.65
N LEU D 339 -25.11 -23.27 38.36
CA LEU D 339 -26.17 -24.19 37.98
C LEU D 339 -26.67 -25.03 39.16
N LYS D 340 -26.06 -24.88 40.33
CA LYS D 340 -26.47 -25.60 41.54
C LYS D 340 -26.52 -27.11 41.31
N LEU D 341 -25.42 -27.62 40.75
CA LEU D 341 -25.28 -29.04 40.48
C LEU D 341 -24.85 -29.76 41.75
N THR D 342 -25.30 -31.01 41.89
CA THR D 342 -24.78 -31.88 42.95
C THR D 342 -23.33 -32.26 42.67
N LYS D 343 -22.59 -32.56 43.74
CA LYS D 343 -21.13 -32.67 43.64
C LYS D 343 -20.67 -33.79 42.72
N ASP D 344 -21.49 -34.81 42.50
CA ASP D 344 -21.07 -35.92 41.64
C ASP D 344 -21.06 -35.55 40.16
N LYS D 345 -21.75 -34.46 39.78
CA LYS D 345 -21.86 -34.13 38.36
C LYS D 345 -20.50 -33.85 37.72
N MET D 346 -19.62 -33.11 38.41
CA MET D 346 -18.35 -32.71 37.86
C MET D 346 -17.22 -33.68 38.19
N GLN D 347 -17.52 -34.81 38.82
CA GLN D 347 -16.46 -35.70 39.25
C GLN D 347 -15.70 -36.28 38.07
N GLY D 348 -16.41 -36.65 36.99
CA GLY D 348 -15.70 -37.16 35.82
C GLY D 348 -14.67 -36.18 35.33
N SER D 349 -15.05 -34.90 35.21
CA SER D 349 -14.13 -33.87 34.76
C SER D 349 -12.97 -33.70 35.74
N ARG D 350 -13.28 -33.73 37.04
CA ARG D 350 -12.20 -33.48 38.00
C ARG D 350 -11.23 -34.66 38.06
N ASP D 351 -11.74 -35.88 37.84
CA ASP D 351 -10.84 -37.03 37.76
C ASP D 351 -9.81 -36.83 36.68
N ILE D 352 -10.26 -36.38 35.50
CA ILE D 352 -9.37 -36.25 34.36
C ILE D 352 -8.38 -35.11 34.59
N LEU D 353 -8.88 -33.98 35.09
CA LEU D 353 -7.99 -32.90 35.47
C LEU D 353 -6.92 -33.41 36.41
N SER D 354 -7.35 -34.16 37.43
CA SER D 354 -6.44 -34.69 38.45
C SER D 354 -5.34 -35.54 37.82
N GLU D 355 -5.70 -36.50 36.96
CA GLU D 355 -4.78 -37.54 36.51
C GLU D 355 -4.07 -37.22 35.20
N PHE D 356 -4.55 -36.23 34.46
CA PHE D 356 -4.01 -35.95 33.13
C PHE D 356 -3.81 -34.47 32.88
N GLY D 357 -4.37 -33.58 33.72
CA GLY D 357 -4.31 -32.16 33.49
C GLY D 357 -5.20 -31.75 32.32
N ASN D 358 -4.85 -30.62 31.74
CA ASN D 358 -5.52 -30.07 30.56
C ASN D 358 -4.80 -30.57 29.31
N MET D 359 -5.42 -31.49 28.58
CA MET D 359 -4.91 -32.02 27.31
C MET D 359 -5.60 -31.34 26.13
N SER D 360 -5.97 -30.09 26.29
CA SER D 360 -6.57 -29.26 25.24
C SER D 360 -7.72 -30.04 24.60
N SER D 361 -7.82 -30.09 23.27
CA SER D 361 -9.02 -30.66 22.64
C SER D 361 -9.27 -32.11 23.03
N ALA D 362 -8.24 -32.85 23.45
CA ALA D 362 -8.50 -34.25 23.73
C ALA D 362 -9.24 -34.48 25.06
N SER D 363 -9.18 -33.51 25.98
CA SER D 363 -9.59 -33.74 27.37
C SER D 363 -11.04 -34.22 27.48
N VAL D 364 -11.96 -33.55 26.78
CA VAL D 364 -13.38 -33.86 26.96
C VAL D 364 -13.68 -35.27 26.50
N LEU D 365 -12.90 -35.78 25.54
CA LEU D 365 -13.09 -37.17 25.12
C LEU D 365 -12.76 -38.12 26.27
N PHE D 366 -11.72 -37.83 27.06
CA PHE D 366 -11.45 -38.65 28.23
C PHE D 366 -12.59 -38.55 29.24
N VAL D 367 -13.18 -37.35 29.40
CA VAL D 367 -14.21 -37.13 30.41
C VAL D 367 -15.40 -38.04 30.18
N LEU D 368 -15.91 -38.07 28.95
CA LEU D 368 -17.04 -38.94 28.66
C LEU D 368 -16.69 -40.38 28.96
N ASP D 369 -15.47 -40.79 28.58
CA ASP D 369 -15.03 -42.14 28.86
C ASP D 369 -15.05 -42.43 30.35
N GLN D 370 -14.61 -41.45 31.17
CA GLN D 370 -14.53 -41.61 32.62
C GLN D 370 -15.91 -41.69 33.25
N ILE D 371 -16.88 -41.00 32.65
CA ILE D 371 -18.26 -41.08 33.13
C ILE D 371 -18.82 -42.47 32.85
N ARG D 372 -18.51 -43.03 31.67
CA ARG D 372 -18.91 -44.39 31.37
C ARG D 372 -18.32 -45.37 32.40
N HIS D 373 -17.02 -45.24 32.67
CA HIS D 373 -16.37 -46.15 33.62
C HIS D 373 -16.94 -46.01 35.02
N ARG D 374 -17.16 -44.78 35.49
CA ARG D 374 -17.78 -44.60 36.79
C ARG D 374 -19.14 -45.27 36.83
N SER D 375 -19.92 -45.14 35.75
CA SER D 375 -21.23 -45.79 35.66
C SER D 375 -21.13 -47.29 35.85
N VAL D 376 -20.20 -47.93 35.12
CA VAL D 376 -20.06 -49.37 35.25
C VAL D 376 -19.62 -49.75 36.66
N LYS D 377 -18.67 -49.01 37.22
CA LYS D 377 -18.14 -49.35 38.54
C LYS D 377 -19.20 -49.18 39.63
N MET D 378 -20.14 -48.28 39.45
CA MET D 378 -21.13 -48.05 40.49
C MET D 378 -22.43 -48.77 40.19
N GLY D 379 -22.50 -49.50 39.09
CA GLY D 379 -23.71 -50.24 38.77
C GLY D 379 -24.91 -49.36 38.51
N ALA D 380 -24.69 -48.22 37.86
CA ALA D 380 -25.80 -47.35 37.49
C ALA D 380 -26.56 -47.93 36.31
N SER D 381 -27.77 -47.40 36.08
CA SER D 381 -28.65 -47.96 35.08
C SER D 381 -28.35 -47.46 33.67
N THR D 382 -27.59 -46.37 33.54
CA THR D 382 -27.14 -45.88 32.25
C THR D 382 -25.65 -45.57 32.31
N LEU D 383 -25.04 -45.45 31.15
CA LEU D 383 -23.64 -45.12 31.08
C LEU D 383 -23.38 -43.65 31.35
N GLY D 384 -24.42 -42.89 31.68
CA GLY D 384 -24.32 -41.51 32.13
C GLY D 384 -24.68 -41.41 33.60
N GLU D 385 -24.14 -42.35 34.38
CA GLU D 385 -24.26 -42.38 35.84
C GLU D 385 -25.70 -42.34 36.32
N GLY D 386 -26.59 -43.00 35.57
CA GLY D 386 -28.01 -43.02 35.85
C GLY D 386 -28.83 -42.04 35.02
N SER D 387 -28.25 -40.92 34.60
CA SER D 387 -28.99 -39.95 33.78
C SER D 387 -29.15 -40.44 32.33
N GLU D 388 -30.22 -39.96 31.70
CA GLU D 388 -30.55 -40.33 30.32
C GLU D 388 -29.87 -39.42 29.30
N PHE D 389 -30.00 -38.11 29.46
CA PHE D 389 -29.35 -37.16 28.58
C PHE D 389 -28.21 -36.43 29.29
N GLY D 390 -27.29 -35.89 28.50
CA GLY D 390 -26.15 -35.21 29.09
C GLY D 390 -25.54 -34.26 28.09
N PHE D 391 -24.67 -33.39 28.61
CA PHE D 391 -23.95 -32.42 27.80
C PHE D 391 -22.51 -32.89 27.57
N PHE D 392 -22.00 -32.56 26.38
CA PHE D 392 -20.61 -32.74 25.97
C PHE D 392 -20.11 -31.36 25.55
N ILE D 393 -19.29 -30.71 26.38
CA ILE D 393 -19.04 -29.27 26.29
C ILE D 393 -17.56 -29.00 26.13
N GLY D 394 -17.21 -28.14 25.15
CA GLY D 394 -15.85 -27.65 25.01
C GLY D 394 -15.86 -26.14 24.90
N PHE D 395 -14.71 -25.51 25.18
CA PHE D 395 -14.57 -24.08 24.98
C PHE D 395 -13.11 -23.68 24.72
N GLY D 396 -12.94 -22.47 24.16
CA GLY D 396 -11.63 -21.99 23.77
C GLY D 396 -11.72 -20.64 23.08
N PRO D 397 -10.69 -20.29 22.31
CA PRO D 397 -10.61 -18.94 21.70
C PRO D 397 -11.92 -18.53 21.01
N GLY D 398 -12.30 -17.27 21.20
CA GLY D 398 -13.52 -16.79 20.59
C GLY D 398 -14.18 -15.59 21.25
N LEU D 399 -14.63 -15.71 22.51
CA LEU D 399 -14.55 -16.97 23.28
C LEU D 399 -15.65 -17.92 22.78
N THR D 400 -15.27 -19.11 22.33
CA THR D 400 -16.21 -20.05 21.71
C THR D 400 -16.65 -21.10 22.73
N LEU D 401 -17.96 -21.29 22.81
CA LEU D 401 -18.59 -22.37 23.58
C LEU D 401 -19.20 -23.38 22.60
N GLU D 402 -18.80 -24.65 22.75
CA GLU D 402 -19.27 -25.75 21.91
C GLU D 402 -20.05 -26.73 22.79
N VAL D 403 -21.25 -27.11 22.36
CA VAL D 403 -22.12 -27.96 23.17
C VAL D 403 -22.78 -29.00 22.27
N LEU D 404 -22.72 -30.27 22.68
CA LEU D 404 -23.53 -31.34 22.10
C LEU D 404 -24.40 -31.97 23.18
N VAL D 405 -25.52 -32.54 22.77
CA VAL D 405 -26.42 -33.24 23.67
C VAL D 405 -26.43 -34.73 23.31
N LEU D 406 -26.15 -35.56 24.28
CA LEU D 406 -26.06 -36.99 24.07
C LEU D 406 -27.14 -37.69 24.88
N ARG D 407 -27.49 -38.89 24.44
CA ARG D 407 -28.29 -39.83 25.21
C ARG D 407 -27.43 -41.04 25.58
N ALA D 408 -27.45 -41.43 26.84
CA ALA D 408 -26.63 -42.54 27.31
C ALA D 408 -27.33 -43.88 27.11
N ALA D 409 -26.53 -44.90 26.75
CA ALA D 409 -27.07 -46.24 26.62
C ALA D 409 -27.45 -46.83 27.98
N PRO D 410 -28.31 -47.86 27.98
CA PRO D 410 -28.52 -48.61 29.23
C PRO D 410 -27.29 -49.42 29.58
N ASN D 411 -27.11 -49.64 30.86
CA ASN D 411 -25.99 -50.43 31.38
C ASN D 411 -26.47 -51.85 31.60
N SER D 412 -26.22 -52.73 30.62
CA SER D 412 -26.61 -54.12 30.78
C SER D 412 -25.41 -55.01 31.16
N ARG E 30 -9.21 38.70 -23.21
CA ARG E 30 -9.09 37.34 -23.74
C ARG E 30 -8.59 37.38 -25.19
N ALA E 31 -7.32 36.98 -25.41
CA ALA E 31 -6.67 37.16 -26.71
C ALA E 31 -7.26 36.27 -27.79
N GLN E 32 -7.83 35.14 -27.44
CA GLN E 32 -8.66 34.38 -28.38
C GLN E 32 -10.10 34.51 -27.92
N PRO E 33 -10.94 35.27 -28.61
CA PRO E 33 -12.29 35.53 -28.08
C PRO E 33 -13.12 34.26 -28.05
N ARG E 34 -13.93 34.13 -26.99
CA ARG E 34 -14.75 32.95 -26.76
C ARG E 34 -16.09 33.08 -27.48
N ALA E 35 -16.79 31.96 -27.59
CA ALA E 35 -18.14 31.94 -28.13
C ALA E 35 -19.15 32.14 -27.00
N GLU E 36 -20.41 32.40 -27.36
CA GLU E 36 -21.40 32.75 -26.35
C GLU E 36 -22.43 31.67 -26.05
N GLY E 37 -23.01 31.04 -27.06
CA GLY E 37 -24.08 30.09 -26.81
C GLY E 37 -23.57 28.67 -26.62
N PRO E 38 -24.47 27.72 -26.36
CA PRO E 38 -24.07 26.31 -26.29
C PRO E 38 -23.66 25.74 -27.65
N ALA E 39 -22.88 24.66 -27.57
CA ALA E 39 -22.46 23.95 -28.76
C ALA E 39 -23.64 23.25 -29.43
N CYS E 40 -23.69 23.34 -30.75
CA CYS E 40 -24.79 22.79 -31.52
C CYS E 40 -24.31 21.82 -32.56
N VAL E 41 -25.05 20.73 -32.69
CA VAL E 41 -24.91 19.83 -33.83
C VAL E 41 -25.56 20.48 -35.05
N LEU E 42 -24.75 20.78 -36.05
CA LEU E 42 -25.20 21.55 -37.19
C LEU E 42 -25.37 20.73 -38.45
N GLY E 43 -24.94 19.47 -38.43
CA GLY E 43 -25.03 18.53 -39.55
C GLY E 43 -24.47 17.17 -39.18
N ILE E 44 -25.02 16.12 -39.79
CA ILE E 44 -24.66 14.76 -39.46
C ILE E 44 -24.42 14.02 -40.78
N GLY E 45 -23.40 13.15 -40.80
CA GLY E 45 -23.13 12.30 -41.93
C GLY E 45 -22.62 10.95 -41.45
N THR E 46 -23.03 9.84 -42.12
CA THR E 46 -22.59 8.47 -41.83
C THR E 46 -22.14 7.79 -43.13
N ALA E 47 -21.32 6.76 -42.98
CA ALA E 47 -20.81 6.03 -44.13
C ALA E 47 -20.36 4.61 -43.72
N VAL E 48 -20.52 3.67 -44.65
CA VAL E 48 -20.13 2.26 -44.45
C VAL E 48 -19.58 1.72 -45.75
N PRO E 49 -18.65 0.77 -45.66
CA PRO E 49 -18.18 0.10 -46.88
C PRO E 49 -19.30 -0.64 -47.57
N PRO E 50 -19.22 -0.80 -48.90
CA PRO E 50 -20.37 -1.28 -49.67
C PRO E 50 -20.77 -2.74 -49.43
N ALA E 51 -19.83 -3.65 -49.18
CA ALA E 51 -20.15 -5.07 -49.06
C ALA E 51 -20.96 -5.39 -47.79
N GLU E 52 -22.06 -6.11 -47.95
CA GLU E 52 -22.96 -6.45 -46.86
C GLU E 52 -22.84 -7.94 -46.55
N PHE E 53 -22.86 -8.28 -45.26
CA PHE E 53 -22.73 -9.66 -44.80
C PHE E 53 -23.95 -10.01 -43.97
N LEU E 54 -24.80 -10.87 -44.50
CA LEU E 54 -25.98 -11.32 -43.75
C LEU E 54 -25.58 -12.24 -42.60
N GLN E 55 -26.15 -11.97 -41.42
CA GLN E 55 -25.76 -12.74 -40.23
C GLN E 55 -26.14 -14.20 -40.38
N SER E 56 -27.30 -14.47 -41.00
CA SER E 56 -27.75 -15.83 -41.19
C SER E 56 -26.83 -16.63 -42.09
N GLU E 57 -25.96 -15.97 -42.84
CA GLU E 57 -25.06 -16.65 -43.76
C GLU E 57 -23.62 -16.55 -43.31
N TYR E 58 -23.34 -15.88 -42.20
CA TYR E 58 -21.96 -15.53 -41.89
C TYR E 58 -21.16 -16.75 -41.39
N PRO E 59 -21.72 -17.58 -40.49
CA PRO E 59 -20.93 -18.76 -40.07
C PRO E 59 -20.36 -19.55 -41.22
N ASP E 60 -21.11 -19.77 -42.30
CA ASP E 60 -20.56 -20.53 -43.43
C ASP E 60 -19.40 -19.80 -44.08
N PHE E 61 -19.57 -18.52 -44.39
CA PHE E 61 -18.53 -17.76 -45.06
C PHE E 61 -17.28 -17.69 -44.20
N PHE E 62 -17.48 -17.32 -42.92
CA PHE E 62 -16.38 -17.07 -42.01
C PHE E 62 -15.53 -18.33 -41.83
N PHE E 63 -16.16 -19.45 -41.49
CA PHE E 63 -15.39 -20.66 -41.24
C PHE E 63 -14.78 -21.18 -42.53
N ASN E 64 -15.37 -20.82 -43.67
CA ASN E 64 -14.82 -21.21 -44.96
C ASN E 64 -13.53 -20.43 -45.26
N ILE E 65 -13.61 -19.11 -45.25
CA ILE E 65 -12.47 -18.26 -45.61
C ILE E 65 -11.31 -18.39 -44.63
N THR E 66 -11.54 -18.94 -43.44
CA THR E 66 -10.45 -19.13 -42.49
C THR E 66 -9.92 -20.56 -42.49
N ASN E 67 -10.42 -21.41 -43.40
CA ASN E 67 -10.05 -22.84 -43.50
C ASN E 67 -10.37 -23.61 -42.22
N CYS E 68 -11.53 -23.33 -41.64
CA CYS E 68 -12.00 -23.99 -40.44
C CYS E 68 -13.31 -24.75 -40.67
N GLY E 69 -13.65 -25.02 -41.92
CA GLY E 69 -14.94 -25.65 -42.23
C GLY E 69 -15.13 -27.02 -41.62
N GLU E 70 -14.04 -27.69 -41.24
CA GLU E 70 -14.14 -29.00 -40.61
C GLU E 70 -14.48 -28.92 -39.12
N LYS E 71 -14.41 -27.75 -38.51
CA LYS E 71 -14.59 -27.63 -37.07
C LYS E 71 -16.07 -27.45 -36.73
N GLU E 72 -16.83 -28.53 -36.92
CA GLU E 72 -18.29 -28.42 -36.86
C GLU E 72 -18.79 -27.99 -35.48
N ALA E 73 -18.25 -28.58 -34.42
CA ALA E 73 -18.71 -28.22 -33.09
C ALA E 73 -18.42 -26.75 -32.79
N LEU E 74 -17.26 -26.25 -33.21
CA LEU E 74 -16.96 -24.85 -33.00
C LEU E 74 -17.90 -23.98 -33.80
N LYS E 75 -18.16 -24.35 -35.06
CA LYS E 75 -19.05 -23.58 -35.91
C LYS E 75 -20.46 -23.55 -35.34
N ALA E 76 -20.92 -24.64 -34.73
CA ALA E 76 -22.23 -24.62 -34.09
C ALA E 76 -22.27 -23.60 -32.97
N LYS E 77 -21.22 -23.54 -32.15
CA LYS E 77 -21.15 -22.53 -31.10
C LYS E 77 -21.22 -21.13 -31.70
N PHE E 78 -20.44 -20.89 -32.76
CA PHE E 78 -20.45 -19.58 -33.37
C PHE E 78 -21.85 -19.25 -33.87
N LYS E 79 -22.53 -20.23 -34.45
CA LYS E 79 -23.90 -20.00 -34.93
C LYS E 79 -24.84 -19.65 -33.80
N ARG E 80 -24.73 -20.36 -32.66
CA ARG E 80 -25.55 -20.04 -31.49
C ARG E 80 -25.36 -18.57 -31.09
N ILE E 81 -24.10 -18.10 -31.10
CA ILE E 81 -23.78 -16.72 -30.74
C ILE E 81 -24.37 -15.74 -31.75
N CYS E 82 -24.24 -16.05 -33.05
CA CYS E 82 -24.83 -15.19 -34.07
C CYS E 82 -26.33 -15.06 -33.90
N ASP E 83 -27.00 -16.18 -33.59
CA ASP E 83 -28.45 -16.20 -33.44
C ASP E 83 -28.92 -15.35 -32.27
N LYS E 84 -28.07 -15.13 -31.27
CA LYS E 84 -28.40 -14.40 -30.07
C LYS E 84 -27.90 -12.96 -30.13
N SER E 85 -27.31 -12.55 -31.26
CA SER E 85 -26.62 -11.27 -31.36
C SER E 85 -27.56 -10.09 -31.58
N GLY E 86 -28.74 -10.33 -32.13
CA GLY E 86 -29.63 -9.24 -32.48
C GLY E 86 -29.23 -8.52 -33.73
N ILE E 87 -28.40 -9.13 -34.56
CA ILE E 87 -27.83 -8.48 -35.74
C ILE E 87 -28.35 -9.17 -36.99
N ARG E 88 -28.86 -8.39 -37.94
CA ARG E 88 -29.27 -8.93 -39.23
C ARG E 88 -28.18 -8.81 -40.29
N LYS E 89 -27.48 -7.69 -40.39
CA LYS E 89 -26.35 -7.61 -41.31
C LYS E 89 -25.33 -6.59 -40.81
N ARG E 90 -24.12 -6.68 -41.38
CA ARG E 90 -23.04 -5.76 -41.10
C ARG E 90 -22.35 -5.42 -42.41
N HIS E 91 -21.69 -4.27 -42.45
CA HIS E 91 -20.88 -3.86 -43.60
C HIS E 91 -19.41 -4.02 -43.22
N MET E 92 -18.58 -4.53 -44.15
CA MET E 92 -17.15 -4.76 -43.87
C MET E 92 -16.30 -4.54 -45.12
N PHE E 93 -15.13 -3.93 -44.95
CA PHE E 93 -14.22 -3.85 -46.07
C PHE E 93 -13.58 -5.21 -46.39
N LEU E 94 -13.49 -6.11 -45.41
CA LEU E 94 -12.82 -7.41 -45.57
C LEU E 94 -13.70 -8.37 -46.35
N THR E 95 -13.64 -8.23 -47.68
CA THR E 95 -14.37 -9.11 -48.60
C THR E 95 -13.56 -10.37 -48.87
N GLU E 96 -14.14 -11.27 -49.66
CA GLU E 96 -13.42 -12.46 -50.06
C GLU E 96 -12.10 -12.10 -50.74
N GLU E 97 -12.14 -11.12 -51.67
CA GLU E 97 -10.93 -10.78 -52.42
C GLU E 97 -9.85 -10.29 -51.49
N VAL E 98 -10.20 -9.38 -50.58
CA VAL E 98 -9.21 -8.79 -49.67
C VAL E 98 -8.64 -9.86 -48.75
N LEU E 99 -9.50 -10.73 -48.20
CA LEU E 99 -9.05 -11.74 -47.25
C LEU E 99 -8.09 -12.72 -47.91
N LYS E 100 -8.40 -13.16 -49.14
CA LYS E 100 -7.47 -14.02 -49.88
C LYS E 100 -6.17 -13.30 -50.19
N ALA E 101 -6.21 -11.97 -50.36
CA ALA E 101 -5.01 -11.20 -50.64
C ALA E 101 -4.15 -10.94 -49.41
N ASN E 102 -4.67 -11.21 -48.21
CA ASN E 102 -3.95 -10.98 -46.94
C ASN E 102 -4.09 -12.20 -46.03
N PRO E 103 -3.52 -13.35 -46.43
CA PRO E 103 -3.74 -14.58 -45.66
C PRO E 103 -3.31 -14.51 -44.20
N GLY E 104 -2.38 -13.62 -43.84
CA GLY E 104 -1.98 -13.48 -42.44
C GLY E 104 -3.14 -13.13 -41.53
N ILE E 105 -4.11 -12.36 -42.04
CA ILE E 105 -5.28 -11.93 -41.28
C ILE E 105 -6.16 -13.13 -40.97
N CYS E 106 -6.06 -14.18 -41.78
CA CYS E 106 -6.91 -15.36 -41.64
C CYS E 106 -6.35 -16.39 -40.68
N THR E 107 -5.24 -16.09 -40.03
CA THR E 107 -4.70 -17.00 -39.05
C THR E 107 -5.28 -16.68 -37.67
N TYR E 108 -5.02 -17.56 -36.71
CA TYR E 108 -5.44 -17.33 -35.33
C TYR E 108 -4.46 -16.38 -34.62
N MET E 109 -3.17 -16.70 -34.60
CA MET E 109 -2.21 -15.89 -33.85
C MET E 109 -0.86 -15.72 -34.56
N GLU E 110 -0.80 -15.89 -35.89
CA GLU E 110 0.44 -15.59 -36.58
C GLU E 110 0.66 -14.07 -36.57
N PRO E 111 1.90 -13.61 -36.41
CA PRO E 111 2.16 -12.15 -36.36
C PRO E 111 1.70 -11.44 -37.62
N SER E 112 0.84 -10.44 -37.45
CA SER E 112 0.17 -9.86 -38.60
C SER E 112 -0.13 -8.38 -38.43
N LEU E 113 0.41 -7.71 -37.40
CA LEU E 113 0.01 -6.34 -37.18
C LEU E 113 0.34 -5.45 -38.39
N ASN E 114 1.43 -5.73 -39.10
CA ASN E 114 1.82 -4.79 -40.15
C ASN E 114 0.92 -4.90 -41.36
N VAL E 115 0.54 -6.12 -41.75
CA VAL E 115 -0.45 -6.25 -42.82
C VAL E 115 -1.79 -5.69 -42.36
N ARG E 116 -2.09 -5.73 -41.06
CA ARG E 116 -3.32 -5.11 -40.59
C ARG E 116 -3.24 -3.59 -40.77
N HIS E 117 -2.14 -2.97 -40.30
CA HIS E 117 -2.09 -1.51 -40.33
C HIS E 117 -2.14 -0.98 -41.76
N ASP E 118 -1.52 -1.70 -42.72
CA ASP E 118 -1.53 -1.26 -44.10
C ASP E 118 -2.95 -1.12 -44.63
N ILE E 119 -3.89 -1.90 -44.12
CA ILE E 119 -5.27 -1.76 -44.51
C ILE E 119 -5.93 -0.59 -43.78
N VAL E 120 -5.84 -0.56 -42.45
CA VAL E 120 -6.67 0.42 -41.73
C VAL E 120 -6.12 1.83 -41.85
N VAL E 121 -4.84 1.99 -42.18
CA VAL E 121 -4.29 3.35 -42.24
C VAL E 121 -4.89 4.14 -43.39
N VAL E 122 -5.31 3.46 -44.44
CA VAL E 122 -6.02 4.19 -45.49
C VAL E 122 -7.53 4.12 -45.25
N GLN E 123 -8.06 2.98 -44.82
CA GLN E 123 -9.52 2.82 -44.83
C GLN E 123 -10.18 3.73 -43.80
N VAL E 124 -9.55 3.86 -42.62
CA VAL E 124 -10.18 4.62 -41.53
C VAL E 124 -10.38 6.10 -41.87
N PRO E 125 -9.37 6.82 -42.35
CA PRO E 125 -9.65 8.21 -42.77
C PRO E 125 -10.50 8.30 -44.02
N LYS E 126 -10.40 7.34 -44.94
CA LYS E 126 -11.16 7.40 -46.19
C LYS E 126 -12.66 7.30 -45.91
N LEU E 127 -13.04 6.40 -45.01
CA LEU E 127 -14.43 6.26 -44.61
C LEU E 127 -14.88 7.52 -43.87
N ALA E 128 -14.00 8.06 -43.01
CA ALA E 128 -14.33 9.27 -42.28
C ALA E 128 -14.64 10.42 -43.23
N ALA E 129 -13.86 10.53 -44.32
CA ALA E 129 -14.05 11.59 -45.30
C ALA E 129 -15.39 11.44 -46.04
N GLU E 130 -15.83 10.19 -46.29
CA GLU E 130 -17.13 9.96 -46.92
C GLU E 130 -18.25 10.50 -46.06
N ALA E 131 -18.19 10.23 -44.75
CA ALA E 131 -19.23 10.72 -43.84
C ALA E 131 -19.14 12.22 -43.65
N ALA E 132 -17.91 12.76 -43.66
CA ALA E 132 -17.71 14.18 -43.42
C ALA E 132 -18.34 15.00 -44.52
N GLN E 133 -18.22 14.53 -45.77
CA GLN E 133 -18.81 15.24 -46.88
C GLN E 133 -20.32 15.33 -46.69
N LYS E 134 -20.94 14.26 -46.19
CA LYS E 134 -22.38 14.32 -45.99
C LYS E 134 -22.74 15.29 -44.88
N ALA E 135 -22.03 15.26 -43.74
CA ALA E 135 -22.33 16.18 -42.65
C ALA E 135 -22.14 17.64 -43.06
N ILE E 136 -21.11 17.91 -43.87
CA ILE E 136 -20.84 19.27 -44.31
C ILE E 136 -21.93 19.74 -45.27
N LYS E 137 -22.39 18.88 -46.18
CA LYS E 137 -23.52 19.27 -47.04
C LYS E 137 -24.72 19.65 -46.19
N GLU E 138 -25.04 18.85 -45.18
CA GLU E 138 -26.22 19.19 -44.39
C GLU E 138 -26.00 20.50 -43.67
N TRP E 139 -24.79 20.69 -43.11
CA TRP E 139 -24.44 21.93 -42.41
C TRP E 139 -24.69 23.14 -43.29
N GLY E 140 -24.22 23.09 -44.53
CA GLY E 140 -24.36 24.17 -45.49
C GLY E 140 -23.16 25.12 -45.58
N GLY E 141 -22.15 25.00 -44.72
CA GLY E 141 -21.02 25.91 -44.73
C GLY E 141 -19.92 25.51 -45.73
N ARG E 142 -18.87 26.34 -45.78
CA ARG E 142 -17.72 26.04 -46.63
C ARG E 142 -16.66 25.34 -45.81
N LYS E 143 -15.97 24.37 -46.43
CA LYS E 143 -14.92 23.63 -45.73
C LYS E 143 -13.83 24.55 -45.15
N SER E 144 -13.57 25.70 -45.81
CA SER E 144 -12.52 26.61 -45.33
C SER E 144 -12.86 27.29 -44.01
N ASP E 145 -14.06 27.09 -43.49
CA ASP E 145 -14.44 27.60 -42.19
C ASP E 145 -14.36 26.52 -41.10
N ILE E 146 -13.98 25.30 -41.43
CA ILE E 146 -13.73 24.31 -40.40
C ILE E 146 -12.49 24.72 -39.63
N THR E 147 -12.60 24.75 -38.31
CA THR E 147 -11.46 25.20 -37.52
C THR E 147 -10.82 24.08 -36.69
N HIS E 148 -11.50 22.95 -36.49
CA HIS E 148 -11.07 21.95 -35.54
C HIS E 148 -11.44 20.55 -36.01
N ILE E 149 -10.61 19.57 -35.65
CA ILE E 149 -10.95 18.16 -35.83
C ILE E 149 -10.79 17.42 -34.50
N VAL E 150 -11.81 16.67 -34.10
CA VAL E 150 -11.71 15.72 -32.99
C VAL E 150 -12.02 14.33 -33.54
N PHE E 151 -11.10 13.39 -33.35
CA PHE E 151 -11.16 12.12 -34.06
C PHE E 151 -10.89 10.96 -33.10
N ALA E 152 -11.83 10.01 -33.00
CA ALA E 152 -11.59 8.79 -32.24
C ALA E 152 -11.65 7.58 -33.16
N THR E 153 -10.88 6.55 -32.80
CA THR E 153 -10.94 5.26 -33.46
C THR E 153 -10.38 4.19 -32.53
N THR E 154 -10.65 2.93 -32.88
CA THR E 154 -10.14 1.74 -32.20
C THR E 154 -9.38 0.83 -33.16
N SER E 155 -9.11 1.28 -34.38
CA SER E 155 -8.64 0.43 -35.46
C SER E 155 -7.20 0.78 -35.83
N GLY E 156 -6.28 0.55 -34.91
CA GLY E 156 -4.88 0.84 -35.22
C GLY E 156 -4.45 2.29 -35.00
N VAL E 157 -3.15 2.53 -35.18
CA VAL E 157 -2.55 3.83 -34.93
C VAL E 157 -1.54 4.11 -36.05
N ASN E 158 -1.24 5.40 -36.25
CA ASN E 158 -0.27 5.80 -37.24
C ASN E 158 0.25 7.20 -36.95
N MET E 159 1.46 7.48 -37.45
CA MET E 159 2.07 8.81 -37.35
C MET E 159 2.51 9.30 -38.72
N PRO E 160 1.97 10.44 -39.22
CA PRO E 160 0.92 11.29 -38.63
C PRO E 160 -0.41 10.53 -38.58
N GLY E 161 -1.41 11.04 -37.83
CA GLY E 161 -2.61 10.28 -37.51
C GLY E 161 -3.71 10.46 -38.52
N ALA E 162 -4.81 9.72 -38.31
CA ALA E 162 -5.96 9.80 -39.21
C ALA E 162 -6.51 11.23 -39.31
N ASP E 163 -6.41 12.01 -38.22
CA ASP E 163 -6.81 13.42 -38.25
C ASP E 163 -6.08 14.18 -39.34
N HIS E 164 -4.77 13.95 -39.47
CA HIS E 164 -3.95 14.58 -40.50
C HIS E 164 -4.40 14.13 -41.88
N ALA E 165 -4.65 12.83 -42.04
CA ALA E 165 -5.13 12.30 -43.32
C ALA E 165 -6.45 12.95 -43.73
N LEU E 166 -7.36 13.08 -42.78
CA LEU E 166 -8.69 13.62 -43.07
C LEU E 166 -8.62 15.06 -43.52
N ALA E 167 -7.77 15.86 -42.87
CA ALA E 167 -7.56 17.22 -43.31
C ALA E 167 -7.06 17.26 -44.74
N LYS E 168 -6.14 16.36 -45.11
CA LYS E 168 -5.66 16.32 -46.50
C LYS E 168 -6.77 15.91 -47.45
N LEU E 169 -7.49 14.85 -47.12
CA LEU E 169 -8.53 14.35 -48.03
C LEU E 169 -9.59 15.43 -48.27
N LEU E 170 -9.92 16.22 -47.24
CA LEU E 170 -10.94 17.23 -47.36
C LEU E 170 -10.41 18.58 -47.84
N GLY E 171 -9.10 18.73 -47.99
CA GLY E 171 -8.50 19.99 -48.40
C GLY E 171 -8.74 21.15 -47.44
N LEU E 172 -8.57 20.88 -46.15
CA LEU E 172 -8.80 21.87 -45.11
C LEU E 172 -7.64 22.88 -45.03
N LYS E 173 -7.83 23.93 -44.23
CA LYS E 173 -6.75 24.86 -43.95
C LYS E 173 -5.65 24.13 -43.18
N PRO E 174 -4.37 24.35 -43.51
CA PRO E 174 -3.29 23.69 -42.75
C PRO E 174 -3.24 24.06 -41.28
N THR E 175 -3.90 25.14 -40.88
CA THR E 175 -3.92 25.59 -39.49
C THR E 175 -5.07 25.00 -38.69
N VAL E 176 -5.74 23.98 -39.23
CA VAL E 176 -6.78 23.32 -38.47
C VAL E 176 -6.23 22.74 -37.17
N LYS E 177 -6.99 22.90 -36.11
CA LYS E 177 -6.57 22.41 -34.80
C LYS E 177 -7.14 21.01 -34.58
N ARG E 178 -6.27 20.07 -34.19
CA ARG E 178 -6.57 18.65 -34.17
C ARG E 178 -6.42 18.06 -32.76
N VAL E 179 -7.30 17.11 -32.45
CA VAL E 179 -7.26 16.28 -31.24
C VAL E 179 -7.45 14.86 -31.73
N MET E 180 -6.40 14.03 -31.62
CA MET E 180 -6.44 12.66 -32.14
C MET E 180 -6.49 11.69 -30.96
N MET E 181 -7.68 11.10 -30.70
CA MET E 181 -7.83 10.11 -29.63
C MET E 181 -7.85 8.72 -30.23
N TYR E 182 -6.64 8.18 -30.43
CA TYR E 182 -6.43 6.79 -30.84
C TYR E 182 -6.77 5.80 -29.71
N GLN E 183 -7.32 4.65 -30.10
CA GLN E 183 -7.47 3.47 -29.23
C GLN E 183 -8.48 3.67 -28.10
N THR E 184 -9.60 4.32 -28.39
CA THR E 184 -10.54 4.64 -27.33
C THR E 184 -11.37 3.43 -26.92
N GLY E 185 -11.80 2.61 -27.88
CA GLY E 185 -12.82 1.62 -27.61
C GLY E 185 -14.19 2.27 -27.72
N PHE E 187 -16.46 3.84 -26.14
CA PHE E 187 -17.00 5.04 -25.54
C PHE E 187 -16.55 6.31 -26.29
N GLY E 188 -15.72 6.15 -27.33
CA GLY E 188 -15.05 7.28 -27.95
C GLY E 188 -15.97 8.21 -28.72
N GLY E 189 -17.07 7.68 -29.27
CA GLY E 189 -18.03 8.56 -29.93
C GLY E 189 -18.57 9.62 -28.99
N ALA E 190 -18.89 9.22 -27.75
CA ALA E 190 -19.25 10.22 -26.74
C ALA E 190 -18.07 11.13 -26.46
N SER E 191 -16.85 10.56 -26.47
CA SER E 191 -15.68 11.36 -26.15
C SER E 191 -15.51 12.51 -27.14
N VAL E 192 -15.67 12.24 -28.45
CA VAL E 192 -15.40 13.27 -29.44
C VAL E 192 -16.41 14.39 -29.29
N LEU E 193 -17.65 14.04 -28.91
CA LEU E 193 -18.63 15.10 -28.74
C LEU E 193 -18.33 15.91 -27.48
N ARG E 194 -17.85 15.25 -26.43
CA ARG E 194 -17.46 15.96 -25.22
C ARG E 194 -16.33 16.94 -25.50
N VAL E 195 -15.31 16.52 -26.24
CA VAL E 195 -14.19 17.43 -26.49
C VAL E 195 -14.64 18.57 -27.39
N ALA E 196 -15.38 18.24 -28.47
CA ALA E 196 -15.88 19.25 -29.39
C ALA E 196 -16.67 20.33 -28.65
N LYS E 197 -17.39 19.94 -27.59
CA LYS E 197 -18.16 20.90 -26.81
C LYS E 197 -17.28 22.03 -26.28
N ASP E 198 -16.19 21.69 -25.58
CA ASP E 198 -15.33 22.75 -25.02
C ASP E 198 -14.63 23.52 -26.14
N LEU E 199 -14.25 22.84 -27.23
CA LEU E 199 -13.56 23.54 -28.31
C LEU E 199 -14.46 24.57 -28.99
N ALA E 200 -15.74 24.22 -29.19
CA ALA E 200 -16.68 25.11 -29.86
C ALA E 200 -17.13 26.25 -28.95
N GLU E 201 -17.32 25.97 -27.64
CA GLU E 201 -17.83 26.98 -26.73
C GLU E 201 -16.76 28.02 -26.38
N ASN E 202 -15.49 27.67 -26.47
CA ASN E 202 -14.42 28.54 -26.02
C ASN E 202 -13.76 29.30 -27.17
N ASN E 203 -14.28 29.16 -28.40
CA ASN E 203 -13.62 29.80 -29.54
C ASN E 203 -14.66 30.39 -30.49
N LYS E 204 -14.75 31.73 -30.49
CA LYS E 204 -15.71 32.43 -31.34
C LYS E 204 -15.45 32.11 -32.80
N GLY E 205 -16.52 31.67 -33.49
CA GLY E 205 -16.50 31.25 -34.87
C GLY E 205 -16.05 29.84 -35.11
N ALA E 206 -15.71 29.08 -34.06
CA ALA E 206 -15.17 27.74 -34.29
C ALA E 206 -16.24 26.81 -34.87
N ARG E 207 -15.84 26.02 -35.87
CA ARG E 207 -16.70 24.99 -36.46
C ARG E 207 -15.92 23.68 -36.49
N VAL E 208 -16.38 22.69 -35.72
CA VAL E 208 -15.62 21.49 -35.39
C VAL E 208 -16.16 20.27 -36.13
N LEU E 209 -15.25 19.47 -36.68
CA LEU E 209 -15.58 18.13 -37.13
C LEU E 209 -15.32 17.13 -35.99
N ALA E 210 -16.39 16.53 -35.45
CA ALA E 210 -16.27 15.45 -34.49
C ALA E 210 -16.42 14.12 -35.22
N VAL E 211 -15.40 13.26 -35.15
CA VAL E 211 -15.26 12.13 -36.06
C VAL E 211 -15.04 10.83 -35.28
N ALA E 212 -15.76 9.78 -35.67
CA ALA E 212 -15.44 8.43 -35.19
C ALA E 212 -15.57 7.44 -36.34
N SER E 213 -14.51 6.65 -36.58
CA SER E 213 -14.46 5.76 -37.73
C SER E 213 -13.82 4.44 -37.32
N GLU E 214 -14.42 3.32 -37.72
CA GLU E 214 -13.97 2.00 -37.27
C GLU E 214 -13.93 1.03 -38.43
N VAL E 215 -12.87 0.21 -38.49
CA VAL E 215 -12.70 -0.84 -39.50
C VAL E 215 -12.14 -2.11 -38.85
N THR E 216 -12.78 -3.26 -39.10
CA THR E 216 -12.56 -4.47 -38.33
C THR E 216 -11.28 -5.23 -38.68
N ALA E 217 -10.46 -4.74 -39.60
CA ALA E 217 -9.30 -5.51 -40.03
C ALA E 217 -8.23 -5.67 -38.92
N VAL E 218 -8.27 -4.84 -37.88
CA VAL E 218 -7.25 -4.96 -36.84
C VAL E 218 -7.60 -6.03 -35.80
N THR E 219 -8.86 -6.43 -35.71
CA THR E 219 -9.31 -7.37 -34.70
C THR E 219 -9.71 -8.72 -35.28
N TYR E 220 -9.96 -8.81 -36.59
CA TYR E 220 -10.44 -10.02 -37.25
C TYR E 220 -9.44 -11.18 -37.07
N ARG E 221 -9.96 -12.38 -36.80
CA ARG E 221 -9.07 -13.53 -36.81
C ARG E 221 -9.90 -14.82 -36.86
N ALA E 222 -9.21 -15.90 -37.25
CA ALA E 222 -9.81 -17.23 -37.36
C ALA E 222 -10.43 -17.69 -36.04
N PRO E 223 -11.54 -18.42 -36.09
CA PRO E 223 -12.15 -18.94 -34.86
C PRO E 223 -11.34 -20.07 -34.20
N SER E 224 -11.42 -20.14 -32.88
CA SER E 224 -10.65 -21.11 -32.11
C SER E 224 -11.34 -21.42 -30.78
N GLU E 225 -11.31 -22.69 -30.38
CA GLU E 225 -11.81 -23.06 -29.05
C GLU E 225 -11.03 -22.41 -27.93
N ASN E 226 -9.84 -21.87 -28.22
CA ASN E 226 -9.05 -21.20 -27.19
C ASN E 226 -9.47 -19.76 -26.92
N HIS E 227 -10.32 -19.14 -27.77
CA HIS E 227 -10.54 -17.70 -27.69
C HIS E 227 -12.01 -17.37 -27.86
N LEU E 228 -12.78 -17.60 -26.80
CA LEU E 228 -14.23 -17.46 -26.90
C LEU E 228 -14.61 -16.01 -27.15
N ASP E 229 -13.90 -15.07 -26.53
CA ASP E 229 -14.10 -13.65 -26.81
C ASP E 229 -13.86 -13.32 -28.28
N GLY E 230 -12.90 -13.99 -28.92
CA GLY E 230 -12.76 -13.85 -30.36
C GLY E 230 -14.04 -14.20 -31.09
N LEU E 231 -14.64 -15.34 -30.72
CA LEU E 231 -15.90 -15.76 -31.31
C LEU E 231 -16.95 -14.67 -31.17
N VAL E 232 -17.04 -14.05 -29.99
CA VAL E 232 -18.09 -13.06 -29.78
C VAL E 232 -17.81 -11.81 -30.62
N GLY E 233 -16.55 -11.35 -30.64
CA GLY E 233 -16.21 -10.25 -31.51
C GLY E 233 -16.54 -10.54 -32.97
N SER E 234 -16.18 -11.74 -33.46
CA SER E 234 -16.44 -12.08 -34.85
C SER E 234 -17.92 -12.05 -35.20
N ALA E 235 -18.81 -12.16 -34.19
CA ALA E 235 -20.23 -12.06 -34.43
C ALA E 235 -20.77 -10.64 -34.28
N LEU E 236 -20.06 -9.77 -33.55
CA LEU E 236 -20.60 -8.45 -33.18
C LEU E 236 -20.12 -7.30 -34.05
N PHE E 237 -18.82 -7.23 -34.33
CA PHE E 237 -18.20 -6.01 -34.86
C PHE E 237 -18.42 -5.81 -36.36
N GLY E 238 -18.67 -4.56 -36.75
CA GLY E 238 -18.74 -4.17 -38.14
C GLY E 238 -18.11 -2.81 -38.37
N ASP E 239 -18.06 -2.40 -39.64
CA ASP E 239 -17.39 -1.15 -40.01
C ASP E 239 -18.40 -0.01 -40.14
N GLY E 240 -17.91 1.21 -39.93
CA GLY E 240 -18.74 2.40 -40.14
C GLY E 240 -18.07 3.67 -39.63
N ALA E 241 -18.56 4.85 -40.06
CA ALA E 241 -18.04 6.13 -39.58
C ALA E 241 -19.13 7.18 -39.50
N GLY E 242 -19.10 7.99 -38.45
CA GLY E 242 -19.98 9.14 -38.36
C GLY E 242 -19.20 10.40 -38.03
N VAL E 243 -19.66 11.53 -38.57
CA VAL E 243 -19.09 12.83 -38.20
C VAL E 243 -20.21 13.87 -38.06
N TYR E 244 -20.09 14.69 -37.01
CA TYR E 244 -20.97 15.82 -36.77
C TYR E 244 -20.18 17.11 -36.98
N VAL E 245 -20.84 18.14 -37.51
CA VAL E 245 -20.32 19.50 -37.47
C VAL E 245 -20.86 20.13 -36.19
N VAL E 246 -19.96 20.61 -35.32
CA VAL E 246 -20.35 21.18 -34.05
C VAL E 246 -19.88 22.64 -33.98
N GLY E 247 -20.75 23.53 -33.48
CA GLY E 247 -20.41 24.93 -33.37
C GLY E 247 -21.38 25.69 -32.48
N SER E 248 -20.90 26.73 -31.79
CA SER E 248 -21.79 27.62 -31.05
C SER E 248 -22.26 28.79 -31.93
N ASP E 249 -23.30 29.49 -31.46
CA ASP E 249 -23.72 30.76 -32.07
C ASP E 249 -24.05 30.60 -33.55
N PRO E 250 -25.06 29.81 -33.92
CA PRO E 250 -25.34 29.57 -35.36
C PRO E 250 -25.85 30.84 -36.07
N LYS E 251 -25.32 31.11 -37.28
CA LYS E 251 -25.77 32.29 -38.01
C LYS E 251 -27.24 32.18 -38.33
N PRO E 252 -28.07 33.09 -37.84
CA PRO E 252 -29.51 32.97 -38.10
C PRO E 252 -29.74 33.06 -39.60
N GLU E 253 -30.71 32.29 -40.09
CA GLU E 253 -31.12 32.21 -41.49
C GLU E 253 -30.07 31.54 -42.37
N VAL E 254 -28.99 31.01 -41.80
CA VAL E 254 -27.94 30.34 -42.55
C VAL E 254 -27.60 28.96 -41.98
N GLU E 255 -27.57 28.84 -40.66
CA GLU E 255 -27.23 27.59 -39.99
C GLU E 255 -28.41 27.10 -39.17
N LYS E 256 -28.65 25.79 -39.19
CA LYS E 256 -29.82 25.19 -38.54
C LYS E 256 -29.39 24.21 -37.47
N PRO E 257 -29.50 24.53 -36.19
CA PRO E 257 -29.10 23.56 -35.15
C PRO E 257 -30.08 22.40 -35.03
N LEU E 258 -29.53 21.20 -34.94
CA LEU E 258 -30.31 19.99 -34.76
C LEU E 258 -30.43 19.57 -33.30
N PHE E 259 -29.35 19.74 -32.54
CA PHE E 259 -29.32 19.44 -31.13
C PHE E 259 -28.40 20.44 -30.46
N GLU E 260 -28.69 20.72 -29.19
CA GLU E 260 -27.81 21.49 -28.33
C GLU E 260 -27.11 20.59 -27.33
N VAL E 261 -25.85 20.90 -27.05
CA VAL E 261 -25.10 20.18 -26.03
C VAL E 261 -25.12 20.99 -24.76
N HIS E 262 -25.65 20.40 -23.69
CA HIS E 262 -25.77 21.13 -22.45
C HIS E 262 -24.89 20.61 -21.32
N TRP E 263 -24.51 19.33 -21.35
CA TRP E 263 -23.73 18.71 -20.28
C TRP E 263 -22.93 17.54 -20.83
N ALA E 264 -21.74 17.33 -20.29
CA ALA E 264 -20.95 16.17 -20.65
C ALA E 264 -20.08 15.74 -19.49
N GLY E 265 -20.11 14.46 -19.15
CA GLY E 265 -19.33 13.93 -18.05
C GLY E 265 -19.11 12.45 -18.25
N GLU E 266 -18.42 11.85 -17.29
CA GLU E 266 -18.09 10.43 -17.38
C GLU E 266 -17.73 9.91 -15.98
N THR E 267 -17.77 8.59 -15.84
CA THR E 267 -17.39 7.97 -14.58
C THR E 267 -16.82 6.58 -14.84
N ILE E 268 -15.97 6.14 -13.92
CA ILE E 268 -15.54 4.75 -13.85
C ILE E 268 -16.49 4.02 -12.91
N LEU E 269 -16.97 2.85 -13.34
CA LEU E 269 -17.98 2.17 -12.54
C LEU E 269 -17.33 1.41 -11.40
N PRO E 270 -18.02 1.32 -10.27
CA PRO E 270 -17.46 0.59 -9.13
C PRO E 270 -17.24 -0.89 -9.44
N GLU E 271 -16.17 -1.43 -8.85
CA GLU E 271 -15.80 -2.84 -8.92
C GLU E 271 -15.84 -3.38 -10.35
N SER E 272 -15.31 -2.59 -11.28
CA SER E 272 -15.31 -2.98 -12.68
C SER E 272 -13.91 -3.09 -13.26
N ASP E 273 -12.88 -3.04 -12.42
CA ASP E 273 -11.51 -3.27 -12.90
C ASP E 273 -11.43 -4.64 -13.54
N GLY E 274 -10.89 -4.71 -14.76
CA GLY E 274 -10.69 -5.99 -15.41
C GLY E 274 -11.86 -6.48 -16.22
N ALA E 275 -12.98 -5.76 -16.23
CA ALA E 275 -14.14 -6.17 -17.00
C ALA E 275 -13.83 -6.28 -18.50
N ILE E 276 -13.20 -5.25 -19.08
CA ILE E 276 -12.86 -5.26 -20.51
C ILE E 276 -11.42 -4.78 -20.66
N ASP E 277 -10.56 -5.63 -21.23
CA ASP E 277 -9.16 -5.29 -21.49
C ASP E 277 -8.93 -5.51 -22.98
N GLY E 278 -8.13 -4.66 -23.60
CA GLY E 278 -7.89 -4.88 -25.01
C GLY E 278 -6.45 -4.59 -25.29
N HIS E 279 -5.73 -5.55 -25.84
CA HIS E 279 -4.29 -5.41 -25.97
C HIS E 279 -3.96 -5.46 -27.46
N LEU E 280 -3.17 -4.49 -27.92
CA LEU E 280 -2.61 -4.53 -29.27
C LEU E 280 -1.34 -5.38 -29.26
N THR E 281 -1.34 -6.45 -30.05
CA THR E 281 -0.27 -7.43 -30.00
C THR E 281 0.34 -7.64 -31.38
N GLU E 282 1.35 -8.50 -31.41
CA GLU E 282 1.96 -8.90 -32.67
C GLU E 282 0.93 -9.51 -33.63
N ALA E 283 -0.17 -10.06 -33.12
CA ALA E 283 -1.22 -10.63 -33.95
C ALA E 283 -2.45 -9.74 -34.05
N GLY E 284 -2.30 -8.45 -33.71
CA GLY E 284 -3.42 -7.52 -33.75
C GLY E 284 -4.09 -7.33 -32.40
N LEU E 285 -5.30 -6.80 -32.46
CA LEU E 285 -6.03 -6.41 -31.26
C LEU E 285 -6.79 -7.62 -30.69
N ILE E 286 -6.58 -7.88 -29.41
CA ILE E 286 -7.22 -9.01 -28.73
C ILE E 286 -7.97 -8.47 -27.53
N PHE E 287 -9.25 -8.85 -27.39
CA PHE E 287 -10.13 -8.48 -26.27
C PHE E 287 -10.29 -9.63 -25.28
N HIS E 288 -10.36 -9.28 -23.99
CA HIS E 288 -10.70 -10.20 -22.90
C HIS E 288 -11.84 -9.58 -22.12
N LEU E 289 -12.89 -10.35 -21.87
CA LEU E 289 -14.03 -9.86 -21.10
C LEU E 289 -14.13 -10.70 -19.83
N MET E 290 -13.69 -10.15 -18.72
CA MET E 290 -13.51 -10.94 -17.52
C MET E 290 -14.58 -10.70 -16.46
N LYS E 291 -15.62 -9.91 -16.76
CA LYS E 291 -16.70 -9.59 -15.82
C LYS E 291 -17.98 -9.33 -16.62
N ASP E 292 -19.11 -9.31 -15.90
CA ASP E 292 -20.43 -9.23 -16.52
C ASP E 292 -20.75 -7.79 -16.91
N VAL E 293 -20.39 -7.44 -18.15
CA VAL E 293 -20.52 -6.06 -18.59
C VAL E 293 -21.97 -5.59 -18.59
N PRO E 294 -22.94 -6.33 -19.13
CA PRO E 294 -24.34 -5.89 -19.02
C PRO E 294 -24.76 -5.66 -17.57
N GLY E 295 -24.43 -6.60 -16.68
CA GLY E 295 -24.80 -6.44 -15.28
C GLY E 295 -24.18 -5.21 -14.64
N LEU E 296 -22.88 -4.98 -14.87
CA LEU E 296 -22.21 -3.85 -14.25
C LEU E 296 -22.82 -2.53 -14.68
N ILE E 297 -23.24 -2.44 -15.94
CA ILE E 297 -23.83 -1.20 -16.44
C ILE E 297 -25.25 -1.02 -15.90
N SER E 298 -26.07 -2.08 -15.97
CA SER E 298 -27.45 -2.01 -15.47
C SER E 298 -27.48 -1.59 -14.01
N LYS E 299 -26.65 -2.25 -13.19
CA LYS E 299 -26.63 -2.08 -11.75
C LYS E 299 -26.24 -0.67 -11.34
N ASN E 300 -25.55 0.06 -12.21
CA ASN E 300 -24.94 1.33 -11.82
C ASN E 300 -25.39 2.51 -12.65
N ILE E 301 -26.08 2.29 -13.76
CA ILE E 301 -26.26 3.41 -14.67
C ILE E 301 -27.17 4.45 -14.05
N GLU E 302 -28.20 4.01 -13.31
CA GLU E 302 -29.19 4.96 -12.83
C GLU E 302 -28.58 5.99 -11.88
N LYS E 303 -27.68 5.56 -11.00
CA LYS E 303 -27.14 6.49 -10.02
C LYS E 303 -26.47 7.66 -10.70
N PHE E 304 -25.71 7.38 -11.78
CA PHE E 304 -24.95 8.42 -12.46
C PHE E 304 -25.86 9.26 -13.31
N LEU E 305 -26.76 8.61 -14.06
CA LEU E 305 -27.69 9.36 -14.88
C LEU E 305 -28.53 10.28 -14.02
N ASN E 306 -28.76 9.90 -12.77
CA ASN E 306 -29.51 10.74 -11.85
C ASN E 306 -28.82 12.09 -11.66
N GLU E 307 -27.49 12.10 -11.67
CA GLU E 307 -26.76 13.36 -11.53
C GLU E 307 -26.82 14.16 -12.82
N ALA E 308 -26.61 13.47 -13.96
CA ALA E 308 -26.51 14.14 -15.25
C ALA E 308 -27.78 14.91 -15.63
N ARG E 309 -28.96 14.38 -15.28
CA ARG E 309 -30.20 15.08 -15.65
C ARG E 309 -30.42 16.38 -14.87
N LYS E 310 -29.84 16.52 -13.67
CA LYS E 310 -30.24 17.63 -12.79
C LYS E 310 -30.08 19.00 -13.46
N PRO E 311 -28.96 19.33 -14.11
CA PRO E 311 -28.81 20.69 -14.68
C PRO E 311 -29.82 21.06 -15.75
N VAL E 312 -30.68 20.14 -16.20
CA VAL E 312 -31.74 20.50 -17.12
C VAL E 312 -33.11 20.26 -16.48
N GLY E 313 -33.17 20.22 -15.15
CA GLY E 313 -34.43 20.15 -14.45
C GLY E 313 -34.94 18.75 -14.16
N SER E 314 -34.11 17.73 -14.33
CA SER E 314 -34.40 16.35 -13.94
C SER E 314 -35.72 15.81 -14.50
N PRO E 315 -35.92 15.79 -15.81
CA PRO E 315 -37.09 15.09 -16.38
C PRO E 315 -37.06 13.61 -16.07
N ALA E 316 -38.25 13.00 -16.15
CA ALA E 316 -38.39 11.56 -15.92
C ALA E 316 -37.79 10.77 -17.09
N TRP E 317 -37.33 9.55 -16.78
CA TRP E 317 -36.68 8.72 -17.79
C TRP E 317 -37.52 8.63 -19.05
N ASN E 318 -38.82 8.48 -18.91
CA ASN E 318 -39.64 8.29 -20.09
C ASN E 318 -40.07 9.59 -20.75
N GLU E 319 -39.54 10.73 -20.30
CA GLU E 319 -39.70 12.00 -20.99
C GLU E 319 -38.43 12.39 -21.75
N MET E 320 -37.46 11.49 -21.85
CA MET E 320 -36.16 11.74 -22.48
C MET E 320 -35.93 10.78 -23.65
N PHE E 321 -35.07 11.18 -24.59
CA PHE E 321 -34.64 10.24 -25.61
C PHE E 321 -33.29 9.60 -25.25
N TRP E 322 -33.02 8.46 -25.90
CA TRP E 322 -32.00 7.52 -25.45
C TRP E 322 -31.12 7.11 -26.63
N ALA E 323 -30.10 7.91 -26.92
CA ALA E 323 -29.08 7.54 -27.90
C ALA E 323 -28.03 6.72 -27.16
N VAL E 324 -28.23 5.40 -27.11
CA VAL E 324 -27.38 4.51 -26.32
C VAL E 324 -26.53 3.66 -27.27
N HIS E 325 -25.22 3.55 -26.95
CA HIS E 325 -24.33 2.70 -27.73
C HIS E 325 -24.83 1.25 -27.75
N PRO E 326 -25.07 0.69 -28.91
CA PRO E 326 -25.56 -0.71 -28.95
C PRO E 326 -24.43 -1.74 -28.85
N GLY E 327 -23.80 -1.82 -27.66
CA GLY E 327 -22.73 -2.80 -27.48
C GLY E 327 -23.17 -4.24 -27.71
N GLY E 328 -24.41 -4.57 -27.31
CA GLY E 328 -25.00 -5.86 -27.57
C GLY E 328 -26.45 -5.86 -27.14
N PRO E 329 -27.20 -6.90 -27.50
CA PRO E 329 -28.61 -6.93 -27.08
C PRO E 329 -28.80 -7.03 -25.57
N ALA E 330 -27.93 -7.74 -24.86
CA ALA E 330 -28.15 -7.92 -23.43
C ALA E 330 -28.05 -6.60 -22.69
N ILE E 331 -27.13 -5.74 -23.08
CA ILE E 331 -26.95 -4.48 -22.38
C ILE E 331 -28.16 -3.57 -22.63
N LEU E 332 -28.66 -3.56 -23.87
CA LEU E 332 -29.84 -2.76 -24.16
C LEU E 332 -31.05 -3.27 -23.39
N ASP E 333 -31.20 -4.60 -23.29
CA ASP E 333 -32.36 -5.15 -22.62
C ASP E 333 -32.32 -4.80 -21.14
N GLN E 334 -31.17 -5.00 -20.49
CA GLN E 334 -31.17 -4.83 -19.04
C GLN E 334 -31.30 -3.37 -18.64
N VAL E 335 -30.76 -2.45 -19.46
CA VAL E 335 -30.95 -1.04 -19.14
C VAL E 335 -32.42 -0.68 -19.33
N GLU E 336 -33.05 -1.20 -20.37
CA GLU E 336 -34.47 -0.98 -20.58
C GLU E 336 -35.26 -1.43 -19.35
N ALA E 337 -34.93 -2.62 -18.83
CA ALA E 337 -35.67 -3.19 -17.70
C ALA E 337 -35.42 -2.43 -16.40
N LYS E 338 -34.15 -2.23 -16.04
CA LYS E 338 -33.86 -1.51 -14.79
C LYS E 338 -34.48 -0.11 -14.78
N LEU E 339 -34.53 0.55 -15.91
CA LEU E 339 -35.06 1.90 -15.91
C LEU E 339 -36.54 1.93 -16.26
N LYS E 340 -37.13 0.78 -16.55
CA LYS E 340 -38.55 0.70 -16.87
C LYS E 340 -38.90 1.65 -18.00
N LEU E 341 -38.12 1.59 -19.07
CA LEU E 341 -38.37 2.41 -20.24
C LEU E 341 -39.44 1.80 -21.13
N THR E 342 -40.23 2.65 -21.77
CA THR E 342 -41.14 2.15 -22.78
C THR E 342 -40.37 1.64 -23.98
N LYS E 343 -40.94 0.66 -24.67
CA LYS E 343 -40.21 -0.09 -25.68
C LYS E 343 -39.71 0.77 -26.83
N ASP E 344 -40.30 1.94 -27.09
CA ASP E 344 -39.84 2.78 -28.19
C ASP E 344 -38.52 3.49 -27.88
N LYS E 345 -38.13 3.59 -26.61
CA LYS E 345 -36.95 4.38 -26.26
C LYS E 345 -35.67 3.80 -26.88
N MET E 346 -35.54 2.48 -26.86
CA MET E 346 -34.33 1.81 -27.31
C MET E 346 -34.38 1.44 -28.79
N GLN E 347 -35.43 1.87 -29.51
CA GLN E 347 -35.62 1.41 -30.89
C GLN E 347 -34.48 1.87 -31.79
N GLY E 348 -34.10 3.15 -31.69
CA GLY E 348 -33.00 3.66 -32.50
C GLY E 348 -31.74 2.82 -32.32
N SER E 349 -31.40 2.52 -31.07
CA SER E 349 -30.23 1.68 -30.83
C SER E 349 -30.39 0.31 -31.45
N ARG E 350 -31.60 -0.27 -31.34
CA ARG E 350 -31.85 -1.61 -31.86
C ARG E 350 -31.88 -1.61 -33.38
N ASP E 351 -32.33 -0.53 -34.00
CA ASP E 351 -32.24 -0.44 -35.45
C ASP E 351 -30.79 -0.57 -35.89
N ILE E 352 -29.90 0.19 -35.22
CA ILE E 352 -28.50 0.25 -35.60
C ILE E 352 -27.80 -1.09 -35.34
N LEU E 353 -28.09 -1.71 -34.19
CA LEU E 353 -27.53 -3.03 -33.94
C LEU E 353 -27.94 -4.01 -35.04
N SER E 354 -29.23 -3.97 -35.41
CA SER E 354 -29.81 -4.84 -36.44
C SER E 354 -29.12 -4.67 -37.78
N GLU E 355 -28.96 -3.42 -38.23
CA GLU E 355 -28.56 -3.15 -39.60
C GLU E 355 -27.06 -2.95 -39.77
N PHE E 356 -26.32 -2.70 -38.68
CA PHE E 356 -24.89 -2.40 -38.81
C PHE E 356 -24.04 -3.14 -37.79
N GLY E 357 -24.61 -3.77 -36.78
CA GLY E 357 -23.84 -4.37 -35.74
C GLY E 357 -23.22 -3.34 -34.80
N ASN E 358 -22.15 -3.77 -34.15
CA ASN E 358 -21.38 -2.94 -33.23
C ASN E 358 -20.21 -2.33 -34.01
N MET E 359 -20.31 -1.04 -34.32
CA MET E 359 -19.25 -0.32 -35.01
C MET E 359 -18.40 0.49 -34.04
N SER E 360 -18.26 -0.03 -32.82
CA SER E 360 -17.43 0.54 -31.75
C SER E 360 -17.77 2.02 -31.61
N SER E 361 -16.77 2.92 -31.56
CA SER E 361 -17.05 4.32 -31.20
C SER E 361 -18.04 4.98 -32.14
N ALA E 362 -18.14 4.53 -33.39
CA ALA E 362 -19.02 5.19 -34.35
C ALA E 362 -20.51 4.91 -34.12
N SER E 363 -20.84 3.82 -33.41
CA SER E 363 -22.22 3.34 -33.37
C SER E 363 -23.18 4.40 -32.85
N VAL E 364 -22.83 5.05 -31.73
CA VAL E 364 -23.76 5.99 -31.09
C VAL E 364 -23.99 7.22 -31.97
N LEU E 365 -23.04 7.58 -32.84
CA LEU E 365 -23.29 8.68 -33.77
C LEU E 365 -24.39 8.29 -34.76
N PHE E 366 -24.40 7.02 -35.22
CA PHE E 366 -25.51 6.55 -36.05
C PHE E 366 -26.82 6.58 -35.29
N VAL E 367 -26.80 6.21 -33.99
CA VAL E 367 -28.05 6.09 -33.21
C VAL E 367 -28.77 7.44 -33.17
N LEU E 368 -28.05 8.50 -32.85
CA LEU E 368 -28.69 9.81 -32.80
C LEU E 368 -29.28 10.18 -34.17
N ASP E 369 -28.53 9.90 -35.25
CA ASP E 369 -29.03 10.18 -36.59
C ASP E 369 -30.31 9.39 -36.85
N GLN E 370 -30.37 8.15 -36.35
CA GLN E 370 -31.53 7.28 -36.51
C GLN E 370 -32.71 7.78 -35.68
N ILE E 371 -32.44 8.41 -34.55
CA ILE E 371 -33.50 9.00 -33.75
C ILE E 371 -34.08 10.22 -34.45
N ARG E 372 -33.22 11.04 -35.06
CA ARG E 372 -33.69 12.16 -35.87
C ARG E 372 -34.54 11.69 -37.05
N HIS E 373 -34.08 10.66 -37.77
CA HIS E 373 -34.84 10.14 -38.91
C HIS E 373 -36.21 9.60 -38.47
N ARG E 374 -36.24 8.81 -37.38
CA ARG E 374 -37.52 8.31 -36.87
C ARG E 374 -38.46 9.46 -36.49
N SER E 375 -37.90 10.51 -35.87
CA SER E 375 -38.71 11.68 -35.51
C SER E 375 -39.40 12.27 -36.73
N VAL E 376 -38.65 12.53 -37.79
CA VAL E 376 -39.27 13.17 -38.95
C VAL E 376 -40.29 12.25 -39.61
N LYS E 377 -39.94 10.98 -39.75
CA LYS E 377 -40.77 10.06 -40.49
C LYS E 377 -42.10 9.81 -39.80
N MET E 378 -42.12 9.89 -38.47
CA MET E 378 -43.30 9.65 -37.69
C MET E 378 -43.99 10.92 -37.24
N GLY E 379 -43.46 12.08 -37.63
CA GLY E 379 -44.10 13.35 -37.32
C GLY E 379 -44.16 13.75 -35.87
N ALA E 380 -43.08 13.48 -35.12
CA ALA E 380 -42.96 13.92 -33.75
C ALA E 380 -42.67 15.42 -33.68
N SER E 381 -42.85 15.97 -32.50
CA SER E 381 -42.73 17.42 -32.36
C SER E 381 -41.28 17.87 -32.20
N THR E 382 -40.37 16.97 -31.85
CA THR E 382 -38.94 17.28 -31.74
C THR E 382 -38.11 16.25 -32.49
N LEU E 383 -36.84 16.58 -32.70
CA LEU E 383 -35.96 15.60 -33.32
C LEU E 383 -35.50 14.55 -32.33
N GLY E 384 -36.03 14.58 -31.12
CA GLY E 384 -35.81 13.51 -30.17
C GLY E 384 -37.09 12.74 -29.92
N GLU E 385 -37.79 12.41 -31.00
CA GLU E 385 -39.01 11.58 -30.90
C GLU E 385 -40.01 12.21 -29.93
N GLY E 386 -40.06 13.53 -29.91
CA GLY E 386 -40.98 14.24 -29.06
C GLY E 386 -40.38 14.70 -27.75
N SER E 387 -39.35 14.01 -27.27
CA SER E 387 -38.73 14.44 -26.02
C SER E 387 -37.93 15.71 -26.24
N GLU E 388 -37.78 16.49 -25.18
CA GLU E 388 -36.99 17.71 -25.28
C GLU E 388 -35.51 17.44 -25.03
N PHE E 389 -35.19 16.75 -23.92
CA PHE E 389 -33.81 16.42 -23.57
C PHE E 389 -33.58 14.93 -23.79
N GLY E 390 -32.31 14.58 -23.92
CA GLY E 390 -31.96 13.19 -24.16
C GLY E 390 -30.54 12.89 -23.78
N PHE E 391 -30.23 11.60 -23.67
CA PHE E 391 -28.90 11.14 -23.32
C PHE E 391 -28.16 10.64 -24.56
N PHE E 392 -26.85 10.90 -24.58
CA PHE E 392 -25.93 10.39 -25.60
C PHE E 392 -24.89 9.59 -24.82
N ILE E 393 -24.95 8.26 -24.88
CA ILE E 393 -24.25 7.41 -23.92
C ILE E 393 -23.34 6.41 -24.61
N GLY E 394 -22.08 6.36 -24.15
CA GLY E 394 -21.14 5.36 -24.60
C GLY E 394 -20.49 4.67 -23.42
N PHE E 395 -19.96 3.48 -23.67
CA PHE E 395 -19.23 2.81 -22.63
C PHE E 395 -18.20 1.86 -23.25
N GLY E 396 -17.23 1.47 -22.43
CA GLY E 396 -16.10 0.70 -22.88
C GLY E 396 -15.08 0.50 -21.77
N PRO E 397 -13.84 0.18 -22.13
CA PRO E 397 -12.83 -0.21 -21.13
C PRO E 397 -12.74 0.74 -19.94
N GLY E 398 -12.66 0.16 -18.75
CA GLY E 398 -12.57 0.95 -17.54
C GLY E 398 -13.03 0.29 -16.26
N LEU E 399 -14.32 -0.04 -16.13
CA LEU E 399 -15.33 0.20 -17.16
C LEU E 399 -15.80 1.69 -17.16
N THR E 400 -15.64 2.36 -18.30
CA THR E 400 -15.92 3.79 -18.40
C THR E 400 -17.33 4.02 -18.93
N LEU E 401 -18.07 4.90 -18.25
CA LEU E 401 -19.38 5.33 -18.70
C LEU E 401 -19.29 6.79 -19.11
N GLU E 402 -19.65 7.10 -20.36
CA GLU E 402 -19.60 8.45 -20.91
C GLU E 402 -21.01 8.91 -21.23
N VAL E 403 -21.38 10.12 -20.78
CA VAL E 403 -22.75 10.61 -20.91
C VAL E 403 -22.71 12.09 -21.28
N LEU E 404 -23.48 12.47 -22.30
CA LEU E 404 -23.83 13.85 -22.58
C LEU E 404 -25.35 14.03 -22.51
N VAL E 405 -25.77 15.24 -22.20
CA VAL E 405 -27.18 15.61 -22.19
C VAL E 405 -27.42 16.61 -23.32
N LEU E 406 -28.36 16.27 -24.20
CA LEU E 406 -28.67 17.06 -25.38
C LEU E 406 -30.09 17.58 -25.31
N ARG E 407 -30.32 18.67 -26.04
CA ARG E 407 -31.66 19.18 -26.30
C ARG E 407 -31.96 19.07 -27.79
N ALA E 408 -33.12 18.47 -28.12
CA ALA E 408 -33.51 18.29 -29.51
C ALA E 408 -34.22 19.52 -30.04
N ALA E 409 -33.94 19.84 -31.30
CA ALA E 409 -34.62 20.94 -31.96
C ALA E 409 -36.09 20.61 -32.23
N PRO E 410 -36.93 21.65 -32.41
CA PRO E 410 -38.32 21.41 -32.83
C PRO E 410 -38.38 20.87 -34.26
N ASN E 411 -39.40 20.06 -34.53
CA ASN E 411 -39.59 19.51 -35.88
C ASN E 411 -40.63 20.32 -36.64
N SER E 412 -40.15 21.25 -37.47
CA SER E 412 -41.04 22.05 -38.28
C SER E 412 -41.12 21.47 -39.71
N ALA F 27 50.61 -11.23 22.34
CA ALA F 27 49.76 -10.09 22.67
C ALA F 27 50.55 -8.77 22.76
N LEU F 28 50.81 -8.16 21.60
CA LEU F 28 51.62 -6.95 21.49
C LEU F 28 50.80 -5.71 21.84
N PRO F 29 51.32 -4.80 22.67
CA PRO F 29 50.53 -3.64 23.10
C PRO F 29 50.43 -2.58 22.00
N ARG F 30 49.49 -1.64 22.16
CA ARG F 30 49.33 -0.57 21.18
C ARG F 30 50.64 0.13 20.86
N ALA F 31 51.20 -0.15 19.68
CA ALA F 31 52.56 0.27 19.37
C ALA F 31 52.66 1.76 19.10
N GLN F 32 51.59 2.38 18.60
CA GLN F 32 51.52 3.84 18.60
C GLN F 32 50.43 4.21 19.60
N PRO F 33 50.78 4.77 20.74
CA PRO F 33 49.78 4.96 21.80
C PRO F 33 48.74 5.99 21.41
N ARG F 34 47.52 5.76 21.89
CA ARG F 34 46.37 6.61 21.61
C ARG F 34 46.29 7.74 22.64
N ALA F 35 45.54 8.79 22.29
CA ALA F 35 45.27 9.90 23.20
C ALA F 35 44.01 9.62 24.02
N GLU F 36 43.75 10.48 25.00
CA GLU F 36 42.68 10.19 25.94
C GLU F 36 41.44 11.05 25.74
N GLY F 37 41.59 12.37 25.61
CA GLY F 37 40.47 13.28 25.55
C GLY F 37 39.97 13.60 24.15
N PRO F 38 38.93 14.42 24.05
CA PRO F 38 38.45 14.84 22.74
C PRO F 38 39.39 15.79 22.03
N ALA F 39 39.23 15.83 20.71
CA ALA F 39 40.02 16.74 19.89
C ALA F 39 39.64 18.20 20.19
N CYS F 40 40.64 19.06 20.29
CA CYS F 40 40.38 20.46 20.63
C CYS F 40 41.02 21.38 19.60
N VAL F 41 40.29 22.44 19.27
CA VAL F 41 40.87 23.55 18.52
C VAL F 41 41.72 24.39 19.47
N LEU F 42 43.02 24.47 19.20
CA LEU F 42 43.97 25.11 20.07
C LEU F 42 44.47 26.44 19.53
N GLY F 43 44.19 26.76 18.27
CA GLY F 43 44.64 28.02 17.72
C GLY F 43 44.09 28.16 16.32
N ILE F 44 43.80 29.39 15.90
CA ILE F 44 43.15 29.67 14.63
C ILE F 44 43.87 30.81 13.91
N GLY F 45 44.03 30.68 12.59
CA GLY F 45 44.63 31.69 11.76
C GLY F 45 43.94 31.78 10.41
N THR F 46 43.82 33.00 9.86
CA THR F 46 43.23 33.23 8.54
C THR F 46 44.14 34.13 7.72
N ALA F 47 43.96 34.10 6.41
CA ALA F 47 44.77 34.96 5.55
C ALA F 47 44.08 35.19 4.22
N VAL F 48 44.34 36.36 3.62
CA VAL F 48 43.76 36.70 2.31
C VAL F 48 44.78 37.46 1.51
N PRO F 49 44.74 37.34 0.18
CA PRO F 49 45.56 38.20 -0.66
C PRO F 49 45.19 39.66 -0.45
N PRO F 50 46.15 40.58 -0.62
CA PRO F 50 45.91 41.97 -0.18
C PRO F 50 44.89 42.75 -1.00
N ALA F 51 44.81 42.53 -2.31
CA ALA F 51 43.96 43.34 -3.19
C ALA F 51 42.47 43.13 -2.90
N GLU F 52 41.73 44.22 -2.74
CA GLU F 52 40.31 44.21 -2.42
C GLU F 52 39.50 44.66 -3.61
N PHE F 53 38.36 44.01 -3.84
CA PHE F 53 37.48 44.32 -4.97
C PHE F 53 36.11 44.63 -4.41
N LEU F 54 35.66 45.89 -4.51
CA LEU F 54 34.31 46.21 -4.09
C LEU F 54 33.28 45.64 -5.05
N GLN F 55 32.22 45.03 -4.50
CA GLN F 55 31.24 44.39 -5.36
C GLN F 55 30.50 45.42 -6.23
N SER F 56 30.19 46.59 -5.67
CA SER F 56 29.47 47.63 -6.40
C SER F 56 30.24 48.13 -7.61
N GLU F 57 31.53 47.82 -7.69
CA GLU F 57 32.36 48.26 -8.79
C GLU F 57 32.83 47.10 -9.65
N TYR F 58 32.43 45.86 -9.32
CA TYR F 58 33.08 44.72 -9.95
C TYR F 58 32.62 44.50 -11.40
N PRO F 59 31.30 44.57 -11.70
CA PRO F 59 30.86 44.41 -13.11
C PRO F 59 31.59 45.28 -14.12
N ASP F 60 31.91 46.54 -13.80
CA ASP F 60 32.72 47.30 -14.73
C ASP F 60 34.07 46.63 -14.91
N PHE F 61 34.78 46.41 -13.78
CA PHE F 61 36.16 45.92 -13.83
C PHE F 61 36.21 44.59 -14.57
N PHE F 62 35.31 43.68 -14.20
CA PHE F 62 35.28 42.33 -14.76
C PHE F 62 34.99 42.37 -16.27
N PHE F 63 33.96 43.09 -16.67
CA PHE F 63 33.67 43.11 -18.10
C PHE F 63 34.74 43.85 -18.88
N ASN F 64 35.44 44.82 -18.25
CA ASN F 64 36.52 45.54 -18.93
C ASN F 64 37.69 44.61 -19.22
N ILE F 65 38.21 43.97 -18.17
CA ILE F 65 39.43 43.19 -18.29
C ILE F 65 39.26 41.95 -19.19
N THR F 66 38.01 41.52 -19.44
CA THR F 66 37.76 40.36 -20.30
C THR F 66 37.38 40.72 -21.73
N ASN F 67 37.46 42.01 -22.09
CA ASN F 67 37.07 42.54 -23.40
C ASN F 67 35.59 42.31 -23.69
N CYS F 68 34.77 42.48 -22.66
CA CYS F 68 33.34 42.28 -22.82
C CYS F 68 32.56 43.54 -22.47
N GLY F 69 33.24 44.69 -22.39
CA GLY F 69 32.60 45.92 -21.96
C GLY F 69 31.45 46.35 -22.85
N GLU F 70 31.38 45.82 -24.07
CA GLU F 70 30.33 46.19 -25.02
C GLU F 70 29.05 45.39 -24.83
N LYS F 71 29.11 44.29 -24.08
CA LYS F 71 27.99 43.38 -23.90
C LYS F 71 27.09 43.85 -22.76
N GLU F 72 26.40 44.96 -23.02
CA GLU F 72 25.71 45.69 -21.95
C GLU F 72 24.57 44.88 -21.36
N ALA F 73 23.82 44.13 -22.18
CA ALA F 73 22.69 43.37 -21.62
C ALA F 73 23.18 42.28 -20.66
N LEU F 74 24.25 41.57 -21.04
CA LEU F 74 24.83 40.55 -20.17
C LEU F 74 25.37 41.16 -18.89
N LYS F 75 26.04 42.31 -19.00
CA LYS F 75 26.56 43.00 -17.84
C LYS F 75 25.43 43.40 -16.88
N ALA F 76 24.29 43.82 -17.42
CA ALA F 76 23.14 44.16 -16.58
C ALA F 76 22.68 42.94 -15.78
N LYS F 77 22.64 41.79 -16.44
CA LYS F 77 22.32 40.53 -15.78
C LYS F 77 23.33 40.23 -14.68
N PHE F 78 24.62 40.37 -15.00
CA PHE F 78 25.64 40.14 -14.00
C PHE F 78 25.48 41.07 -12.82
N LYS F 79 25.11 42.32 -13.08
CA LYS F 79 24.99 43.27 -11.98
C LYS F 79 23.82 42.90 -11.07
N ARG F 80 22.69 42.47 -11.65
CA ARG F 80 21.57 41.99 -10.84
C ARG F 80 22.03 40.85 -9.93
N ILE F 81 22.85 39.96 -10.47
CA ILE F 81 23.36 38.86 -9.67
C ILE F 81 24.20 39.38 -8.53
N CYS F 82 25.14 40.30 -8.84
CA CYS F 82 25.98 40.89 -7.81
C CYS F 82 25.14 41.57 -6.73
N ASP F 83 24.06 42.25 -7.13
CA ASP F 83 23.20 42.95 -6.17
C ASP F 83 22.46 42.01 -5.26
N LYS F 84 22.26 40.77 -5.69
CA LYS F 84 21.53 39.82 -4.89
C LYS F 84 22.49 38.91 -4.12
N SER F 85 23.80 39.18 -4.19
CA SER F 85 24.80 38.23 -3.71
C SER F 85 25.03 38.31 -2.20
N GLY F 86 24.73 39.45 -1.58
CA GLY F 86 25.05 39.61 -0.18
C GLY F 86 26.51 39.89 0.10
N ILE F 87 27.27 40.28 -0.91
CA ILE F 87 28.71 40.45 -0.78
C ILE F 87 29.05 41.93 -0.98
N ARG F 88 29.85 42.47 -0.07
CA ARG F 88 30.34 43.84 -0.19
C ARG F 88 31.71 43.91 -0.84
N LYS F 89 32.65 43.06 -0.44
CA LYS F 89 33.95 43.00 -1.11
C LYS F 89 34.52 41.59 -1.00
N ARG F 90 35.51 41.32 -1.85
CA ARG F 90 36.24 40.07 -1.91
C ARG F 90 37.72 40.37 -2.10
N HIS F 91 38.57 39.43 -1.69
CA HIS F 91 40.01 39.51 -1.92
C HIS F 91 40.43 38.56 -3.03
N MET F 92 41.33 39.00 -3.91
CA MET F 92 41.72 38.17 -5.03
C MET F 92 43.18 38.38 -5.40
N PHE F 93 43.89 37.30 -5.72
CA PHE F 93 45.23 37.44 -6.27
C PHE F 93 45.19 37.94 -7.71
N LEU F 94 44.09 37.72 -8.43
CA LEU F 94 43.97 38.09 -9.85
C LEU F 94 43.74 39.60 -9.98
N THR F 95 44.85 40.36 -9.92
CA THR F 95 44.82 41.80 -10.12
C THR F 95 44.89 42.10 -11.61
N GLU F 96 44.74 43.39 -11.94
CA GLU F 96 44.84 43.82 -13.32
C GLU F 96 46.16 43.40 -13.95
N GLU F 97 47.27 43.54 -13.20
CA GLU F 97 48.60 43.20 -13.68
C GLU F 97 48.71 41.72 -13.98
N VAL F 98 48.21 40.90 -13.07
CA VAL F 98 48.31 39.47 -13.24
C VAL F 98 47.49 39.06 -14.45
N LEU F 99 46.28 39.61 -14.56
CA LEU F 99 45.37 39.26 -15.64
C LEU F 99 45.95 39.70 -16.99
N LYS F 100 46.52 40.91 -17.07
CA LYS F 100 47.16 41.30 -18.33
C LYS F 100 48.28 40.33 -18.69
N ALA F 101 48.95 39.79 -17.68
CA ALA F 101 50.10 38.92 -17.91
C ALA F 101 49.72 37.51 -18.32
N ASN F 102 48.45 37.13 -18.16
CA ASN F 102 47.96 35.79 -18.47
C ASN F 102 46.68 35.89 -19.28
N PRO F 103 46.75 36.43 -20.51
CA PRO F 103 45.51 36.67 -21.28
C PRO F 103 44.68 35.43 -21.54
N GLY F 104 45.29 34.24 -21.56
CA GLY F 104 44.53 33.02 -21.79
C GLY F 104 43.41 32.82 -20.79
N ILE F 105 43.63 33.22 -19.52
CA ILE F 105 42.64 33.12 -18.46
C ILE F 105 41.48 34.07 -18.69
N CYS F 106 41.68 35.13 -19.48
CA CYS F 106 40.62 36.09 -19.76
C CYS F 106 39.75 35.67 -20.93
N THR F 107 39.97 34.48 -21.49
CA THR F 107 39.11 33.99 -22.56
C THR F 107 37.93 33.21 -21.96
N TYR F 108 37.00 32.84 -22.84
CA TYR F 108 35.84 32.04 -22.46
C TYR F 108 36.18 30.56 -22.36
N MET F 109 36.74 29.97 -23.45
CA MET F 109 37.01 28.54 -23.46
C MET F 109 38.28 28.18 -24.19
N GLU F 110 39.22 29.10 -24.33
CA GLU F 110 40.50 28.73 -24.90
C GLU F 110 41.26 27.85 -23.90
N PRO F 111 42.02 26.87 -24.38
CA PRO F 111 42.76 26.00 -23.44
C PRO F 111 43.74 26.80 -22.61
N SER F 112 43.60 26.69 -21.29
CA SER F 112 44.35 27.55 -20.38
C SER F 112 44.74 26.87 -19.08
N LEU F 113 44.55 25.54 -18.92
CA LEU F 113 44.76 24.92 -17.62
C LEU F 113 46.20 25.02 -17.16
N ASN F 114 47.16 25.00 -18.08
CA ASN F 114 48.55 25.04 -17.66
C ASN F 114 48.93 26.41 -17.10
N VAL F 115 48.50 27.50 -17.76
CA VAL F 115 48.85 28.78 -17.17
C VAL F 115 48.10 28.97 -15.86
N ARG F 116 46.94 28.35 -15.72
CA ARG F 116 46.19 28.44 -14.46
C ARG F 116 46.94 27.73 -13.33
N HIS F 117 47.45 26.53 -13.60
N HIS F 117 47.45 26.53 -13.59
CA HIS F 117 48.18 25.78 -12.58
CA HIS F 117 48.13 25.83 -12.51
C HIS F 117 49.42 26.53 -12.14
C HIS F 117 49.45 26.50 -12.15
N ASP F 118 50.08 27.19 -13.10
CA ASP F 118 51.32 27.90 -12.80
C ASP F 118 51.08 29.00 -11.78
N ILE F 119 49.85 29.52 -11.70
CA ILE F 119 49.53 30.47 -10.65
C ILE F 119 49.24 29.75 -9.34
N VAL F 120 48.29 28.82 -9.35
CA VAL F 120 47.78 28.32 -8.08
C VAL F 120 48.77 27.41 -7.38
N VAL F 121 49.74 26.86 -8.10
CA VAL F 121 50.68 25.92 -7.49
C VAL F 121 51.57 26.58 -6.44
N VAL F 122 51.85 27.87 -6.57
CA VAL F 122 52.58 28.59 -5.53
C VAL F 122 51.62 29.27 -4.56
N GLN F 123 50.56 29.90 -5.07
CA GLN F 123 49.77 30.79 -4.23
C GLN F 123 48.98 30.02 -3.17
N VAL F 124 48.50 28.83 -3.52
CA VAL F 124 47.67 28.07 -2.58
C VAL F 124 48.45 27.68 -1.32
N PRO F 125 49.64 27.09 -1.41
CA PRO F 125 50.41 26.84 -0.17
C PRO F 125 50.95 28.12 0.45
N LYS F 126 51.29 29.13 -0.35
CA LYS F 126 51.84 30.37 0.21
C LYS F 126 50.81 31.07 1.09
N LEU F 127 49.55 31.11 0.65
CA LEU F 127 48.50 31.66 1.49
C LEU F 127 48.26 30.79 2.73
N ALA F 128 48.27 29.45 2.56
CA ALA F 128 48.13 28.58 3.72
C ALA F 128 49.23 28.84 4.76
N ALA F 129 50.46 29.09 4.31
CA ALA F 129 51.55 29.29 5.25
C ALA F 129 51.37 30.55 6.07
N GLU F 130 50.85 31.63 5.47
CA GLU F 130 50.58 32.84 6.22
C GLU F 130 49.56 32.58 7.34
N ALA F 131 48.46 31.86 7.02
CA ALA F 131 47.47 31.58 8.05
C ALA F 131 48.01 30.59 9.09
N ALA F 132 48.87 29.65 8.66
CA ALA F 132 49.40 28.64 9.57
C ALA F 132 50.28 29.28 10.65
N GLN F 133 51.10 30.26 10.27
CA GLN F 133 51.91 30.92 11.27
C GLN F 133 51.03 31.59 12.33
N LYS F 134 49.93 32.20 11.91
CA LYS F 134 49.06 32.82 12.89
C LYS F 134 48.47 31.78 13.83
N ALA F 135 48.01 30.66 13.29
CA ALA F 135 47.41 29.62 14.13
C ALA F 135 48.45 29.06 15.09
N ILE F 136 49.69 28.93 14.65
CA ILE F 136 50.72 28.37 15.52
C ILE F 136 51.06 29.35 16.62
N LYS F 137 51.16 30.65 16.30
CA LYS F 137 51.32 31.69 17.32
C LYS F 137 50.24 31.59 18.39
N GLU F 138 48.96 31.48 17.98
CA GLU F 138 47.91 31.44 18.99
C GLU F 138 47.99 30.16 19.82
N TRP F 139 48.25 29.03 19.18
CA TRP F 139 48.44 27.78 19.90
C TRP F 139 49.56 27.91 20.94
N GLY F 140 50.71 28.46 20.52
CA GLY F 140 51.84 28.65 21.39
C GLY F 140 52.87 27.56 21.34
N GLY F 141 52.61 26.47 20.63
CA GLY F 141 53.54 25.38 20.54
C GLY F 141 54.62 25.68 19.51
N ARG F 142 55.56 24.75 19.40
CA ARG F 142 56.67 24.85 18.46
C ARG F 142 56.35 24.12 17.16
N LYS F 143 56.84 24.68 16.04
CA LYS F 143 56.67 24.07 14.73
C LYS F 143 57.08 22.62 14.72
N SER F 144 58.15 22.29 15.45
CA SER F 144 58.65 20.92 15.48
C SER F 144 57.72 19.96 16.21
N ASP F 145 56.64 20.46 16.81
CA ASP F 145 55.68 19.61 17.47
C ASP F 145 54.46 19.34 16.63
N ILE F 146 54.36 19.94 15.44
CA ILE F 146 53.31 19.54 14.48
C ILE F 146 53.62 18.13 13.99
N THR F 147 52.63 17.26 14.07
CA THR F 147 52.82 15.88 13.64
C THR F 147 52.05 15.52 12.39
N HIS F 148 51.05 16.34 12.02
CA HIS F 148 50.10 15.98 10.98
C HIS F 148 49.71 17.24 10.17
N ILE F 149 49.44 17.02 8.89
CA ILE F 149 48.80 18.01 8.02
C ILE F 149 47.58 17.38 7.35
N VAL F 150 46.45 18.05 7.47
CA VAL F 150 45.25 17.71 6.69
C VAL F 150 44.91 18.95 5.84
N PHE F 151 44.86 18.77 4.53
CA PHE F 151 44.83 19.89 3.59
C PHE F 151 43.73 19.69 2.55
N ALA F 152 42.82 20.68 2.43
CA ALA F 152 41.79 20.68 1.40
C ALA F 152 41.89 21.89 0.50
N THR F 153 41.59 21.70 -0.78
CA THR F 153 41.50 22.80 -1.72
C THR F 153 40.65 22.37 -2.90
N THR F 154 40.19 23.35 -3.67
CA THR F 154 39.46 23.15 -4.90
C THR F 154 40.15 23.85 -6.06
N SER F 155 41.38 24.33 -5.84
CA SER F 155 42.04 25.25 -6.76
C SER F 155 43.24 24.60 -7.43
N GLY F 156 43.02 23.58 -8.27
CA GLY F 156 44.09 22.93 -8.99
C GLY F 156 44.76 21.83 -8.18
N VAL F 157 45.66 21.10 -8.87
CA VAL F 157 46.33 19.92 -8.30
C VAL F 157 47.79 19.92 -8.73
N ASN F 158 48.62 19.20 -7.98
CA ASN F 158 50.02 19.13 -8.34
C ASN F 158 50.63 17.93 -7.64
N MET F 159 51.77 17.47 -8.18
CA MET F 159 52.60 16.45 -7.54
C MET F 159 54.05 16.93 -7.47
N PRO F 160 54.64 17.03 -6.28
CA PRO F 160 54.01 16.79 -4.96
C PRO F 160 52.98 17.85 -4.63
N GLY F 161 52.16 17.67 -3.60
CA GLY F 161 50.99 18.49 -3.39
C GLY F 161 51.22 19.71 -2.51
N ALA F 162 50.16 20.50 -2.38
CA ALA F 162 50.22 21.69 -1.52
C ALA F 162 50.65 21.32 -0.09
N ASP F 163 50.30 20.11 0.36
CA ASP F 163 50.70 19.65 1.70
C ASP F 163 52.23 19.62 1.82
N HIS F 164 52.89 19.06 0.82
CA HIS F 164 54.34 19.04 0.79
C HIS F 164 54.90 20.46 0.75
N ALA F 165 54.32 21.32 -0.10
CA ALA F 165 54.82 22.70 -0.17
C ALA F 165 54.72 23.39 1.18
N LEU F 166 53.60 23.24 1.87
CA LEU F 166 53.41 23.90 3.15
C LEU F 166 54.44 23.43 4.18
N ALA F 167 54.74 22.12 4.21
CA ALA F 167 55.78 21.60 5.11
C ALA F 167 57.14 22.25 4.81
N LYS F 168 57.48 22.42 3.53
CA LYS F 168 58.71 23.11 3.15
C LYS F 168 58.71 24.57 3.63
N LEU F 169 57.63 25.30 3.31
CA LEU F 169 57.57 26.73 3.61
C LEU F 169 57.68 27.01 5.10
N LEU F 170 57.08 26.15 5.94
CA LEU F 170 57.08 26.33 7.38
C LEU F 170 58.29 25.69 8.05
N GLY F 171 59.07 24.91 7.32
CA GLY F 171 60.18 24.18 7.90
C GLY F 171 59.75 23.21 8.97
N LEU F 172 58.73 22.43 8.66
CA LEU F 172 58.24 21.39 9.56
C LEU F 172 59.18 20.18 9.50
N LYS F 173 58.96 19.21 10.41
CA LYS F 173 59.77 18.00 10.36
C LYS F 173 59.44 17.19 9.12
N PRO F 174 60.44 16.62 8.44
CA PRO F 174 60.15 15.80 7.26
C PRO F 174 59.27 14.59 7.53
N THR F 175 59.12 14.17 8.79
CA THR F 175 58.30 13.01 9.13
C THR F 175 56.84 13.36 9.41
N VAL F 176 56.42 14.57 9.05
CA VAL F 176 55.03 14.96 9.25
C VAL F 176 54.11 14.07 8.43
N LYS F 177 53.01 13.64 9.04
CA LYS F 177 52.07 12.76 8.35
C LYS F 177 51.00 13.60 7.68
N ARG F 178 50.77 13.33 6.38
CA ARG F 178 50.00 14.19 5.50
C ARG F 178 48.76 13.48 4.96
N VAL F 179 47.67 14.24 4.81
CA VAL F 179 46.46 13.80 4.14
C VAL F 179 46.07 14.94 3.19
N MET F 180 46.19 14.72 1.89
CA MET F 180 46.00 15.77 0.89
C MET F 180 44.67 15.50 0.19
N MET F 181 43.67 16.32 0.52
CA MET F 181 42.34 16.18 -0.09
C MET F 181 42.19 17.22 -1.20
N TYR F 182 42.71 16.86 -2.39
CA TYR F 182 42.53 17.71 -3.56
C TYR F 182 41.10 17.66 -4.08
N GLN F 183 40.61 18.80 -4.56
CA GLN F 183 39.39 18.91 -5.37
C GLN F 183 38.09 18.64 -4.57
N THR F 184 38.02 19.15 -3.33
CA THR F 184 36.88 18.83 -2.46
C THR F 184 35.62 19.61 -2.81
N GLY F 185 35.74 20.88 -3.16
CA GLY F 185 34.56 21.73 -3.20
C GLY F 185 34.21 22.28 -1.82
N PHE F 187 32.58 21.63 0.87
CA PHE F 187 32.39 20.94 2.13
C PHE F 187 33.76 20.62 2.78
N GLY F 188 34.85 21.04 2.13
CA GLY F 188 36.19 20.62 2.53
C GLY F 188 36.69 21.17 3.85
N GLY F 189 36.21 22.34 4.26
CA GLY F 189 36.55 22.82 5.59
C GLY F 189 36.06 21.88 6.66
N ALA F 190 34.82 21.42 6.53
CA ALA F 190 34.32 20.43 7.47
C ALA F 190 35.11 19.12 7.37
N SER F 191 35.51 18.75 6.15
CA SER F 191 36.26 17.51 5.98
C SER F 191 37.58 17.54 6.74
N VAL F 192 38.32 18.64 6.66
CA VAL F 192 39.65 18.64 7.31
C VAL F 192 39.48 18.53 8.82
N LEU F 193 38.42 19.11 9.38
CA LEU F 193 38.24 19.01 10.82
C LEU F 193 37.82 17.60 11.19
N ARG F 194 36.98 16.99 10.37
CA ARG F 194 36.58 15.61 10.64
C ARG F 194 37.79 14.68 10.64
N VAL F 195 38.71 14.85 9.68
CA VAL F 195 39.87 13.96 9.61
C VAL F 195 40.82 14.23 10.78
N ALA F 196 41.10 15.51 11.05
CA ALA F 196 41.95 15.89 12.17
C ALA F 196 41.45 15.29 13.47
N LYS F 197 40.12 15.22 13.64
CA LYS F 197 39.55 14.63 14.86
C LYS F 197 40.09 13.20 15.09
N ASP F 198 39.96 12.32 14.09
CA ASP F 198 40.40 10.94 14.30
C ASP F 198 41.93 10.87 14.44
N LEU F 199 42.65 11.73 13.71
CA LEU F 199 44.12 11.69 13.80
C LEU F 199 44.58 12.16 15.16
N ALA F 200 43.94 13.19 15.72
CA ALA F 200 44.36 13.69 17.03
C ALA F 200 43.95 12.73 18.14
N GLU F 201 42.74 12.17 18.06
CA GLU F 201 42.24 11.36 19.15
C GLU F 201 42.91 9.98 19.21
N ASN F 202 43.51 9.51 18.11
CA ASN F 202 44.07 8.17 18.02
C ASN F 202 45.60 8.15 18.14
N ASN F 203 46.23 9.29 18.44
CA ASN F 203 47.70 9.38 18.50
C ASN F 203 48.10 10.27 19.66
N LYS F 204 48.65 9.68 20.74
CA LYS F 204 49.02 10.51 21.89
C LYS F 204 50.10 11.50 21.50
N GLY F 205 49.87 12.76 21.88
CA GLY F 205 50.75 13.89 21.64
C GLY F 205 50.58 14.53 20.28
N ALA F 206 49.67 14.02 19.46
CA ALA F 206 49.57 14.50 18.09
C ALA F 206 49.01 15.91 18.07
N ARG F 207 49.59 16.73 17.20
CA ARG F 207 49.15 18.08 16.98
C ARG F 207 49.01 18.28 15.47
N VAL F 208 47.78 18.55 15.02
CA VAL F 208 47.44 18.57 13.60
C VAL F 208 47.24 20.00 13.10
N LEU F 209 47.76 20.28 11.90
CA LEU F 209 47.37 21.45 11.13
C LEU F 209 46.22 21.07 10.20
N ALA F 210 45.03 21.61 10.46
CA ALA F 210 43.89 21.45 9.57
C ALA F 210 43.80 22.69 8.67
N VAL F 211 43.87 22.48 7.35
CA VAL F 211 44.14 23.56 6.41
C VAL F 211 43.10 23.57 5.29
N ALA F 212 42.61 24.78 4.96
CA ALA F 212 41.81 24.96 3.75
C ALA F 212 42.22 26.25 3.07
N SER F 213 42.65 26.18 1.80
CA SER F 213 43.16 27.35 1.11
C SER F 213 42.66 27.36 -0.32
N GLU F 214 42.13 28.51 -0.77
CA GLU F 214 41.46 28.63 -2.07
C GLU F 214 41.89 29.89 -2.83
N VAL F 215 42.13 29.73 -4.13
CA VAL F 215 42.49 30.81 -5.05
C VAL F 215 41.72 30.65 -6.36
N THR F 216 41.06 31.71 -6.81
CA THR F 216 40.03 31.61 -7.86
C THR F 216 40.60 31.47 -9.27
N ALA F 217 41.92 31.42 -9.44
CA ALA F 217 42.50 31.42 -10.79
C ALA F 217 42.17 30.18 -11.62
N VAL F 218 41.67 29.10 -11.01
CA VAL F 218 41.33 27.91 -11.79
C VAL F 218 39.92 27.98 -12.38
N THR F 219 39.06 28.83 -11.84
CA THR F 219 37.65 28.88 -12.20
C THR F 219 37.29 30.15 -12.94
N TYR F 220 38.11 31.19 -12.84
CA TYR F 220 37.83 32.47 -13.47
C TYR F 220 37.68 32.32 -14.97
N ARG F 221 36.66 32.98 -15.56
CA ARG F 221 36.63 33.09 -17.02
C ARG F 221 35.66 34.18 -17.45
N ALA F 222 35.83 34.58 -18.72
CA ALA F 222 35.02 35.63 -19.33
C ALA F 222 33.53 35.30 -19.27
N PRO F 223 32.68 36.30 -19.08
CA PRO F 223 31.24 36.06 -19.02
C PRO F 223 30.68 35.65 -20.37
N SER F 224 29.56 34.93 -20.33
CA SER F 224 28.98 34.40 -21.55
C SER F 224 27.48 34.30 -21.40
N GLU F 225 26.76 34.67 -22.46
CA GLU F 225 25.30 34.54 -22.46
C GLU F 225 24.85 33.09 -22.31
N ASN F 226 25.75 32.10 -22.50
CA ASN F 226 25.33 30.70 -22.52
C ASN F 226 25.57 30.01 -21.18
N HIS F 227 26.34 30.63 -20.29
CA HIS F 227 26.85 30.00 -19.08
C HIS F 227 26.44 30.81 -17.84
N LEU F 228 25.20 30.61 -17.38
CA LEU F 228 24.69 31.36 -16.23
C LEU F 228 25.38 30.97 -14.92
N ASP F 229 25.72 29.67 -14.76
CA ASP F 229 26.50 29.22 -13.61
C ASP F 229 27.87 29.89 -13.55
N GLY F 230 28.48 30.11 -14.72
CA GLY F 230 29.68 30.94 -14.75
C GLY F 230 29.45 32.32 -14.16
N LEU F 231 28.36 32.98 -14.58
CA LEU F 231 28.08 34.32 -14.06
C LEU F 231 27.97 34.33 -12.55
N VAL F 232 27.28 33.35 -11.98
CA VAL F 232 27.09 33.30 -10.54
C VAL F 232 28.42 33.03 -9.84
N GLY F 233 29.23 32.14 -10.42
CA GLY F 233 30.56 31.92 -9.87
C GLY F 233 31.37 33.19 -9.79
N SER F 234 31.41 33.94 -10.90
CA SER F 234 32.17 35.18 -10.99
C SER F 234 31.68 36.22 -10.00
N ALA F 235 30.44 36.12 -9.54
CA ALA F 235 29.95 37.04 -8.54
C ALA F 235 30.22 36.57 -7.11
N LEU F 236 30.44 35.26 -6.91
CA LEU F 236 30.50 34.71 -5.56
C LEU F 236 31.91 34.46 -5.06
N PHE F 237 32.78 33.88 -5.87
CA PHE F 237 34.00 33.26 -5.35
C PHE F 237 35.07 34.30 -5.04
N GLY F 238 35.72 34.13 -3.90
CA GLY F 238 36.89 34.92 -3.55
C GLY F 238 37.98 34.02 -2.97
N ASP F 239 39.13 34.64 -2.68
CA ASP F 239 40.31 33.91 -2.19
C ASP F 239 40.40 33.99 -0.67
N GLY F 240 41.02 32.97 -0.08
CA GLY F 240 41.25 32.98 1.36
C GLY F 240 41.74 31.65 1.88
N ALA F 241 42.32 31.65 3.09
CA ALA F 241 42.82 30.44 3.71
C ALA F 241 42.63 30.51 5.21
N GLY F 242 42.29 29.38 5.81
CA GLY F 242 42.24 29.25 7.26
C GLY F 242 42.96 27.99 7.70
N VAL F 243 43.59 28.05 8.88
CA VAL F 243 44.13 26.82 9.46
C VAL F 243 43.87 26.79 10.97
N TYR F 244 43.55 25.59 11.45
CA TYR F 244 43.38 25.32 12.88
C TYR F 244 44.46 24.36 13.36
N VAL F 245 44.94 24.57 14.59
CA VAL F 245 45.74 23.56 15.29
C VAL F 245 44.77 22.69 16.07
N VAL F 246 44.82 21.38 15.83
CA VAL F 246 43.92 20.45 16.50
C VAL F 246 44.74 19.44 17.31
N GLY F 247 44.29 19.15 18.52
CA GLY F 247 44.98 18.18 19.34
C GLY F 247 44.14 17.81 20.54
N SER F 248 44.29 16.55 20.98
CA SER F 248 43.73 16.07 22.22
C SER F 248 44.69 16.29 23.37
N ASP F 249 44.15 16.18 24.60
CA ASP F 249 44.90 16.19 25.84
C ASP F 249 45.73 17.47 25.98
N PRO F 250 45.11 18.63 26.09
CA PRO F 250 45.90 19.86 26.22
C PRO F 250 46.69 19.87 27.52
N LYS F 251 47.92 20.31 27.40
CA LYS F 251 48.82 20.39 28.53
C LYS F 251 48.28 21.38 29.56
N PRO F 252 48.01 20.97 30.80
CA PRO F 252 47.45 21.89 31.77
C PRO F 252 48.43 23.01 32.04
N GLU F 253 47.87 24.23 32.18
CA GLU F 253 48.49 25.54 32.36
C GLU F 253 49.25 25.98 31.11
N VAL F 254 49.27 25.19 30.03
CA VAL F 254 50.15 25.53 28.92
C VAL F 254 49.39 25.69 27.60
N GLU F 255 48.40 24.84 27.34
CA GLU F 255 47.60 24.94 26.12
C GLU F 255 46.17 25.23 26.50
N LYS F 256 45.54 26.13 25.75
CA LYS F 256 44.18 26.61 26.03
C LYS F 256 43.21 26.22 24.93
N PRO F 257 42.34 25.25 25.18
CA PRO F 257 41.35 24.90 24.15
C PRO F 257 40.29 25.99 23.94
N LEU F 258 40.02 26.26 22.67
CA LEU F 258 38.98 27.20 22.27
C LEU F 258 37.65 26.51 22.00
N PHE F 259 37.69 25.30 21.41
CA PHE F 259 36.50 24.48 21.15
C PHE F 259 36.87 23.01 21.31
N GLU F 260 35.87 22.20 21.65
CA GLU F 260 35.97 20.74 21.64
C GLU F 260 35.19 20.15 20.49
N VAL F 261 35.73 19.10 19.86
CA VAL F 261 35.02 18.40 18.82
C VAL F 261 34.43 17.12 19.40
N HIS F 262 33.11 17.01 19.31
CA HIS F 262 32.44 15.86 19.92
C HIS F 262 31.81 14.91 18.93
N TRP F 263 31.47 15.36 17.72
CA TRP F 263 30.78 14.50 16.76
C TRP F 263 31.09 14.95 15.33
N ALA F 264 31.28 14.01 14.41
CA ALA F 264 31.51 14.39 13.03
C ALA F 264 30.90 13.36 12.09
N GLY F 265 30.09 13.81 11.15
CA GLY F 265 29.46 12.88 10.23
C GLY F 265 29.13 13.61 8.95
N GLU F 266 28.54 12.86 8.01
CA GLU F 266 28.18 13.46 6.73
C GLU F 266 27.11 12.60 6.08
N THR F 267 26.46 13.16 5.07
CA THR F 267 25.47 12.39 4.34
C THR F 267 25.33 12.93 2.92
N ILE F 268 24.87 12.07 2.01
CA ILE F 268 24.41 12.48 0.69
C ILE F 268 22.90 12.64 0.76
N LEU F 269 22.40 13.80 0.30
CA LEU F 269 20.99 14.14 0.39
C LEU F 269 20.17 13.43 -0.67
N PRO F 270 18.94 13.06 -0.33
CA PRO F 270 18.10 12.33 -1.30
C PRO F 270 17.74 13.19 -2.50
N GLU F 271 17.66 12.54 -3.66
CA GLU F 271 17.25 13.17 -4.91
C GLU F 271 18.07 14.42 -5.22
N SER F 272 19.40 14.32 -5.04
CA SER F 272 20.31 15.43 -5.30
C SER F 272 21.41 15.12 -6.31
N ASP F 273 21.30 14.02 -7.07
CA ASP F 273 22.23 13.79 -8.17
C ASP F 273 22.15 14.93 -9.18
N GLY F 274 23.29 15.48 -9.54
CA GLY F 274 23.38 16.56 -10.49
C GLY F 274 23.27 17.95 -9.89
N ALA F 275 22.99 18.06 -8.58
CA ALA F 275 22.81 19.38 -7.98
C ALA F 275 24.02 20.28 -8.19
N ILE F 276 25.22 19.76 -7.91
CA ILE F 276 26.46 20.50 -8.12
C ILE F 276 27.47 19.56 -8.78
N ASP F 277 27.90 19.90 -10.00
CA ASP F 277 28.88 19.14 -10.74
C ASP F 277 30.05 20.06 -11.06
N GLY F 278 31.26 19.52 -11.06
CA GLY F 278 32.40 20.33 -11.41
C GLY F 278 33.40 19.51 -12.19
N HIS F 279 33.60 19.88 -13.46
CA HIS F 279 34.51 19.17 -14.37
C HIS F 279 35.76 20.00 -14.55
N LEU F 280 36.93 19.37 -14.40
CA LEU F 280 38.19 20.02 -14.74
C LEU F 280 38.45 19.82 -16.23
N THR F 281 38.59 20.90 -16.97
CA THR F 281 38.65 20.79 -18.42
C THR F 281 39.91 21.46 -18.95
N GLU F 282 40.10 21.33 -20.27
CA GLU F 282 41.18 22.02 -20.96
C GLU F 282 41.14 23.53 -20.74
N ALA F 283 39.99 24.09 -20.38
CA ALA F 283 39.83 25.52 -20.10
C ALA F 283 39.69 25.81 -18.61
N GLY F 284 40.02 24.86 -17.75
CA GLY F 284 39.92 25.03 -16.31
C GLY F 284 38.64 24.44 -15.74
N LEU F 285 38.33 24.86 -14.51
CA LEU F 285 37.21 24.27 -13.77
C LEU F 285 35.88 24.92 -14.13
N ILE F 286 34.90 24.08 -14.48
CA ILE F 286 33.57 24.54 -14.88
C ILE F 286 32.52 23.91 -13.98
N PHE F 287 31.61 24.74 -13.46
CA PHE F 287 30.53 24.27 -12.60
C PHE F 287 29.20 24.19 -13.35
N HIS F 288 28.37 23.24 -12.93
CA HIS F 288 27.02 23.08 -13.47
C HIS F 288 26.09 22.72 -12.33
N LEU F 289 25.01 23.49 -12.18
CA LEU F 289 24.09 23.45 -11.06
C LEU F 289 22.69 23.10 -11.57
N MET F 290 22.33 21.82 -11.58
CA MET F 290 21.07 21.45 -12.19
C MET F 290 19.98 21.14 -11.18
N LYS F 291 20.11 21.58 -9.93
CA LYS F 291 19.04 21.44 -8.95
C LYS F 291 19.06 22.60 -7.97
N ASP F 292 17.95 22.75 -7.25
CA ASP F 292 17.79 23.88 -6.34
C ASP F 292 18.54 23.59 -5.05
N VAL F 293 19.80 24.05 -5.01
CA VAL F 293 20.66 23.73 -3.88
C VAL F 293 20.13 24.26 -2.55
N PRO F 294 19.71 25.54 -2.44
CA PRO F 294 19.09 25.95 -1.17
C PRO F 294 17.89 25.09 -0.78
N GLY F 295 16.98 24.80 -1.72
CA GLY F 295 15.84 23.98 -1.36
C GLY F 295 16.25 22.59 -0.87
N LEU F 296 17.21 21.95 -1.57
CA LEU F 296 17.61 20.60 -1.19
C LEU F 296 18.19 20.57 0.23
N ILE F 297 18.91 21.62 0.61
CA ILE F 297 19.46 21.69 1.94
C ILE F 297 18.36 21.99 2.96
N SER F 298 17.53 22.99 2.68
CA SER F 298 16.46 23.37 3.60
C SER F 298 15.53 22.20 3.88
N LYS F 299 15.16 21.48 2.83
CA LYS F 299 14.19 20.40 2.98
C LYS F 299 14.69 19.30 3.88
N ASN F 300 16.01 19.16 3.99
CA ASN F 300 16.61 17.98 4.58
C ASN F 300 17.43 18.26 5.82
N ILE F 301 17.77 19.51 6.13
CA ILE F 301 18.84 19.70 7.10
C ILE F 301 18.39 19.29 8.50
N GLU F 302 17.13 19.56 8.85
CA GLU F 302 16.65 19.25 10.20
C GLU F 302 16.67 17.75 10.47
N LYS F 303 16.33 16.92 9.48
CA LYS F 303 16.33 15.47 9.66
C LYS F 303 17.71 14.98 10.10
N PHE F 304 18.76 15.52 9.50
CA PHE F 304 20.11 15.07 9.81
C PHE F 304 20.60 15.70 11.11
N LEU F 305 20.42 17.01 11.28
CA LEU F 305 20.87 17.69 12.50
C LEU F 305 20.23 17.11 13.75
N ASN F 306 19.00 16.60 13.63
CA ASN F 306 18.31 15.98 14.76
C ASN F 306 19.11 14.79 15.28
N GLU F 307 19.79 14.08 14.39
CA GLU F 307 20.64 12.98 14.83
C GLU F 307 21.93 13.51 15.47
N ALA F 308 22.55 14.51 14.84
CA ALA F 308 23.82 15.03 15.34
C ALA F 308 23.68 15.56 16.77
N ARG F 309 22.52 16.12 17.10
CA ARG F 309 22.28 16.68 18.42
C ARG F 309 22.39 15.64 19.52
N LYS F 310 21.94 14.41 19.27
CA LYS F 310 21.66 13.50 20.37
C LYS F 310 22.85 13.24 21.27
N PRO F 311 24.05 12.95 20.77
CA PRO F 311 25.15 12.64 21.69
C PRO F 311 25.55 13.76 22.66
N VAL F 312 25.01 14.97 22.53
CA VAL F 312 25.30 16.02 23.50
C VAL F 312 24.03 16.50 24.20
N GLY F 313 23.00 15.66 24.26
CA GLY F 313 21.81 15.93 25.03
C GLY F 313 20.71 16.68 24.30
N SER F 314 20.84 16.85 22.98
CA SER F 314 19.79 17.40 22.14
C SER F 314 19.29 18.78 22.59
N PRO F 315 20.19 19.78 22.68
CA PRO F 315 19.74 21.15 22.94
C PRO F 315 18.82 21.67 21.83
N ALA F 316 18.04 22.69 22.15
CA ALA F 316 17.19 23.31 21.13
C ALA F 316 18.02 24.11 20.14
N TRP F 317 17.50 24.26 18.92
CA TRP F 317 18.22 25.00 17.89
C TRP F 317 18.72 26.35 18.40
N ASN F 318 17.90 27.08 19.14
CA ASN F 318 18.28 28.43 19.51
C ASN F 318 19.15 28.44 20.77
N GLU F 319 19.54 27.28 21.27
CA GLU F 319 20.53 27.21 22.35
C GLU F 319 21.91 26.85 21.82
N MET F 320 22.08 26.85 20.51
CA MET F 320 23.32 26.46 19.88
C MET F 320 23.86 27.62 19.04
N PHE F 321 25.16 27.58 18.75
CA PHE F 321 25.73 28.50 17.78
C PHE F 321 25.84 27.85 16.41
N TRP F 322 26.00 28.68 15.37
CA TRP F 322 25.83 28.24 13.99
C TRP F 322 26.98 28.68 13.08
N ALA F 323 28.03 27.87 12.98
CA ALA F 323 29.11 28.08 12.02
C ALA F 323 28.73 27.39 10.71
N VAL F 324 28.03 28.13 9.84
CA VAL F 324 27.46 27.59 8.62
C VAL F 324 28.23 28.12 7.41
N HIS F 325 28.59 27.23 6.50
CA HIS F 325 29.27 27.65 5.27
C HIS F 325 28.39 28.62 4.49
N PRO F 326 28.87 29.88 4.23
CA PRO F 326 28.10 30.88 3.45
C PRO F 326 28.20 30.67 1.94
N GLY F 327 27.59 29.58 1.48
CA GLY F 327 27.57 29.31 0.05
C GLY F 327 26.89 30.43 -0.72
N GLY F 328 25.86 31.02 -0.15
CA GLY F 328 25.19 32.15 -0.74
C GLY F 328 24.15 32.65 0.22
N PRO F 329 23.56 33.82 -0.07
CA PRO F 329 22.54 34.36 0.82
C PRO F 329 21.27 33.53 0.88
N ALA F 330 20.88 32.84 -0.21
CA ALA F 330 19.65 32.06 -0.18
C ALA F 330 19.74 30.91 0.82
N ILE F 331 20.90 30.26 0.90
CA ILE F 331 21.02 29.09 1.76
C ILE F 331 20.92 29.50 3.23
N LEU F 332 21.58 30.61 3.60
CA LEU F 332 21.49 31.10 4.98
C LEU F 332 20.06 31.50 5.32
N ASP F 333 19.37 32.14 4.38
CA ASP F 333 18.03 32.63 4.64
C ASP F 333 17.09 31.47 4.90
N GLN F 334 17.13 30.45 4.04
CA GLN F 334 16.14 29.37 4.13
C GLN F 334 16.40 28.47 5.32
N VAL F 335 17.66 28.27 5.70
CA VAL F 335 17.92 27.50 6.91
C VAL F 335 17.42 28.26 8.12
N GLU F 336 17.65 29.58 8.13
CA GLU F 336 17.14 30.44 9.20
C GLU F 336 15.63 30.31 9.33
N ALA F 337 14.93 30.36 8.20
CA ALA F 337 13.47 30.29 8.25
C ALA F 337 13.01 28.90 8.68
N LYS F 338 13.49 27.86 8.01
CA LYS F 338 13.01 26.51 8.29
C LYS F 338 13.19 26.14 9.75
N LEU F 339 14.29 26.56 10.35
CA LEU F 339 14.63 26.21 11.72
C LEU F 339 14.18 27.25 12.73
N LYS F 340 13.62 28.37 12.25
CA LYS F 340 13.08 29.44 13.10
C LYS F 340 14.15 29.92 14.09
N LEU F 341 15.34 30.21 13.56
CA LEU F 341 16.45 30.70 14.35
C LEU F 341 16.31 32.19 14.58
N THR F 342 16.77 32.66 15.73
CA THR F 342 16.85 34.08 15.96
C THR F 342 17.95 34.69 15.10
N LYS F 343 17.76 35.96 14.74
CA LYS F 343 18.55 36.55 13.66
C LYS F 343 20.04 36.62 13.98
N ASP F 344 20.43 36.56 15.24
CA ASP F 344 21.86 36.65 15.54
C ASP F 344 22.63 35.37 15.18
N LYS F 345 21.93 34.25 15.02
CA LYS F 345 22.58 32.95 14.80
C LYS F 345 23.37 32.91 13.50
N MET F 346 22.83 33.48 12.42
CA MET F 346 23.51 33.47 11.14
C MET F 346 24.42 34.67 10.92
N GLN F 347 24.59 35.52 11.95
CA GLN F 347 25.33 36.77 11.76
C GLN F 347 26.79 36.54 11.42
N GLY F 348 27.43 35.57 12.09
CA GLY F 348 28.81 35.24 11.76
C GLY F 348 29.00 34.86 10.31
N SER F 349 28.10 34.00 9.80
CA SER F 349 28.18 33.59 8.40
C SER F 349 27.96 34.78 7.47
N ARG F 350 26.99 35.64 7.79
CA ARG F 350 26.72 36.78 6.93
C ARG F 350 27.85 37.81 6.98
N ASP F 351 28.50 37.98 8.13
CA ASP F 351 29.69 38.83 8.16
C ASP F 351 30.73 38.35 7.16
N ILE F 352 30.99 37.04 7.15
CA ILE F 352 32.03 36.51 6.27
C ILE F 352 31.60 36.65 4.81
N LEU F 353 30.34 36.34 4.50
CA LEU F 353 29.85 36.52 3.14
C LEU F 353 30.04 37.96 2.70
N SER F 354 29.65 38.90 3.57
CA SER F 354 29.77 40.32 3.29
C SER F 354 31.21 40.74 2.97
N GLU F 355 32.16 40.33 3.80
CA GLU F 355 33.50 40.91 3.71
C GLU F 355 34.48 40.11 2.88
N PHE F 356 34.19 38.85 2.57
CA PHE F 356 35.12 37.96 1.86
C PHE F 356 34.48 37.17 0.74
N GLY F 357 33.15 37.10 0.64
CA GLY F 357 32.50 36.25 -0.34
C GLY F 357 32.61 34.77 0.02
N ASN F 358 32.43 33.94 -1.02
CA ASN F 358 32.48 32.48 -0.91
C ASN F 358 33.90 32.05 -1.21
N MET F 359 34.65 31.69 -0.17
CA MET F 359 36.03 31.23 -0.35
C MET F 359 36.11 29.71 -0.33
N SER F 360 35.05 29.06 -0.80
CA SER F 360 34.92 27.60 -0.92
C SER F 360 35.26 26.95 0.43
N SER F 361 36.11 25.93 0.46
CA SER F 361 36.30 25.14 1.67
C SER F 361 36.83 25.96 2.84
N ALA F 362 37.48 27.10 2.58
CA ALA F 362 38.03 27.92 3.66
C ALA F 362 36.96 28.71 4.42
N SER F 363 35.79 28.92 3.82
CA SER F 363 34.82 29.89 4.36
C SER F 363 34.41 29.56 5.80
N VAL F 364 34.01 28.32 6.07
CA VAL F 364 33.45 28.00 7.38
C VAL F 364 34.51 28.12 8.49
N LEU F 365 35.79 27.95 8.17
CA LEU F 365 36.81 28.18 9.20
C LEU F 365 36.83 29.66 9.59
N PHE F 366 36.64 30.58 8.63
CA PHE F 366 36.50 32.00 8.96
C PHE F 366 35.27 32.25 9.82
N VAL F 367 34.17 31.54 9.55
CA VAL F 367 32.93 31.81 10.27
C VAL F 367 33.11 31.55 11.77
N LEU F 368 33.67 30.38 12.11
CA LEU F 368 33.86 30.06 13.52
C LEU F 368 34.76 31.10 14.18
N ASP F 369 35.82 31.51 13.49
CA ASP F 369 36.69 32.53 14.04
C ASP F 369 35.90 33.79 14.34
N GLN F 370 34.97 34.13 13.44
CA GLN F 370 34.16 35.35 13.56
C GLN F 370 33.19 35.24 14.74
N ILE F 371 32.70 34.04 15.00
CA ILE F 371 31.82 33.86 16.14
C ILE F 371 32.60 34.05 17.43
N ARG F 372 33.84 33.54 17.48
CA ARG F 372 34.69 33.73 18.64
C ARG F 372 34.96 35.21 18.86
N HIS F 373 35.35 35.94 17.80
CA HIS F 373 35.63 37.37 17.97
C HIS F 373 34.39 38.13 18.40
N ARG F 374 33.23 37.82 17.79
CA ARG F 374 31.98 38.43 18.24
C ARG F 374 31.74 38.11 19.72
N SER F 375 32.00 36.87 20.12
CA SER F 375 31.80 36.49 21.51
C SER F 375 32.59 37.38 22.44
N VAL F 376 33.88 37.53 22.14
CA VAL F 376 34.76 38.30 23.02
C VAL F 376 34.32 39.74 23.06
N LYS F 377 34.02 40.30 21.90
CA LYS F 377 33.75 41.73 21.83
C LYS F 377 32.44 42.09 22.53
N MET F 378 31.51 41.16 22.65
CA MET F 378 30.25 41.45 23.32
C MET F 378 30.28 40.92 24.76
N GLY F 379 31.38 40.33 25.18
CA GLY F 379 31.51 39.84 26.54
C GLY F 379 30.55 38.73 26.86
N ALA F 380 30.34 37.80 25.92
CA ALA F 380 29.49 36.64 26.18
C ALA F 380 30.19 35.64 27.11
N SER F 381 29.43 34.68 27.61
CA SER F 381 29.98 33.75 28.58
C SER F 381 30.75 32.59 27.94
N THR F 382 30.54 32.31 26.66
CA THR F 382 31.30 31.30 25.93
C THR F 382 31.79 31.88 24.62
N LEU F 383 32.73 31.19 24.01
CA LEU F 383 33.21 31.64 22.73
C LEU F 383 32.25 31.29 21.58
N GLY F 384 31.07 30.75 21.89
CA GLY F 384 29.99 30.54 20.93
C GLY F 384 28.80 31.44 21.20
N GLU F 385 29.08 32.72 21.46
CA GLU F 385 28.11 33.80 21.67
C GLU F 385 27.12 33.44 22.77
N GLY F 386 27.62 32.75 23.79
CA GLY F 386 26.84 32.35 24.94
C GLY F 386 26.38 30.90 24.89
N SER F 387 26.22 30.33 23.70
CA SER F 387 25.79 28.94 23.63
C SER F 387 26.94 28.01 24.02
N GLU F 388 26.58 26.82 24.51
CA GLU F 388 27.57 25.82 24.88
C GLU F 388 27.99 24.94 23.70
N PHE F 389 27.03 24.37 22.99
CA PHE F 389 27.30 23.52 21.82
C PHE F 389 26.92 24.26 20.55
N GLY F 390 27.50 23.81 19.43
CA GLY F 390 27.27 24.44 18.15
C GLY F 390 27.56 23.51 17.00
N PHE F 391 27.10 23.92 15.82
CA PHE F 391 27.30 23.18 14.59
C PHE F 391 28.38 23.85 13.75
N PHE F 392 29.16 23.02 13.06
CA PHE F 392 30.17 23.41 12.07
C PHE F 392 29.81 22.69 10.78
N ILE F 393 29.27 23.42 9.80
CA ILE F 393 28.52 22.81 8.71
C ILE F 393 29.09 23.24 7.36
N GLY F 394 29.33 22.26 6.47
CA GLY F 394 29.70 22.54 5.11
C GLY F 394 28.88 21.70 4.14
N PHE F 395 28.83 22.17 2.90
CA PHE F 395 28.16 21.37 1.89
C PHE F 395 28.76 21.64 0.51
N GLY F 396 28.46 20.75 -0.42
CA GLY F 396 29.06 20.78 -1.73
C GLY F 396 28.65 19.61 -2.60
N PRO F 397 29.43 19.31 -3.65
CA PRO F 397 29.02 18.29 -4.63
C PRO F 397 28.59 16.99 -3.96
N GLY F 398 27.51 16.41 -4.47
CA GLY F 398 27.03 15.17 -3.89
C GLY F 398 25.56 14.86 -4.12
N LEU F 399 24.64 15.68 -3.58
CA LEU F 399 24.99 16.82 -2.73
C LEU F 399 25.37 16.34 -1.32
N THR F 400 26.57 16.68 -0.85
CA THR F 400 27.11 16.21 0.43
C THR F 400 26.90 17.25 1.53
N LEU F 401 26.38 16.80 2.67
CA LEU F 401 26.25 17.62 3.87
C LEU F 401 27.22 17.09 4.91
N GLU F 402 28.10 17.96 5.41
CA GLU F 402 29.13 17.63 6.41
C GLU F 402 28.84 18.41 7.69
N VAL F 403 28.83 17.73 8.84
CA VAL F 403 28.43 18.35 10.11
C VAL F 403 29.33 17.88 11.23
N LEU F 404 29.85 18.83 12.01
CA LEU F 404 30.49 18.48 13.26
C LEU F 404 29.72 19.16 14.38
N VAL F 405 29.82 18.59 15.57
CA VAL F 405 29.23 19.19 16.76
C VAL F 405 30.39 19.58 17.66
N LEU F 406 30.43 20.86 18.05
CA LEU F 406 31.49 21.45 18.85
C LEU F 406 30.94 21.92 20.19
N ARG F 407 31.83 22.02 21.18
CA ARG F 407 31.56 22.69 22.45
C ARG F 407 32.46 23.90 22.58
N ALA F 408 31.88 25.06 22.92
CA ALA F 408 32.64 26.28 23.05
C ALA F 408 33.22 26.41 24.46
N ALA F 409 34.44 26.90 24.54
CA ALA F 409 35.07 27.14 25.82
C ALA F 409 34.39 28.30 26.55
N PRO F 410 34.58 28.39 27.86
CA PRO F 410 34.14 29.59 28.58
C PRO F 410 35.00 30.79 28.22
N ASN F 411 34.38 31.96 28.25
CA ASN F 411 35.08 33.21 27.98
C ASN F 411 35.47 33.82 29.33
N SER F 412 36.72 33.58 29.73
CA SER F 412 37.26 34.03 31.02
C SER F 412 38.06 35.33 30.96
#